data_5CVJ
#
_entry.id   5CVJ
#
_cell.length_a   66.070
_cell.length_b   150.360
_cell.length_c   67.930
_cell.angle_alpha   90.00
_cell.angle_beta   93.19
_cell.angle_gamma   90.00
#
_symmetry.space_group_name_H-M   'P 1 21 1'
#
loop_
_entity.id
_entity.type
_entity.pdbx_description
1 polymer '(Iso)eugenol O-methyltransferase'
2 non-polymer S-ADENOSYL-L-HOMOCYSTEINE
3 non-polymer 4-[(1E)-3-hydroxyprop-1-en-1-yl]-2-methoxyphenol
4 non-polymer 'NITRATE ION'
5 water water
#
_entity_poly.entity_id   1
_entity_poly.type   'polypeptide(L)'
_entity_poly.pdbx_seq_one_letter_code
;MGSTGNAEIQIIPTHSSDEEANLFAMQLASAAVLPMALKAAIELDVLEIMAKSVPPSGYISPAEIAAQLPTTNPEAPVML
DRVLRLLASYSVVTYTLRELPSGKVERLYGLAPVCKFLTKNEDGVSLAPFLLLATDKVLLEPWFYLKDAILEGGIPFNKA
YGMNIWDYFGTDHRINKVFNKGMSSNSTITMKKILEMYNGFEGLTTIVDVGGGTGAVASMIVAKYPSINAINFDLPHVIQ
DAPAFSGVEHLGGDMFDGVPKGDAIFIKWICHDWSDEHCLKLLKNCYAALPDHGKVIVAEYILPPSPDPSIATKVVIHTD
ALMLAYNPGGKERTEKEFQALAMASGFRGFKVASCAFNTYVMEFLKTA
;
_entity_poly.pdbx_strand_id   D,A,B,C
#
loop_
_chem_comp.id
_chem_comp.type
_chem_comp.name
_chem_comp.formula
N7I non-polymer 4-[(1E)-3-hydroxyprop-1-en-1-yl]-2-methoxyphenol 'C10 H12 O3'
NO3 non-polymer 'NITRATE ION' 'N O3 -1'
#
# COMPACT_ATOMS: atom_id res chain seq x y z
N GLU A 8 -8.38 9.41 -8.17
CA GLU A 8 -8.00 10.83 -8.56
C GLU A 8 -8.91 11.49 -9.64
N ILE A 9 -10.15 11.00 -9.83
CA ILE A 9 -11.07 11.80 -10.67
C ILE A 9 -11.26 13.15 -9.98
N GLN A 10 -11.13 14.26 -10.71
CA GLN A 10 -11.30 15.57 -10.11
C GLN A 10 -12.77 15.95 -9.95
N ILE A 11 -13.15 16.31 -8.71
CA ILE A 11 -14.53 16.80 -8.45
C ILE A 11 -14.58 18.26 -8.69
N ILE A 12 -15.36 18.70 -9.67
CA ILE A 12 -15.56 20.10 -9.96
C ILE A 12 -16.50 20.74 -8.88
N PRO A 13 -16.07 21.83 -8.22
CA PRO A 13 -16.93 22.54 -7.24
C PRO A 13 -18.24 23.05 -7.82
N THR A 14 -19.36 22.72 -7.17
CA THR A 14 -20.67 23.13 -7.63
C THR A 14 -21.51 23.51 -6.42
N HIS A 15 -22.70 24.01 -6.67
CA HIS A 15 -23.67 24.17 -5.60
C HIS A 15 -23.86 22.95 -4.75
N SER A 16 -23.92 21.81 -5.41
CA SER A 16 -24.12 20.57 -4.73
C SER A 16 -22.94 20.23 -3.82
N SER A 17 -21.70 20.33 -4.34
CA SER A 17 -20.58 20.01 -3.53
C SER A 17 -20.36 21.04 -2.42
N ASP A 18 -20.73 22.28 -2.67
CA ASP A 18 -20.62 23.31 -1.64
C ASP A 18 -21.56 23.05 -0.48
N GLU A 19 -22.76 22.57 -0.79
CA GLU A 19 -23.73 22.22 0.25
C GLU A 19 -23.11 21.18 1.21
N GLU A 20 -22.54 20.12 0.63
CA GLU A 20 -21.92 19.06 1.44
C GLU A 20 -20.71 19.61 2.22
N ALA A 21 -19.90 20.46 1.60
CA ALA A 21 -18.73 21.02 2.31
C ALA A 21 -19.14 21.91 3.49
N ASN A 22 -20.09 22.81 3.24
CA ASN A 22 -20.63 23.66 4.32
C ASN A 22 -21.23 22.80 5.46
N LEU A 23 -21.98 21.76 5.14
CA LEU A 23 -22.63 21.00 6.20
C LEU A 23 -21.61 20.18 6.96
N PHE A 24 -20.54 19.71 6.31
CA PHE A 24 -19.50 19.00 7.04
C PHE A 24 -18.82 19.94 8.00
N ALA A 25 -18.58 21.20 7.61
CA ALA A 25 -18.04 22.15 8.52
C ALA A 25 -18.92 22.32 9.73
N MET A 26 -20.18 22.36 9.49
CA MET A 26 -21.15 22.50 10.68
C MET A 26 -21.18 21.28 11.54
N GLN A 27 -21.10 20.11 10.95
CA GLN A 27 -21.03 18.84 11.73
C GLN A 27 -19.79 18.84 12.58
N LEU A 28 -18.67 19.20 11.98
CA LEU A 28 -17.40 19.30 12.73
C LEU A 28 -17.47 20.25 13.91
N ALA A 29 -18.05 21.40 13.65
CA ALA A 29 -18.15 22.45 14.70
C ALA A 29 -18.81 21.91 15.97
N SER A 30 -19.86 21.10 15.84
CA SER A 30 -20.63 20.63 16.99
C SER A 30 -20.38 19.17 17.28
N ALA A 31 -19.28 18.58 16.74
CA ALA A 31 -19.02 17.17 16.91
C ALA A 31 -18.95 16.68 18.34
N ALA A 32 -18.56 17.51 19.30
CA ALA A 32 -18.49 17.06 20.68
C ALA A 32 -19.84 16.59 21.22
N VAL A 33 -20.97 16.95 20.56
CA VAL A 33 -22.27 16.53 21.13
C VAL A 33 -22.39 15.03 21.19
N LEU A 34 -21.76 14.33 20.23
CA LEU A 34 -21.82 12.90 20.19
C LEU A 34 -21.22 12.24 21.44
N PRO A 35 -19.89 12.42 21.69
CA PRO A 35 -19.34 11.73 22.88
C PRO A 35 -19.98 12.25 24.20
N MET A 36 -20.44 13.51 24.22
CA MET A 36 -21.02 14.05 25.46
C MET A 36 -22.41 13.45 25.66
N ALA A 37 -23.21 13.29 24.58
CA ALA A 37 -24.53 12.65 24.69
C ALA A 37 -24.37 11.13 25.06
N LEU A 38 -23.36 10.46 24.53
CA LEU A 38 -23.07 9.07 24.82
C LEU A 38 -22.62 8.89 26.28
N LYS A 39 -21.84 9.82 26.76
CA LYS A 39 -21.43 9.81 28.16
C LYS A 39 -22.70 9.91 29.05
N ALA A 40 -23.58 10.83 28.74
CA ALA A 40 -24.83 10.95 29.54
C ALA A 40 -25.65 9.68 29.51
N ALA A 41 -25.82 9.06 28.34
CA ALA A 41 -26.54 7.86 28.22
C ALA A 41 -25.93 6.75 29.07
N ILE A 42 -24.61 6.67 29.13
CA ILE A 42 -23.96 5.59 29.88
C ILE A 42 -24.09 5.90 31.39
N GLU A 43 -23.93 7.14 31.81
CA GLU A 43 -24.09 7.52 33.23
C GLU A 43 -25.53 7.30 33.73
N LEU A 44 -26.50 7.44 32.83
CA LEU A 44 -27.91 7.10 33.12
C LEU A 44 -28.20 5.65 33.11
N ASP A 45 -27.23 4.83 32.75
CA ASP A 45 -27.40 3.39 32.61
C ASP A 45 -28.39 2.98 31.47
N VAL A 46 -28.57 3.89 30.53
CA VAL A 46 -29.49 3.64 29.45
C VAL A 46 -29.17 2.40 28.66
N LEU A 47 -27.91 2.15 28.29
CA LEU A 47 -27.62 1.01 27.45
C LEU A 47 -27.79 -0.30 28.17
N GLU A 48 -27.43 -0.32 29.46
CA GLU A 48 -27.70 -1.51 30.26
C GLU A 48 -29.26 -1.79 30.46
N ILE A 49 -29.99 -0.75 30.63
CA ILE A 49 -31.49 -0.83 30.66
C ILE A 49 -31.98 -1.42 29.37
N MET A 50 -31.48 -0.90 28.27
CA MET A 50 -31.89 -1.43 27.00
C MET A 50 -31.51 -2.91 26.89
N ALA A 51 -30.29 -3.26 27.30
CA ALA A 51 -29.86 -4.65 27.21
C ALA A 51 -30.76 -5.58 28.05
N LYS A 52 -31.17 -5.14 29.20
CA LYS A 52 -31.91 -6.05 30.16
C LYS A 52 -33.43 -6.09 29.95
N SER A 53 -34.00 -5.07 29.32
CA SER A 53 -35.48 -5.05 29.17
C SER A 53 -35.99 -4.90 27.76
N VAL A 54 -35.20 -5.33 26.79
CA VAL A 54 -35.58 -5.13 25.42
C VAL A 54 -36.76 -6.13 25.29
N PRO A 55 -38.00 -5.63 25.00
CA PRO A 55 -39.12 -6.57 24.83
C PRO A 55 -38.81 -7.66 23.78
N PRO A 56 -39.66 -8.72 23.67
CA PRO A 56 -39.51 -9.72 22.61
C PRO A 56 -38.99 -9.19 21.27
N SER A 57 -39.56 -8.05 20.81
CA SER A 57 -39.20 -7.41 19.51
C SER A 57 -37.73 -6.97 19.44
N GLY A 58 -37.22 -6.53 20.59
CA GLY A 58 -35.87 -6.04 20.70
C GLY A 58 -35.80 -4.52 20.62
N TYR A 59 -36.95 -3.84 20.55
CA TYR A 59 -37.03 -2.38 20.51
C TYR A 59 -37.85 -1.84 21.68
N ILE A 60 -37.38 -0.74 22.29
CA ILE A 60 -37.93 -0.18 23.51
C ILE A 60 -38.13 1.31 23.32
N SER A 61 -39.23 1.84 23.83
CA SER A 61 -39.51 3.22 23.70
C SER A 61 -38.72 4.02 24.69
N PRO A 62 -38.45 5.29 24.34
CA PRO A 62 -37.91 6.16 25.41
C PRO A 62 -38.73 6.26 26.72
N ALA A 63 -40.07 6.25 26.63
CA ALA A 63 -40.87 6.22 27.89
C ALA A 63 -40.56 4.96 28.67
N GLU A 64 -40.39 3.83 28.02
CA GLU A 64 -40.16 2.56 28.70
C GLU A 64 -38.74 2.49 29.31
N ILE A 65 -37.77 3.16 28.66
CA ILE A 65 -36.50 3.41 29.29
C ILE A 65 -36.56 4.29 30.48
N ALA A 66 -37.20 5.45 30.37
CA ALA A 66 -37.27 6.43 31.41
C ALA A 66 -38.03 5.86 32.63
N ALA A 67 -38.97 4.92 32.37
CA ALA A 67 -39.69 4.28 33.46
C ALA A 67 -38.74 3.64 34.46
N GLN A 68 -37.65 3.15 33.94
CA GLN A 68 -36.64 2.43 34.71
C GLN A 68 -35.55 3.27 35.31
N LEU A 69 -35.55 4.55 35.05
CA LEU A 69 -34.64 5.46 35.66
C LEU A 69 -35.19 6.00 36.99
N PRO A 70 -34.29 6.43 37.89
CA PRO A 70 -34.72 7.10 39.15
C PRO A 70 -35.14 8.51 38.85
N THR A 71 -36.30 8.66 38.19
CA THR A 71 -36.74 9.95 37.93
C THR A 71 -38.23 9.97 38.05
N THR A 72 -38.74 11.15 38.31
CA THR A 72 -40.19 11.40 38.09
C THR A 72 -40.36 12.61 37.13
N ASN A 73 -39.27 13.03 36.42
CA ASN A 73 -39.35 14.22 35.53
C ASN A 73 -40.20 13.81 34.29
N PRO A 74 -41.35 14.46 34.05
CA PRO A 74 -42.20 14.05 32.91
C PRO A 74 -41.59 14.32 31.53
N GLU A 75 -40.52 15.11 31.50
CA GLU A 75 -39.82 15.36 30.25
C GLU A 75 -38.72 14.37 29.95
N ALA A 76 -38.40 13.50 30.88
CA ALA A 76 -37.35 12.51 30.67
C ALA A 76 -37.52 11.67 29.37
N PRO A 77 -38.76 11.20 29.05
CA PRO A 77 -38.91 10.45 27.81
C PRO A 77 -38.53 11.22 26.57
N VAL A 78 -38.96 12.45 26.42
CA VAL A 78 -38.64 13.25 25.21
C VAL A 78 -37.18 13.61 25.17
N MET A 79 -36.62 13.91 26.30
CA MET A 79 -35.17 14.17 26.39
C MET A 79 -34.37 12.96 25.99
N LEU A 80 -34.71 11.80 26.51
CA LEU A 80 -34.08 10.55 26.09
C LEU A 80 -34.24 10.24 24.62
N ASP A 81 -35.44 10.46 24.08
CA ASP A 81 -35.64 10.25 22.67
C ASP A 81 -34.66 11.11 21.85
N ARG A 82 -34.43 12.34 22.32
CA ARG A 82 -33.58 13.23 21.54
C ARG A 82 -32.09 12.80 21.55
N VAL A 83 -31.64 12.34 22.71
CA VAL A 83 -30.33 11.75 22.83
C VAL A 83 -30.18 10.53 21.98
N LEU A 84 -31.17 9.62 22.10
CA LEU A 84 -31.12 8.38 21.39
C LEU A 84 -31.22 8.58 19.90
N ARG A 85 -31.97 9.60 19.45
CA ARG A 85 -31.98 9.91 18.04
C ARG A 85 -30.59 10.25 17.50
N LEU A 86 -29.87 11.09 18.26
CA LEU A 86 -28.45 11.38 17.93
C LEU A 86 -27.59 10.12 17.87
N LEU A 87 -27.65 9.30 18.91
CA LEU A 87 -26.92 8.07 18.86
C LEU A 87 -27.26 7.18 17.69
N ALA A 88 -28.53 7.09 17.38
CA ALA A 88 -28.98 6.25 16.30
C ALA A 88 -28.42 6.71 14.93
N SER A 89 -28.32 8.04 14.72
CA SER A 89 -27.83 8.53 13.47
C SER A 89 -26.40 8.08 13.23
N TYR A 90 -25.67 7.92 14.34
CA TYR A 90 -24.26 7.40 14.30
C TYR A 90 -24.11 5.88 14.50
N SER A 91 -25.21 5.13 14.44
CA SER A 91 -25.21 3.66 14.53
C SER A 91 -24.74 3.16 15.90
N VAL A 92 -24.81 4.01 16.91
CA VAL A 92 -24.52 3.57 18.29
C VAL A 92 -25.68 2.74 18.89
N VAL A 93 -26.90 3.08 18.51
CA VAL A 93 -28.14 2.29 18.77
C VAL A 93 -28.83 2.18 17.44
N THR A 94 -29.78 1.27 17.34
CA THR A 94 -30.60 1.16 16.16
C THR A 94 -32.01 1.68 16.48
N TYR A 95 -32.86 1.83 15.47
CA TYR A 95 -34.21 2.38 15.69
C TYR A 95 -35.20 1.59 14.82
N THR A 96 -36.47 1.77 15.16
CA THR A 96 -37.56 1.37 14.32
C THR A 96 -38.66 2.38 14.53
N LEU A 97 -39.50 2.57 13.49
CA LEU A 97 -40.51 3.58 13.52
C LEU A 97 -41.90 2.92 13.60
N ARG A 98 -42.73 3.48 14.42
CA ARG A 98 -44.16 2.98 14.49
C ARG A 98 -45.08 4.16 14.50
N GLU A 99 -46.20 4.00 13.81
CA GLU A 99 -47.12 5.12 13.58
C GLU A 99 -48.02 5.35 14.83
N LEU A 100 -48.17 6.60 15.27
CA LEU A 100 -49.08 6.88 16.46
C LEU A 100 -50.57 7.12 16.08
N PRO A 101 -51.53 6.96 17.04
CA PRO A 101 -52.92 7.35 16.71
C PRO A 101 -52.98 8.65 15.91
N SER A 102 -52.32 9.70 16.41
CA SER A 102 -52.27 10.99 15.70
C SER A 102 -51.69 10.98 14.27
N GLY A 103 -51.22 9.81 13.79
CA GLY A 103 -50.41 9.72 12.56
C GLY A 103 -48.99 10.24 12.73
N LYS A 104 -48.64 10.66 13.96
CA LYS A 104 -47.28 11.11 14.31
C LYS A 104 -46.49 9.79 14.44
N VAL A 105 -45.19 9.84 14.30
CA VAL A 105 -44.47 8.57 14.16
C VAL A 105 -43.57 8.61 15.33
N GLU A 106 -43.45 7.51 16.07
CA GLU A 106 -42.58 7.47 17.25
C GLU A 106 -41.39 6.55 16.94
N ARG A 107 -40.29 6.81 17.62
CA ARG A 107 -39.14 5.93 17.45
C ARG A 107 -39.02 5.00 18.65
N LEU A 108 -38.68 3.73 18.43
CA LEU A 108 -38.30 2.80 19.41
C LEU A 108 -36.85 2.43 19.11
N TYR A 109 -36.09 2.13 20.13
CA TYR A 109 -34.68 1.92 19.97
C TYR A 109 -34.18 0.57 20.41
N GLY A 110 -33.13 0.09 19.77
CA GLY A 110 -32.53 -1.19 20.10
C GLY A 110 -31.03 -1.04 20.17
N LEU A 111 -30.40 -2.08 20.67
CA LEU A 111 -28.93 -2.12 20.74
C LEU A 111 -28.32 -2.26 19.39
N ALA A 112 -27.21 -1.59 19.13
CA ALA A 112 -26.49 -1.85 17.86
C ALA A 112 -25.28 -2.72 18.20
N PRO A 113 -24.56 -3.24 17.22
CA PRO A 113 -23.40 -4.04 17.50
C PRO A 113 -22.36 -3.49 18.42
N VAL A 114 -22.07 -2.18 18.34
CA VAL A 114 -21.10 -1.59 19.22
C VAL A 114 -21.47 -1.68 20.68
N CYS A 115 -22.76 -1.83 20.99
CA CYS A 115 -23.20 -1.90 22.36
C CYS A 115 -22.68 -3.16 23.12
N LYS A 116 -22.28 -4.18 22.43
CA LYS A 116 -21.64 -5.30 23.08
C LYS A 116 -20.43 -4.81 23.90
N PHE A 117 -19.70 -3.79 23.39
CA PHE A 117 -18.51 -3.26 24.11
C PHE A 117 -18.81 -2.08 24.93
N LEU A 118 -20.09 -1.63 25.01
CA LEU A 118 -20.43 -0.56 25.88
C LEU A 118 -21.38 -0.98 27.03
N THR A 119 -21.60 -2.28 27.13
CA THR A 119 -22.37 -2.86 28.25
C THR A 119 -21.55 -4.03 28.78
N LYS A 120 -21.72 -4.36 30.06
CA LYS A 120 -20.96 -5.45 30.64
C LYS A 120 -21.12 -6.76 29.93
N ASN A 121 -20.03 -7.45 29.68
CA ASN A 121 -20.07 -8.77 29.11
C ASN A 121 -20.27 -9.81 30.30
N GLU A 122 -20.01 -11.05 30.01
CA GLU A 122 -20.12 -12.11 31.03
C GLU A 122 -19.10 -11.95 32.16
N ASP A 123 -17.91 -11.43 31.88
CA ASP A 123 -16.93 -11.10 32.90
C ASP A 123 -17.22 -9.80 33.67
N GLY A 124 -18.37 -9.14 33.46
CA GLY A 124 -18.65 -7.87 34.11
C GLY A 124 -17.89 -6.67 33.57
N VAL A 125 -17.33 -6.79 32.36
CA VAL A 125 -16.45 -5.77 31.84
C VAL A 125 -16.95 -5.19 30.46
N SER A 126 -16.60 -3.93 30.22
CA SER A 126 -16.86 -3.22 28.92
C SER A 126 -15.92 -2.04 28.75
N LEU A 127 -16.03 -1.35 27.61
CA LEU A 127 -15.33 -0.14 27.41
C LEU A 127 -16.04 1.06 27.97
N ALA A 128 -17.23 0.90 28.59
CA ALA A 128 -17.93 2.07 29.07
C ALA A 128 -17.07 2.90 30.08
N PRO A 129 -16.35 2.23 30.97
CA PRO A 129 -15.51 2.99 31.92
C PRO A 129 -14.39 3.70 31.21
N PHE A 130 -13.92 3.10 30.13
CA PHE A 130 -12.96 3.84 29.28
C PHE A 130 -13.55 5.14 28.64
N LEU A 131 -14.81 5.10 28.16
CA LEU A 131 -15.48 6.25 27.67
C LEU A 131 -15.65 7.29 28.74
N LEU A 132 -16.05 6.87 29.95
CA LEU A 132 -16.23 7.85 30.99
C LEU A 132 -14.88 8.53 31.31
N LEU A 133 -13.80 7.80 31.26
CA LEU A 133 -12.44 8.43 31.40
C LEU A 133 -12.21 9.50 30.34
N ALA A 134 -12.41 9.12 29.08
CA ALA A 134 -12.02 9.99 27.95
C ALA A 134 -12.88 11.20 27.88
N THR A 135 -14.11 11.17 28.45
CA THR A 135 -15.02 12.31 28.43
C THR A 135 -15.19 13.07 29.70
N ASP A 136 -14.37 12.74 30.71
CA ASP A 136 -14.37 13.38 31.96
C ASP A 136 -13.97 14.85 31.80
N LYS A 137 -14.62 15.70 32.59
CA LYS A 137 -14.28 17.13 32.57
C LYS A 137 -12.75 17.43 32.74
N VAL A 138 -12.12 16.67 33.62
CA VAL A 138 -10.66 16.74 33.82
C VAL A 138 -9.83 16.56 32.56
N LEU A 139 -10.18 15.60 31.71
CA LEU A 139 -9.42 15.28 30.57
C LEU A 139 -9.88 16.08 29.35
N LEU A 140 -10.99 16.82 29.48
CA LEU A 140 -11.33 17.81 28.43
C LEU A 140 -10.52 19.08 28.55
N GLU A 141 -10.17 19.47 29.77
CA GLU A 141 -9.55 20.76 30.02
C GLU A 141 -8.20 20.97 29.24
N PRO A 142 -7.37 19.92 29.09
CA PRO A 142 -6.15 20.16 28.31
C PRO A 142 -6.33 20.66 26.85
N TRP A 143 -7.44 20.28 26.21
CA TRP A 143 -7.76 20.67 24.87
C TRP A 143 -7.86 22.19 24.73
N PHE A 144 -8.14 22.90 25.82
CA PHE A 144 -8.12 24.38 25.74
C PHE A 144 -6.68 24.98 25.68
N TYR A 145 -5.66 24.15 25.77
CA TYR A 145 -4.27 24.61 25.83
C TYR A 145 -3.40 23.92 24.75
N LEU A 146 -4.04 23.32 23.79
CA LEU A 146 -3.29 22.61 22.76
C LEU A 146 -2.56 23.65 21.90
N LYS A 147 -3.23 24.71 21.48
CA LYS A 147 -2.56 25.68 20.62
C LYS A 147 -1.34 26.28 21.38
N ASP A 148 -1.53 26.52 22.69
CA ASP A 148 -0.43 27.05 23.57
C ASP A 148 0.77 26.13 23.53
N ALA A 149 0.58 24.79 23.63
CA ALA A 149 1.67 23.90 23.60
C ALA A 149 2.37 23.87 22.28
N ILE A 150 1.62 23.97 21.16
CA ILE A 150 2.29 24.02 19.88
C ILE A 150 3.21 25.30 19.79
N LEU A 151 2.68 26.41 20.27
CA LEU A 151 3.41 27.71 20.17
C LEU A 151 4.57 27.77 21.16
N GLU A 152 4.34 27.35 22.40
CA GLU A 152 5.27 27.56 23.51
C GLU A 152 6.21 26.39 23.70
N GLY A 153 5.82 25.21 23.26
CA GLY A 153 6.44 23.94 23.65
C GLY A 153 5.71 23.44 24.92
N GLY A 154 6.04 22.26 25.40
CA GLY A 154 5.41 21.78 26.67
C GLY A 154 4.20 20.95 26.34
N ILE A 155 3.29 20.81 27.31
CA ILE A 155 2.28 19.73 27.24
C ILE A 155 0.96 20.41 27.59
N PRO A 156 -0.10 20.25 26.78
CA PRO A 156 -1.34 20.87 27.16
C PRO A 156 -1.81 20.55 28.54
N PHE A 157 -1.71 19.30 28.93
CA PHE A 157 -2.20 18.98 30.25
C PHE A 157 -1.52 19.82 31.34
N ASN A 158 -0.21 19.94 31.19
CA ASN A 158 0.63 20.58 32.24
C ASN A 158 0.32 22.06 32.23
N LYS A 159 -0.03 22.63 31.07
CA LYS A 159 -0.52 24.04 31.02
C LYS A 159 -1.84 24.26 31.80
N ALA A 160 -2.72 23.27 31.74
CA ALA A 160 -3.99 23.38 32.42
C ALA A 160 -3.87 23.17 33.92
N TYR A 161 -3.01 22.24 34.36
CA TYR A 161 -2.94 21.80 35.76
C TYR A 161 -1.69 22.13 36.64
N GLY A 162 -0.64 22.64 36.03
CA GLY A 162 0.55 23.08 36.79
C GLY A 162 1.46 21.95 37.10
N MET A 163 1.19 20.75 36.54
CA MET A 163 1.97 19.55 36.82
C MET A 163 1.65 18.48 35.79
N ASN A 164 2.43 17.42 35.78
CA ASN A 164 2.08 16.33 34.78
C ASN A 164 0.89 15.48 35.23
N ILE A 165 0.38 14.72 34.27
CA ILE A 165 -0.83 13.99 34.48
C ILE A 165 -0.75 13.03 35.69
N TRP A 166 0.35 12.34 35.84
CA TRP A 166 0.46 11.36 36.92
C TRP A 166 0.47 12.08 38.28
N ASP A 167 1.25 13.16 38.37
CA ASP A 167 1.26 13.91 39.62
C ASP A 167 -0.14 14.40 39.94
N TYR A 168 -0.89 14.89 38.94
CA TYR A 168 -2.22 15.33 39.16
C TYR A 168 -3.13 14.19 39.65
N PHE A 169 -3.03 13.00 39.01
CA PHE A 169 -3.87 11.89 39.45
C PHE A 169 -3.57 11.55 40.93
N GLY A 170 -2.33 11.81 41.34
CA GLY A 170 -1.87 11.65 42.75
C GLY A 170 -2.53 12.61 43.71
N THR A 171 -3.09 13.70 43.21
CA THR A 171 -3.86 14.66 44.05
C THR A 171 -5.38 14.63 43.96
N ASP A 172 -5.95 13.94 42.97
CA ASP A 172 -7.36 13.97 42.69
C ASP A 172 -7.78 12.49 42.66
N HIS A 173 -8.36 12.06 43.76
CA HIS A 173 -8.72 10.66 44.00
C HIS A 173 -9.81 10.21 43.10
N ARG A 174 -10.75 11.08 42.76
CA ARG A 174 -11.86 10.74 41.89
C ARG A 174 -11.35 10.32 40.47
N ILE A 175 -10.55 11.18 39.89
CA ILE A 175 -10.04 10.93 38.54
C ILE A 175 -8.98 9.81 38.49
N ASN A 176 -8.20 9.69 39.56
CA ASN A 176 -7.33 8.52 39.67
C ASN A 176 -8.12 7.26 39.52
N LYS A 177 -9.22 7.14 40.26
CA LYS A 177 -10.02 5.93 40.23
C LYS A 177 -10.69 5.71 38.84
N VAL A 178 -11.25 6.80 38.29
CA VAL A 178 -11.82 6.76 36.93
C VAL A 178 -10.77 6.26 35.89
N PHE A 179 -9.59 6.84 35.97
CA PHE A 179 -8.48 6.46 35.07
C PHE A 179 -8.11 5.02 35.20
N ASN A 180 -7.84 4.58 36.44
CA ASN A 180 -7.34 3.25 36.68
C ASN A 180 -8.37 2.19 36.27
N LYS A 181 -9.64 2.48 36.48
CA LYS A 181 -10.71 1.60 36.10
C LYS A 181 -10.95 1.57 34.59
N GLY A 182 -10.89 2.72 33.93
CA GLY A 182 -10.93 2.80 32.45
C GLY A 182 -9.87 1.95 31.82
N MET A 183 -8.65 2.06 32.34
CA MET A 183 -7.55 1.31 31.81
C MET A 183 -7.78 -0.20 32.12
N SER A 184 -8.14 -0.53 33.40
CA SER A 184 -8.28 -1.94 33.80
C SER A 184 -9.33 -2.68 32.93
N SER A 185 -10.48 -2.06 32.73
CA SER A 185 -11.51 -2.68 31.92
C SER A 185 -11.12 -2.85 30.47
N ASN A 186 -10.59 -1.79 29.88
CA ASN A 186 -10.08 -1.91 28.50
C ASN A 186 -9.02 -2.98 28.34
N SER A 187 -8.08 -3.00 29.28
CA SER A 187 -6.99 -3.93 29.23
C SER A 187 -7.45 -5.35 29.48
N THR A 188 -8.43 -5.54 30.37
CA THR A 188 -9.01 -6.88 30.54
C THR A 188 -9.59 -7.48 29.27
N ILE A 189 -10.34 -6.71 28.52
CA ILE A 189 -10.85 -7.16 27.23
C ILE A 189 -9.77 -7.50 26.19
N THR A 190 -8.82 -6.55 25.97
CA THR A 190 -7.69 -6.82 25.09
C THR A 190 -6.83 -8.02 25.52
N MET A 191 -6.51 -8.11 26.82
CA MET A 191 -5.57 -9.11 27.28
C MET A 191 -6.20 -10.49 27.27
N LYS A 192 -7.48 -10.58 27.44
CA LYS A 192 -8.14 -11.90 27.39
C LYS A 192 -7.97 -12.48 25.98
N LYS A 193 -8.09 -11.62 24.97
CA LYS A 193 -7.89 -12.04 23.60
C LYS A 193 -6.43 -12.30 23.28
N ILE A 194 -5.57 -11.45 23.81
CA ILE A 194 -4.12 -11.70 23.65
C ILE A 194 -3.70 -13.03 24.20
N LEU A 195 -4.19 -13.38 25.37
CA LEU A 195 -3.78 -14.60 26.04
C LEU A 195 -4.28 -15.85 25.36
N GLU A 196 -5.34 -15.74 24.55
CA GLU A 196 -5.85 -16.88 23.84
C GLU A 196 -4.94 -17.20 22.68
N MET A 197 -4.26 -16.18 22.16
CA MET A 197 -3.38 -16.38 21.01
C MET A 197 -1.88 -16.34 21.16
N TYR A 198 -1.36 -15.56 22.14
CA TYR A 198 0.06 -15.31 22.27
C TYR A 198 0.64 -16.27 23.27
N ASN A 199 1.71 -16.97 22.92
CA ASN A 199 2.31 -17.95 23.83
C ASN A 199 3.60 -17.52 24.52
N GLY A 200 3.96 -16.25 24.43
CA GLY A 200 5.23 -15.81 24.91
C GLY A 200 5.38 -15.74 26.40
N PHE A 201 4.30 -15.91 27.17
CA PHE A 201 4.48 -15.98 28.62
C PHE A 201 4.82 -17.39 29.08
N GLU A 202 4.62 -18.35 28.21
CA GLU A 202 4.92 -19.78 28.59
C GLU A 202 6.36 -19.98 28.92
N GLY A 203 6.64 -20.76 29.97
CA GLY A 203 8.04 -21.10 30.25
C GLY A 203 8.71 -20.03 31.12
N LEU A 204 8.10 -18.87 31.35
CA LEU A 204 8.70 -17.87 32.20
C LEU A 204 8.52 -18.24 33.66
N THR A 205 9.47 -17.86 34.51
CA THR A 205 9.21 -18.04 35.93
C THR A 205 8.83 -16.74 36.58
N THR A 206 9.32 -15.63 36.05
CA THR A 206 8.96 -14.33 36.60
C THR A 206 8.51 -13.40 35.49
N ILE A 207 7.46 -12.67 35.74
CA ILE A 207 7.08 -11.49 34.83
C ILE A 207 6.88 -10.24 35.65
N VAL A 208 7.28 -9.08 35.12
CA VAL A 208 7.04 -7.83 35.76
C VAL A 208 6.20 -7.00 34.79
N ASP A 209 5.05 -6.56 35.26
CA ASP A 209 4.21 -5.63 34.47
C ASP A 209 4.60 -4.20 34.95
N VAL A 210 5.40 -3.55 34.14
CA VAL A 210 5.86 -2.23 34.45
C VAL A 210 4.82 -1.18 33.97
N GLY A 211 4.40 -0.35 34.89
CA GLY A 211 3.27 0.51 34.65
C GLY A 211 1.97 -0.31 34.51
N GLY A 212 1.83 -1.37 35.31
CA GLY A 212 0.75 -2.29 35.18
C GLY A 212 -0.52 -1.85 35.84
N GLY A 213 -0.55 -0.62 36.33
CA GLY A 213 -1.82 -0.03 36.84
C GLY A 213 -2.24 -0.75 38.16
N THR A 214 -3.51 -1.09 38.22
CA THR A 214 -4.07 -1.72 39.43
C THR A 214 -3.83 -3.21 39.40
N GLY A 215 -3.20 -3.72 38.36
CA GLY A 215 -2.70 -5.11 38.32
C GLY A 215 -3.58 -6.09 37.61
N ALA A 216 -4.60 -5.58 36.90
CA ALA A 216 -5.52 -6.46 36.15
C ALA A 216 -4.80 -7.42 35.23
N VAL A 217 -3.84 -6.94 34.41
CA VAL A 217 -3.15 -7.79 33.48
C VAL A 217 -2.29 -8.85 34.20
N ALA A 218 -1.54 -8.42 35.21
CA ALA A 218 -0.70 -9.31 35.94
C ALA A 218 -1.52 -10.41 36.52
N SER A 219 -2.74 -10.06 36.98
CA SER A 219 -3.59 -11.08 37.58
C SER A 219 -4.00 -12.12 36.57
N MET A 220 -4.30 -11.67 35.36
CA MET A 220 -4.69 -12.55 34.29
C MET A 220 -3.61 -13.47 33.82
N ILE A 221 -2.39 -13.01 33.80
CA ILE A 221 -1.31 -13.80 33.35
C ILE A 221 -1.10 -14.93 34.42
N VAL A 222 -1.11 -14.58 35.69
CA VAL A 222 -0.94 -15.66 36.71
C VAL A 222 -2.10 -16.63 36.80
N ALA A 223 -3.32 -16.15 36.59
CA ALA A 223 -4.50 -17.05 36.44
C ALA A 223 -4.30 -18.08 35.35
N LYS A 224 -3.69 -17.69 34.26
CA LYS A 224 -3.44 -18.65 33.23
C LYS A 224 -2.16 -19.51 33.43
N TYR A 225 -1.13 -18.95 34.05
CA TYR A 225 0.12 -19.62 34.33
C TYR A 225 0.43 -19.61 35.83
N PRO A 226 -0.23 -20.53 36.58
CA PRO A 226 0.00 -20.52 38.06
C PRO A 226 1.42 -20.80 38.57
N SER A 227 2.32 -21.23 37.69
CA SER A 227 3.72 -21.34 38.10
C SER A 227 4.54 -20.08 37.92
N ILE A 228 3.94 -18.99 37.46
CA ILE A 228 4.72 -17.76 37.31
C ILE A 228 4.64 -16.82 38.51
N ASN A 229 5.77 -16.15 38.80
CA ASN A 229 5.87 -15.15 39.83
C ASN A 229 5.56 -13.81 39.11
N ALA A 230 4.48 -13.14 39.48
CA ALA A 230 4.08 -11.89 38.83
C ALA A 230 4.31 -10.71 39.74
N ILE A 231 4.97 -9.69 39.22
CA ILE A 231 5.12 -8.44 39.93
C ILE A 231 4.37 -7.35 39.13
N ASN A 232 3.44 -6.63 39.76
CA ASN A 232 2.80 -5.44 39.20
C ASN A 232 3.50 -4.22 39.74
N PHE A 233 4.07 -3.37 38.84
CA PHE A 233 4.88 -2.23 39.31
C PHE A 233 4.29 -0.97 38.78
N ASP A 234 4.08 0.02 39.64
CA ASP A 234 3.49 1.27 39.19
C ASP A 234 3.81 2.33 40.19
N LEU A 235 3.18 3.51 40.07
CA LEU A 235 3.46 4.60 40.97
C LEU A 235 2.77 4.26 42.29
N PRO A 236 3.34 4.74 43.40
CA PRO A 236 2.68 4.47 44.74
C PRO A 236 1.19 4.87 44.84
N HIS A 237 0.74 5.96 44.26
CA HIS A 237 -0.68 6.33 44.35
C HIS A 237 -1.64 5.42 43.54
N VAL A 238 -1.11 4.63 42.60
CA VAL A 238 -1.90 3.65 41.87
C VAL A 238 -1.94 2.30 42.65
N ILE A 239 -0.76 1.92 43.14
CA ILE A 239 -0.54 0.65 43.91
C ILE A 239 -1.39 0.71 45.16
N GLN A 240 -1.53 1.91 45.76
CA GLN A 240 -2.19 2.01 47.08
C GLN A 240 -3.49 1.29 47.10
N ASP A 241 -4.34 1.48 46.07
CA ASP A 241 -5.65 0.80 45.95
C ASP A 241 -5.74 -0.09 44.68
N ALA A 242 -4.67 -0.85 44.47
CA ALA A 242 -4.72 -2.01 43.58
C ALA A 242 -5.36 -3.14 44.40
N PRO A 243 -6.31 -3.91 43.80
CA PRO A 243 -6.77 -5.14 44.50
C PRO A 243 -5.61 -6.11 44.79
N ALA A 244 -5.66 -6.78 45.93
CA ALA A 244 -4.61 -7.73 46.31
C ALA A 244 -4.87 -9.07 45.63
N PHE A 245 -4.65 -9.10 44.34
CA PHE A 245 -4.85 -10.31 43.55
C PHE A 245 -3.90 -11.42 43.96
N SER A 246 -4.37 -12.64 43.98
CA SER A 246 -3.48 -13.67 44.46
C SER A 246 -2.44 -13.97 43.33
N GLY A 247 -1.23 -14.25 43.76
CA GLY A 247 -0.09 -14.46 42.89
C GLY A 247 0.54 -13.19 42.27
N VAL A 248 0.08 -12.01 42.69
CA VAL A 248 0.66 -10.79 42.20
C VAL A 248 1.28 -10.07 43.35
N GLU A 249 2.53 -9.70 43.21
CA GLU A 249 3.16 -8.82 44.19
C GLU A 249 3.11 -7.39 43.64
N HIS A 250 2.45 -6.48 44.35
CA HIS A 250 2.43 -5.05 43.96
C HIS A 250 3.60 -4.36 44.51
N LEU A 251 4.32 -3.62 43.65
CA LEU A 251 5.47 -2.83 44.06
C LEU A 251 5.36 -1.41 43.50
N GLY A 252 5.40 -0.41 44.40
CA GLY A 252 5.48 1.02 44.01
C GLY A 252 6.87 1.59 43.69
N GLY A 253 6.98 2.49 42.73
CA GLY A 253 8.31 2.99 42.36
C GLY A 253 8.14 3.92 41.19
N ASP A 254 9.24 4.26 40.56
CA ASP A 254 9.30 5.09 39.39
C ASP A 254 10.17 4.34 38.41
N MET A 255 9.59 3.95 37.28
CA MET A 255 10.29 3.12 36.31
C MET A 255 11.56 3.77 35.70
N PHE A 256 11.63 5.11 35.72
CA PHE A 256 12.80 5.79 35.16
C PHE A 256 14.03 5.63 36.10
N ASP A 257 13.76 5.31 37.34
CA ASP A 257 14.82 5.03 38.32
C ASP A 257 15.39 3.65 38.13
N GLY A 258 14.48 2.69 37.95
CA GLY A 258 14.82 1.36 37.52
C GLY A 258 13.53 0.53 37.64
N VAL A 259 13.61 -0.76 37.29
CA VAL A 259 12.46 -1.63 37.38
C VAL A 259 12.81 -2.93 38.06
N PRO A 260 11.79 -3.63 38.59
CA PRO A 260 12.01 -4.92 39.19
C PRO A 260 12.55 -6.01 38.26
N LYS A 261 13.37 -6.93 38.79
CA LYS A 261 14.00 -7.95 37.93
C LYS A 261 12.99 -9.06 37.61
N GLY A 262 13.00 -9.52 36.40
CA GLY A 262 12.16 -10.65 35.98
C GLY A 262 12.74 -11.29 34.75
N ASP A 263 12.10 -12.37 34.34
CA ASP A 263 12.48 -13.08 33.16
C ASP A 263 12.01 -12.37 31.87
N ALA A 264 10.89 -11.64 32.03
CA ALA A 264 10.34 -10.79 30.99
C ALA A 264 9.73 -9.61 31.69
N ILE A 265 9.65 -8.50 30.96
CA ILE A 265 9.00 -7.33 31.47
C ILE A 265 7.91 -7.06 30.42
N PHE A 266 6.69 -6.81 30.88
CA PHE A 266 5.54 -6.51 30.05
C PHE A 266 5.31 -5.00 30.19
N ILE A 267 5.15 -4.29 29.09
CA ILE A 267 4.81 -2.86 29.13
C ILE A 267 3.67 -2.61 28.13
N LYS A 268 2.46 -2.42 28.61
CA LYS A 268 1.32 -2.20 27.73
C LYS A 268 0.98 -0.69 27.89
N TRP A 269 0.94 0.03 26.77
CA TRP A 269 0.54 1.43 26.75
C TRP A 269 1.43 2.26 27.68
N ILE A 270 2.70 1.86 27.72
CA ILE A 270 3.71 2.63 28.45
C ILE A 270 4.53 3.49 27.46
N CYS A 271 5.17 2.86 26.51
CA CYS A 271 5.92 3.61 25.49
C CYS A 271 5.12 4.77 24.87
N HIS A 272 3.86 4.53 24.55
CA HIS A 272 3.08 5.61 23.90
C HIS A 272 2.87 6.83 24.76
N ASP A 273 3.13 6.74 26.06
CA ASP A 273 3.00 7.87 26.97
C ASP A 273 4.23 8.82 27.05
N TRP A 274 5.32 8.43 26.42
CA TRP A 274 6.61 9.06 26.65
C TRP A 274 7.34 9.35 25.35
N SER A 275 8.15 10.42 25.38
CA SER A 275 9.06 10.72 24.27
C SER A 275 10.07 9.60 24.00
N ASP A 276 10.70 9.68 22.82
CA ASP A 276 11.76 8.75 22.44
C ASP A 276 12.89 8.69 23.49
N GLU A 277 13.24 9.87 24.03
CA GLU A 277 14.28 9.95 25.03
C GLU A 277 13.89 9.24 26.35
N HIS A 278 12.66 9.49 26.83
CA HIS A 278 12.17 8.81 27.99
C HIS A 278 12.08 7.28 27.75
N CYS A 279 11.60 6.85 26.57
CA CYS A 279 11.47 5.44 26.26
C CYS A 279 12.82 4.73 26.29
N LEU A 280 13.80 5.42 25.72
CA LEU A 280 15.13 4.87 25.73
C LEU A 280 15.63 4.65 27.12
N LYS A 281 15.37 5.60 27.99
CA LYS A 281 15.79 5.45 29.41
C LYS A 281 15.07 4.29 30.11
N LEU A 282 13.74 4.25 29.93
CA LEU A 282 12.94 3.11 30.39
C LEU A 282 13.41 1.78 29.85
N LEU A 283 13.71 1.71 28.55
CA LEU A 283 14.09 0.45 27.88
C LEU A 283 15.49 0.00 28.23
N LYS A 284 16.33 0.96 28.54
CA LYS A 284 17.67 0.59 29.14
C LYS A 284 17.51 0.02 30.55
N ASN A 285 16.65 0.62 31.35
CA ASN A 285 16.34 0.10 32.68
C ASN A 285 15.79 -1.30 32.59
N CYS A 286 14.88 -1.54 31.62
CA CYS A 286 14.38 -2.89 31.35
C CYS A 286 15.53 -3.91 30.99
N TYR A 287 16.33 -3.58 30.01
CA TYR A 287 17.43 -4.42 29.59
C TYR A 287 18.24 -4.83 30.84
N ALA A 288 18.57 -3.87 31.67
CA ALA A 288 19.30 -4.13 32.92
C ALA A 288 18.65 -5.04 33.94
N ALA A 289 17.34 -5.10 33.97
CA ALA A 289 16.57 -5.90 34.93
C ALA A 289 16.29 -7.35 34.43
N LEU A 290 16.73 -7.66 33.22
CA LEU A 290 16.43 -8.93 32.54
C LEU A 290 17.71 -9.81 32.54
N PRO A 291 17.54 -11.15 32.51
CA PRO A 291 18.68 -12.05 32.27
C PRO A 291 19.16 -12.00 30.83
N ASP A 292 20.25 -12.70 30.52
CA ASP A 292 20.87 -12.60 29.21
C ASP A 292 19.96 -12.92 28.07
N HIS A 293 18.99 -13.80 28.33
CA HIS A 293 18.11 -14.37 27.36
C HIS A 293 16.66 -13.76 27.52
N GLY A 294 16.52 -12.73 28.32
CA GLY A 294 15.19 -12.23 28.67
C GLY A 294 14.63 -11.35 27.56
N LYS A 295 13.41 -10.90 27.76
CA LYS A 295 12.79 -10.03 26.72
C LYS A 295 11.89 -8.99 27.34
N VAL A 296 11.61 -7.92 26.59
CA VAL A 296 10.52 -6.98 26.92
C VAL A 296 9.36 -7.32 25.96
N ILE A 297 8.14 -7.44 26.50
CA ILE A 297 6.97 -7.74 25.75
C ILE A 297 6.22 -6.37 25.74
N VAL A 298 6.06 -5.79 24.54
CA VAL A 298 5.57 -4.39 24.37
C VAL A 298 4.19 -4.51 23.69
N ALA A 299 3.14 -4.00 24.33
CA ALA A 299 1.77 -4.09 23.77
C ALA A 299 1.37 -2.68 23.45
N GLU A 300 1.28 -2.36 22.15
CA GLU A 300 0.97 -1.00 21.67
C GLU A 300 0.25 -1.04 20.36
N TYR A 301 -0.49 0.01 20.02
CA TYR A 301 -0.88 0.18 18.67
C TYR A 301 0.38 0.41 17.76
N ILE A 302 0.20 0.18 16.49
CA ILE A 302 1.24 0.54 15.49
C ILE A 302 0.60 1.52 14.49
N LEU A 303 1.21 2.68 14.31
CA LEU A 303 0.78 3.55 13.22
C LEU A 303 0.69 2.96 11.84
N PRO A 304 -0.46 3.10 11.17
CA PRO A 304 -0.59 2.69 9.79
C PRO A 304 0.25 3.54 8.87
N PRO A 305 0.50 3.01 7.66
CA PRO A 305 1.35 3.72 6.70
C PRO A 305 0.82 5.12 6.30
N SER A 306 -0.49 5.36 6.42
CA SER A 306 -1.10 6.62 5.92
C SER A 306 -2.30 6.99 6.77
N PRO A 307 -2.73 8.26 6.75
CA PRO A 307 -3.96 8.66 7.49
C PRO A 307 -5.23 8.28 6.77
N ASP A 308 -5.40 6.97 6.53
CA ASP A 308 -6.53 6.46 5.79
C ASP A 308 -7.80 6.57 6.66
N PRO A 309 -8.98 6.46 6.03
CA PRO A 309 -10.23 6.76 6.81
C PRO A 309 -10.80 5.62 7.64
N SER A 310 -10.16 4.49 7.67
CA SER A 310 -10.69 3.30 8.42
C SER A 310 -10.84 3.56 9.90
N ILE A 311 -11.86 2.94 10.53
CA ILE A 311 -11.97 3.08 12.00
C ILE A 311 -10.76 2.63 12.72
N ALA A 312 -10.18 1.48 12.34
CA ALA A 312 -8.96 1.00 12.98
C ALA A 312 -7.82 2.07 12.95
N THR A 313 -7.59 2.65 11.83
CA THR A 313 -6.61 3.77 11.73
C THR A 313 -6.99 4.95 12.55
N LYS A 314 -8.25 5.36 12.51
CA LYS A 314 -8.66 6.49 13.28
C LYS A 314 -8.46 6.23 14.74
N VAL A 315 -8.65 4.97 15.25
CA VAL A 315 -8.40 4.77 16.67
C VAL A 315 -6.98 5.08 17.00
N VAL A 316 -6.08 4.62 16.14
CA VAL A 316 -4.64 4.89 16.42
C VAL A 316 -4.34 6.37 16.44
N ILE A 317 -4.83 7.03 15.43
CA ILE A 317 -4.59 8.47 15.30
C ILE A 317 -5.28 9.32 16.40
N HIS A 318 -6.54 9.00 16.73
CA HIS A 318 -7.16 9.56 17.91
C HIS A 318 -6.27 9.43 19.11
N THR A 319 -5.69 8.23 19.31
CA THR A 319 -4.91 7.97 20.50
C THR A 319 -3.62 8.82 20.43
N ASP A 320 -3.06 8.95 19.25
CA ASP A 320 -1.89 9.82 19.07
C ASP A 320 -2.24 11.20 19.51
N ALA A 321 -3.46 11.67 19.24
CA ALA A 321 -3.88 13.06 19.63
C ALA A 321 -4.13 13.18 21.12
N LEU A 322 -4.60 12.09 21.71
CA LEU A 322 -4.71 12.02 23.18
C LEU A 322 -3.36 12.14 23.81
N MET A 323 -2.36 11.40 23.26
CA MET A 323 -1.00 11.46 23.83
C MET A 323 -0.43 12.90 23.73
N LEU A 324 -0.66 13.57 22.61
CA LEU A 324 -0.24 14.95 22.45
C LEU A 324 -0.85 15.88 23.52
N ALA A 325 -2.13 15.68 23.85
CA ALA A 325 -2.83 16.50 24.82
C ALA A 325 -2.36 16.24 26.28
N TYR A 326 -2.10 15.00 26.56
CA TYR A 326 -1.95 14.53 27.95
C TYR A 326 -0.54 14.31 28.44
N ASN A 327 0.34 13.85 27.58
CA ASN A 327 1.53 13.14 28.04
C ASN A 327 2.81 13.83 27.73
N PRO A 328 3.85 13.51 28.52
CA PRO A 328 5.19 14.09 28.21
C PRO A 328 5.93 13.45 27.03
N GLY A 329 5.58 13.92 25.81
CA GLY A 329 6.20 13.49 24.60
C GLY A 329 5.63 12.23 24.03
N GLY A 330 4.61 11.68 24.69
CA GLY A 330 3.99 10.49 24.18
C GLY A 330 3.42 10.66 22.78
N LYS A 331 3.43 9.57 22.04
CA LYS A 331 3.00 9.54 20.67
C LYS A 331 2.85 8.11 20.24
N GLU A 332 2.17 7.91 19.15
CA GLU A 332 2.11 6.57 18.52
C GLU A 332 3.27 6.43 17.56
N ARG A 333 3.60 5.19 17.29
CA ARG A 333 4.84 4.89 16.53
C ARG A 333 4.63 3.81 15.53
N THR A 334 5.43 3.83 14.45
CA THR A 334 5.35 2.73 13.50
C THR A 334 6.18 1.48 13.98
N GLU A 335 6.06 0.39 13.26
CA GLU A 335 6.80 -0.79 13.55
C GLU A 335 8.30 -0.50 13.48
N LYS A 336 8.76 0.18 12.43
CA LYS A 336 10.20 0.54 12.36
C LYS A 336 10.65 1.45 13.48
N GLU A 337 9.75 2.35 13.92
CA GLU A 337 10.07 3.18 15.07
C GLU A 337 10.28 2.36 16.36
N PHE A 338 9.45 1.33 16.54
CA PHE A 338 9.58 0.47 17.73
C PHE A 338 10.88 -0.35 17.61
N GLN A 339 11.10 -0.89 16.44
CA GLN A 339 12.38 -1.60 16.18
C GLN A 339 13.63 -0.72 16.48
N ALA A 340 13.56 0.54 16.10
CA ALA A 340 14.68 1.43 16.37
C ALA A 340 14.85 1.71 17.87
N LEU A 341 13.76 1.81 18.63
CA LEU A 341 13.87 1.95 20.08
C LEU A 341 14.50 0.70 20.73
N ALA A 342 14.14 -0.47 20.24
CA ALA A 342 14.67 -1.78 20.71
C ALA A 342 16.18 -1.76 20.47
N MET A 343 16.55 -1.43 19.25
CA MET A 343 18.00 -1.47 18.88
C MET A 343 18.76 -0.48 19.71
N ALA A 344 18.23 0.71 19.86
CA ALA A 344 18.93 1.77 20.59
C ALA A 344 19.08 1.53 22.07
N SER A 345 18.25 0.64 22.65
CA SER A 345 18.37 0.29 24.09
C SER A 345 19.12 -1.03 24.31
N GLY A 346 19.78 -1.51 23.23
CA GLY A 346 20.62 -2.69 23.30
C GLY A 346 20.05 -4.04 22.92
N PHE A 347 18.73 -4.12 22.66
CA PHE A 347 18.14 -5.35 22.30
C PHE A 347 18.53 -5.79 20.88
N ARG A 348 18.81 -7.10 20.76
CA ARG A 348 19.34 -7.67 19.51
C ARG A 348 18.29 -8.25 18.60
N GLY A 349 17.08 -8.48 19.09
CA GLY A 349 16.07 -9.14 18.29
C GLY A 349 14.72 -8.38 18.44
N PHE A 350 13.92 -8.41 17.42
CA PHE A 350 12.65 -7.71 17.48
C PHE A 350 11.69 -8.59 16.70
N LYS A 351 10.47 -8.74 17.19
CA LYS A 351 9.41 -9.38 16.41
C LYS A 351 8.01 -8.95 16.82
N VAL A 352 7.12 -8.96 15.86
CA VAL A 352 5.70 -8.71 16.09
C VAL A 352 5.09 -10.05 16.22
N ALA A 353 4.63 -10.37 17.41
CA ALA A 353 4.18 -11.72 17.75
C ALA A 353 2.67 -11.95 17.64
N SER A 354 1.89 -10.95 17.98
CA SER A 354 0.45 -11.16 18.01
C SER A 354 -0.29 -9.80 17.88
N CYS A 355 -1.60 -9.84 17.65
CA CYS A 355 -2.45 -8.59 17.70
C CYS A 355 -3.90 -8.88 18.16
N ALA A 356 -4.50 -7.95 18.90
CA ALA A 356 -5.91 -7.98 19.26
C ALA A 356 -6.44 -6.61 19.44
N PHE A 357 -7.60 -6.35 18.85
CA PHE A 357 -8.19 -5.03 18.96
C PHE A 357 -7.19 -3.89 18.72
N ASN A 358 -6.37 -3.98 17.67
CA ASN A 358 -5.41 -2.98 17.32
C ASN A 358 -4.13 -3.04 18.07
N THR A 359 -4.10 -3.78 19.18
CA THR A 359 -2.95 -3.77 20.07
C THR A 359 -2.05 -4.91 19.59
N TYR A 360 -0.89 -4.56 19.07
CA TYR A 360 0.15 -5.52 18.71
C TYR A 360 1.01 -5.85 19.90
N VAL A 361 1.45 -7.09 19.93
CA VAL A 361 2.32 -7.57 20.93
C VAL A 361 3.65 -7.75 20.20
N MET A 362 4.66 -6.98 20.62
CA MET A 362 6.02 -7.06 20.12
C MET A 362 7.00 -7.62 21.20
N GLU A 363 8.05 -8.33 20.76
CA GLU A 363 9.07 -8.82 21.69
C GLU A 363 10.40 -8.12 21.33
N PHE A 364 11.02 -7.50 22.33
CA PHE A 364 12.35 -6.93 22.23
C PHE A 364 13.23 -7.99 22.90
N LEU A 365 14.10 -8.64 22.12
CA LEU A 365 14.81 -9.83 22.60
C LEU A 365 16.26 -9.44 22.93
N LYS A 366 16.72 -9.75 24.14
CA LYS A 366 18.09 -9.41 24.49
C LYS A 366 19.13 -10.09 23.62
N THR A 367 18.82 -11.34 23.33
CA THR A 367 19.57 -12.21 22.38
C THR A 367 18.73 -12.62 21.18
N ALA A 368 19.27 -12.47 19.98
CA ALA A 368 18.48 -12.76 18.75
C ALA A 368 18.44 -14.27 18.55
N ALA B 7 5.52 12.71 -4.39
CA ALA B 7 5.81 11.24 -4.30
C ALA B 7 6.80 10.63 -5.34
N GLU B 8 7.33 11.40 -6.32
CA GLU B 8 8.37 10.92 -7.29
C GLU B 8 9.09 12.14 -7.92
N ILE B 9 10.39 12.30 -7.64
CA ILE B 9 11.24 13.28 -8.33
C ILE B 9 11.38 12.90 -9.78
N GLN B 10 11.36 13.87 -10.66
CA GLN B 10 11.42 13.63 -12.07
C GLN B 10 12.89 13.65 -12.51
N ILE B 11 13.28 12.61 -13.18
CA ILE B 11 14.64 12.45 -13.77
C ILE B 11 14.72 13.11 -15.12
N ILE B 12 15.60 14.09 -15.26
CA ILE B 12 15.83 14.75 -16.55
C ILE B 12 16.67 13.83 -17.43
N PRO B 13 16.17 13.51 -18.64
CA PRO B 13 17.03 12.71 -19.47
C PRO B 13 18.34 13.37 -19.81
N THR B 14 19.37 12.58 -19.69
CA THR B 14 20.72 12.99 -19.97
C THR B 14 21.48 11.92 -20.69
N HIS B 15 22.72 12.26 -21.13
CA HIS B 15 23.73 11.26 -21.55
C HIS B 15 23.79 10.10 -20.55
N SER B 16 23.92 10.39 -19.24
CA SER B 16 23.98 9.40 -18.17
C SER B 16 22.73 8.48 -18.16
N SER B 17 21.53 9.07 -18.10
CA SER B 17 20.31 8.30 -18.15
C SER B 17 20.12 7.49 -19.44
N ASP B 18 20.54 8.05 -20.55
CA ASP B 18 20.45 7.36 -21.83
C ASP B 18 21.36 6.15 -21.77
N GLU B 19 22.53 6.29 -21.15
CA GLU B 19 23.44 5.17 -21.07
C GLU B 19 22.80 4.04 -20.33
N GLU B 20 22.15 4.38 -19.22
CA GLU B 20 21.50 3.40 -18.37
C GLU B 20 20.40 2.64 -19.08
N ALA B 21 19.61 3.41 -19.79
CA ALA B 21 18.47 2.86 -20.54
C ALA B 21 18.95 1.96 -21.68
N ASN B 22 19.99 2.37 -22.38
CA ASN B 22 20.55 1.61 -23.51
C ASN B 22 21.07 0.30 -22.99
N LEU B 23 21.87 0.37 -21.91
CA LEU B 23 22.37 -0.84 -21.32
C LEU B 23 21.33 -1.77 -20.72
N PHE B 24 20.28 -1.29 -20.11
CA PHE B 24 19.20 -2.15 -19.64
C PHE B 24 18.60 -2.89 -20.86
N ALA B 25 18.40 -2.15 -21.94
CA ALA B 25 17.88 -2.84 -23.18
C ALA B 25 18.77 -3.99 -23.60
N MET B 26 20.09 -3.76 -23.58
CA MET B 26 20.99 -4.84 -23.89
C MET B 26 20.98 -5.99 -22.95
N GLN B 27 20.89 -5.71 -21.64
CA GLN B 27 20.80 -6.78 -20.65
C GLN B 27 19.55 -7.65 -20.86
N LEU B 28 18.43 -6.98 -21.14
CA LEU B 28 17.20 -7.61 -21.45
C LEU B 28 17.32 -8.53 -22.66
N ALA B 29 17.97 -8.03 -23.68
CA ALA B 29 18.10 -8.78 -24.96
C ALA B 29 18.75 -10.13 -24.76
N SER B 30 19.78 -10.21 -23.92
CA SER B 30 20.47 -11.44 -23.64
C SER B 30 20.22 -12.02 -22.33
N ALA B 31 19.10 -11.70 -21.70
CA ALA B 31 18.81 -12.20 -20.40
C ALA B 31 18.72 -13.72 -20.28
N ALA B 32 18.38 -14.40 -21.37
CA ALA B 32 18.35 -15.86 -21.30
C ALA B 32 19.70 -16.53 -20.87
N VAL B 33 20.83 -15.85 -21.04
CA VAL B 33 22.14 -16.46 -20.71
C VAL B 33 22.18 -16.85 -19.25
N LEU B 34 21.53 -16.10 -18.36
CA LEU B 34 21.60 -16.45 -16.90
C LEU B 34 21.02 -17.81 -16.57
N PRO B 35 19.70 -18.04 -16.84
CA PRO B 35 19.17 -19.37 -16.58
C PRO B 35 19.84 -20.46 -17.42
N MET B 36 20.19 -20.20 -18.67
CA MET B 36 20.84 -21.28 -19.47
C MET B 36 22.26 -21.67 -18.94
N ALA B 37 23.00 -20.69 -18.47
CA ALA B 37 24.32 -20.93 -17.87
C ALA B 37 24.17 -21.65 -16.51
N LEU B 38 23.13 -21.30 -15.71
CA LEU B 38 22.89 -21.91 -14.42
C LEU B 38 22.48 -23.36 -14.66
N LYS B 39 21.65 -23.61 -15.69
CA LYS B 39 21.29 -24.97 -16.08
C LYS B 39 22.52 -25.81 -16.34
N ALA B 40 23.43 -25.30 -17.15
CA ALA B 40 24.61 -26.08 -17.55
C ALA B 40 25.50 -26.34 -16.28
N ALA B 41 25.63 -25.34 -15.43
CA ALA B 41 26.37 -25.55 -14.18
C ALA B 41 25.71 -26.66 -13.31
N ILE B 42 24.40 -26.67 -13.16
CA ILE B 42 23.73 -27.73 -12.51
C ILE B 42 23.95 -29.10 -13.18
N GLU B 43 23.77 -29.17 -14.47
CA GLU B 43 23.90 -30.41 -15.16
C GLU B 43 25.34 -31.00 -15.03
N LEU B 44 26.33 -30.15 -14.88
CA LEU B 44 27.75 -30.60 -14.70
C LEU B 44 28.06 -30.90 -13.24
N ASP B 45 27.10 -30.69 -12.35
CA ASP B 45 27.21 -30.91 -10.94
C ASP B 45 28.15 -29.94 -10.28
N VAL B 46 28.31 -28.78 -10.88
CA VAL B 46 29.25 -27.78 -10.40
C VAL B 46 28.89 -27.29 -8.99
N LEU B 47 27.63 -27.06 -8.69
CA LEU B 47 27.31 -26.50 -7.37
C LEU B 47 27.51 -27.52 -6.27
N GLU B 48 27.17 -28.75 -6.57
CA GLU B 48 27.43 -29.85 -5.59
C GLU B 48 28.94 -30.10 -5.41
N ILE B 49 29.71 -30.01 -6.47
CA ILE B 49 31.19 -30.06 -6.39
C ILE B 49 31.66 -28.99 -5.48
N MET B 50 31.19 -27.79 -5.68
CA MET B 50 31.62 -26.66 -4.86
C MET B 50 31.23 -26.91 -3.41
N ALA B 51 30.02 -27.38 -3.20
CA ALA B 51 29.56 -27.61 -1.85
C ALA B 51 30.41 -28.62 -1.07
N LYS B 52 30.93 -29.62 -1.71
CA LYS B 52 31.65 -30.62 -0.94
C LYS B 52 33.15 -30.32 -0.94
N SER B 53 33.62 -29.50 -1.86
CA SER B 53 35.08 -29.32 -2.15
C SER B 53 35.71 -28.05 -1.65
N VAL B 54 34.88 -27.12 -1.18
CA VAL B 54 35.38 -25.81 -0.83
C VAL B 54 36.20 -26.12 0.38
N PRO B 55 37.53 -25.80 0.30
CA PRO B 55 38.50 -26.02 1.40
C PRO B 55 38.13 -25.20 2.63
N PRO B 56 38.91 -25.33 3.73
CA PRO B 56 38.70 -24.46 4.90
C PRO B 56 38.17 -23.03 4.59
N SER B 57 38.77 -22.37 3.59
CA SER B 57 38.45 -20.94 3.20
C SER B 57 37.01 -20.63 2.71
N GLY B 58 36.40 -21.57 1.96
CA GLY B 58 35.07 -21.30 1.31
C GLY B 58 35.18 -21.13 -0.19
N TYR B 59 36.38 -21.13 -0.78
CA TYR B 59 36.56 -20.75 -2.20
C TYR B 59 37.39 -21.72 -3.02
N ILE B 60 36.98 -22.01 -4.28
CA ILE B 60 37.66 -22.99 -5.14
C ILE B 60 37.83 -22.45 -6.52
N SER B 61 38.96 -22.74 -7.14
CA SER B 61 39.25 -22.30 -8.49
C SER B 61 38.46 -23.09 -9.54
N PRO B 62 38.24 -22.45 -10.66
CA PRO B 62 37.62 -23.29 -11.77
C PRO B 62 38.45 -24.47 -12.21
N ALA B 63 39.78 -24.32 -12.18
CA ALA B 63 40.65 -25.50 -12.39
C ALA B 63 40.37 -26.63 -11.42
N GLU B 64 40.18 -26.36 -10.15
CA GLU B 64 40.01 -27.41 -9.19
C GLU B 64 38.62 -28.00 -9.37
N ILE B 65 37.64 -27.21 -9.83
CA ILE B 65 36.33 -27.75 -10.16
C ILE B 65 36.41 -28.70 -11.41
N ALA B 66 37.11 -28.27 -12.46
CA ALA B 66 37.24 -28.97 -13.78
C ALA B 66 37.97 -30.27 -13.50
N ALA B 67 38.86 -30.26 -12.51
CA ALA B 67 39.52 -31.50 -12.12
C ALA B 67 38.60 -32.59 -11.59
N GLN B 68 37.42 -32.24 -11.08
CA GLN B 68 36.47 -33.29 -10.68
C GLN B 68 35.43 -33.65 -11.72
N LEU B 69 35.60 -33.15 -12.93
CA LEU B 69 34.66 -33.38 -14.02
C LEU B 69 35.29 -34.43 -14.92
N PRO B 70 34.44 -35.22 -15.58
CA PRO B 70 34.97 -36.21 -16.52
C PRO B 70 35.41 -35.55 -17.83
N THR B 71 36.59 -34.97 -17.84
CA THR B 71 37.03 -34.19 -18.97
C THR B 71 38.57 -34.15 -19.00
N THR B 72 39.11 -34.08 -20.22
CA THR B 72 40.52 -33.67 -20.47
C THR B 72 40.61 -32.48 -21.40
N ASN B 73 39.49 -31.76 -21.58
CA ASN B 73 39.47 -30.55 -22.39
C ASN B 73 40.36 -29.51 -21.74
N PRO B 74 41.40 -29.04 -22.45
CA PRO B 74 42.25 -28.01 -21.87
C PRO B 74 41.52 -26.70 -21.52
N GLU B 75 40.42 -26.44 -22.24
CA GLU B 75 39.62 -25.21 -22.06
C GLU B 75 38.58 -25.37 -21.01
N ALA B 76 38.38 -26.54 -20.38
CA ALA B 76 37.29 -26.60 -19.42
C ALA B 76 37.38 -25.57 -18.27
N PRO B 77 38.59 -25.45 -17.66
CA PRO B 77 38.65 -24.50 -16.58
C PRO B 77 38.27 -23.05 -16.94
N VAL B 78 38.77 -22.52 -18.06
CA VAL B 78 38.42 -21.13 -18.47
C VAL B 78 36.93 -21.07 -18.82
N MET B 79 36.39 -22.13 -19.45
CA MET B 79 34.92 -22.09 -19.70
C MET B 79 34.08 -22.09 -18.40
N LEU B 80 34.47 -22.88 -17.39
CA LEU B 80 33.81 -22.85 -16.16
C LEU B 80 33.94 -21.45 -15.49
N ASP B 81 35.13 -20.86 -15.56
CA ASP B 81 35.33 -19.53 -15.03
C ASP B 81 34.38 -18.54 -15.57
N ARG B 82 34.13 -18.65 -16.89
CA ARG B 82 33.27 -17.72 -17.59
C ARG B 82 31.84 -17.86 -17.18
N VAL B 83 31.39 -19.12 -17.06
CA VAL B 83 30.07 -19.40 -16.53
C VAL B 83 29.93 -18.85 -15.09
N LEU B 84 30.87 -19.26 -14.25
CA LEU B 84 30.83 -18.84 -12.87
C LEU B 84 30.90 -17.33 -12.64
N ARG B 85 31.60 -16.62 -13.49
CA ARG B 85 31.65 -15.17 -13.41
C ARG B 85 30.28 -14.57 -13.66
N LEU B 86 29.53 -15.12 -14.64
CA LEU B 86 28.15 -14.69 -14.86
C LEU B 86 27.26 -14.94 -13.68
N LEU B 87 27.35 -16.11 -13.09
CA LEU B 87 26.58 -16.42 -11.92
C LEU B 87 26.92 -15.52 -10.71
N ALA B 88 28.18 -15.25 -10.57
CA ALA B 88 28.67 -14.35 -9.49
C ALA B 88 28.14 -12.92 -9.63
N SER B 89 27.98 -12.39 -10.87
CA SER B 89 27.49 -11.07 -11.05
C SER B 89 26.06 -10.95 -10.57
N TYR B 90 25.32 -12.04 -10.64
CA TYR B 90 23.94 -12.11 -10.15
C TYR B 90 23.77 -12.71 -8.74
N SER B 91 24.87 -12.85 -8.01
CA SER B 91 24.87 -13.33 -6.64
C SER B 91 24.36 -14.77 -6.50
N VAL B 92 24.50 -15.59 -7.54
CA VAL B 92 24.19 -16.98 -7.45
C VAL B 92 25.35 -17.72 -6.81
N VAL B 93 26.59 -17.28 -7.10
CA VAL B 93 27.79 -17.75 -6.38
C VAL B 93 28.53 -16.55 -5.87
N THR B 94 29.49 -16.74 -4.97
CA THR B 94 30.29 -15.59 -4.50
C THR B 94 31.70 -15.76 -5.11
N TYR B 95 32.56 -14.76 -4.98
CA TYR B 95 33.89 -14.85 -5.52
C TYR B 95 34.92 -14.23 -4.59
N THR B 96 36.20 -14.59 -4.80
CA THR B 96 37.30 -13.85 -4.20
C THR B 96 38.34 -13.79 -5.25
N LEU B 97 39.19 -12.78 -5.21
CA LEU B 97 40.19 -12.58 -6.19
C LEU B 97 41.60 -12.88 -5.65
N ARG B 98 42.36 -13.57 -6.42
CA ARG B 98 43.77 -13.84 -6.05
C ARG B 98 44.68 -13.46 -7.18
N GLU B 99 45.84 -12.94 -6.81
CA GLU B 99 46.86 -12.56 -7.80
C GLU B 99 47.63 -13.81 -8.31
N LEU B 100 47.85 -13.90 -9.62
CA LEU B 100 48.62 -14.98 -10.23
C LEU B 100 50.13 -14.59 -10.35
N PRO B 101 51.06 -15.59 -10.47
CA PRO B 101 52.49 -15.26 -10.67
C PRO B 101 52.72 -14.26 -11.80
N SER B 102 51.92 -14.33 -12.86
CA SER B 102 52.04 -13.37 -13.92
C SER B 102 51.58 -11.92 -13.58
N GLY B 103 50.98 -11.71 -12.40
CA GLY B 103 50.29 -10.46 -12.09
C GLY B 103 48.88 -10.35 -12.68
N LYS B 104 48.43 -11.38 -13.38
CA LYS B 104 47.06 -11.48 -13.81
C LYS B 104 46.27 -11.98 -12.55
N VAL B 105 44.97 -11.84 -12.62
CA VAL B 105 44.09 -12.15 -11.49
C VAL B 105 43.29 -13.38 -11.82
N GLU B 106 43.01 -14.19 -10.80
CA GLU B 106 42.17 -15.35 -10.99
C GLU B 106 41.03 -15.19 -10.00
N ARG B 107 39.88 -15.69 -10.40
CA ARG B 107 38.75 -15.65 -9.52
C ARG B 107 38.66 -17.06 -8.91
N LEU B 108 38.34 -17.11 -7.64
CA LEU B 108 37.94 -18.38 -6.96
C LEU B 108 36.48 -18.16 -6.55
N TYR B 109 35.73 -19.22 -6.51
CA TYR B 109 34.32 -19.16 -6.32
C TYR B 109 33.83 -19.90 -5.09
N GLY B 110 32.77 -19.37 -4.49
CA GLY B 110 32.08 -20.06 -3.44
C GLY B 110 30.54 -20.01 -3.58
N LEU B 111 29.87 -20.72 -2.67
CA LEU B 111 28.42 -20.87 -2.72
C LEU B 111 27.74 -19.66 -2.07
N ALA B 112 26.80 -19.02 -2.76
CA ALA B 112 26.04 -17.91 -2.19
C ALA B 112 24.84 -18.45 -1.46
N PRO B 113 24.14 -17.64 -0.69
CA PRO B 113 23.02 -18.14 0.10
C PRO B 113 21.95 -18.86 -0.72
N VAL B 114 21.67 -18.42 -1.94
CA VAL B 114 20.66 -19.14 -2.79
C VAL B 114 21.03 -20.55 -3.03
N CYS B 115 22.35 -20.89 -3.01
CA CYS B 115 22.77 -22.24 -3.23
C CYS B 115 22.27 -23.27 -2.25
N LYS B 116 21.84 -22.85 -1.09
CA LYS B 116 21.21 -23.75 -0.13
C LYS B 116 19.98 -24.41 -0.80
N PHE B 117 19.31 -23.69 -1.72
CA PHE B 117 18.16 -24.25 -2.46
C PHE B 117 18.45 -24.77 -3.85
N LEU B 118 19.71 -24.81 -4.26
CA LEU B 118 20.13 -25.36 -5.52
C LEU B 118 21.11 -26.56 -5.36
N THR B 119 21.32 -26.96 -4.12
CA THR B 119 22.15 -28.14 -3.80
C THR B 119 21.37 -28.91 -2.75
N LYS B 120 21.64 -30.19 -2.66
CA LYS B 120 20.79 -31.06 -1.81
C LYS B 120 20.86 -30.70 -0.36
N ASN B 121 19.74 -30.65 0.37
CA ASN B 121 19.74 -30.43 1.79
C ASN B 121 19.91 -31.81 2.56
N GLU B 122 19.66 -31.81 3.88
CA GLU B 122 19.80 -33.04 4.72
C GLU B 122 18.87 -34.14 4.21
N ASP B 123 17.70 -33.78 3.73
CA ASP B 123 16.79 -34.76 3.15
C ASP B 123 17.02 -35.14 1.69
N GLY B 124 18.12 -34.68 1.06
CA GLY B 124 18.41 -35.05 -0.31
C GLY B 124 17.61 -34.30 -1.38
N VAL B 125 17.06 -33.12 -1.05
CA VAL B 125 16.24 -32.35 -1.99
C VAL B 125 16.72 -30.89 -2.12
N SER B 126 16.50 -30.33 -3.28
CA SER B 126 16.65 -28.90 -3.53
C SER B 126 15.70 -28.53 -4.67
N LEU B 127 15.81 -27.31 -5.14
CA LEU B 127 15.03 -26.81 -6.26
C LEU B 127 15.76 -26.97 -7.59
N ALA B 128 16.95 -27.54 -7.59
CA ALA B 128 17.73 -27.75 -8.81
C ALA B 128 16.90 -28.55 -9.87
N PRO B 129 16.21 -29.60 -9.46
CA PRO B 129 15.37 -30.32 -10.47
C PRO B 129 14.24 -29.48 -11.05
N PHE B 130 13.73 -28.56 -10.25
CA PHE B 130 12.80 -27.61 -10.72
C PHE B 130 13.40 -26.64 -11.70
N LEU B 131 14.61 -26.14 -11.45
CA LEU B 131 15.28 -25.36 -12.47
C LEU B 131 15.48 -26.15 -13.81
N LEU B 132 15.85 -27.42 -13.71
CA LEU B 132 16.04 -28.19 -14.94
C LEU B 132 14.74 -28.34 -15.74
N LEU B 133 13.63 -28.46 -15.03
CA LEU B 133 12.32 -28.46 -15.63
C LEU B 133 12.07 -27.14 -16.32
N ALA B 134 12.16 -26.06 -15.54
CA ALA B 134 11.86 -24.74 -16.16
C ALA B 134 12.67 -24.37 -17.35
N THR B 135 13.94 -24.79 -17.42
CA THR B 135 14.84 -24.48 -18.53
C THR B 135 14.94 -25.55 -19.61
N ASP B 136 14.07 -26.56 -19.57
CA ASP B 136 14.14 -27.62 -20.52
C ASP B 136 13.74 -27.14 -21.92
N LYS B 137 14.48 -27.58 -22.94
CA LYS B 137 14.17 -27.29 -24.33
C LYS B 137 12.65 -27.42 -24.64
N VAL B 138 12.02 -28.47 -24.10
CA VAL B 138 10.60 -28.68 -24.32
C VAL B 138 9.79 -27.49 -23.85
N LEU B 139 10.11 -26.94 -22.66
CA LEU B 139 9.35 -25.87 -22.08
C LEU B 139 9.76 -24.46 -22.57
N LEU B 140 10.84 -24.36 -23.31
CA LEU B 140 11.22 -23.13 -23.97
C LEU B 140 10.46 -22.93 -25.28
N GLU B 141 10.27 -24.01 -26.03
CA GLU B 141 9.74 -23.95 -27.38
C GLU B 141 8.37 -23.23 -27.48
N PRO B 142 7.48 -23.39 -26.48
CA PRO B 142 6.21 -22.67 -26.64
C PRO B 142 6.31 -21.19 -26.76
N TRP B 143 7.36 -20.61 -26.17
CA TRP B 143 7.58 -19.17 -26.24
C TRP B 143 7.73 -18.61 -27.64
N PHE B 144 8.12 -19.44 -28.63
CA PHE B 144 8.25 -18.96 -29.96
C PHE B 144 6.89 -18.88 -30.68
N TYR B 145 5.84 -19.25 -30.01
CA TYR B 145 4.48 -19.26 -30.51
C TYR B 145 3.55 -18.38 -29.71
N LEU B 146 4.05 -17.53 -28.83
CA LEU B 146 3.18 -16.72 -28.06
C LEU B 146 2.50 -15.63 -28.91
N LYS B 147 3.25 -14.95 -29.76
CA LYS B 147 2.69 -13.97 -30.72
C LYS B 147 1.56 -14.62 -31.53
N ASP B 148 1.76 -15.84 -32.04
CA ASP B 148 0.71 -16.49 -32.84
C ASP B 148 -0.56 -16.76 -31.98
N ALA B 149 -0.40 -17.28 -30.76
CA ALA B 149 -1.52 -17.51 -29.88
C ALA B 149 -2.30 -16.24 -29.57
N ILE B 150 -1.61 -15.13 -29.30
CA ILE B 150 -2.30 -13.83 -29.10
C ILE B 150 -3.07 -13.39 -30.35
N LEU B 151 -2.46 -13.46 -31.53
CA LEU B 151 -3.14 -12.94 -32.75
C LEU B 151 -4.15 -13.96 -33.30
N GLU B 152 -3.84 -15.26 -33.25
CA GLU B 152 -4.69 -16.22 -33.97
C GLU B 152 -5.57 -17.03 -33.06
N GLY B 153 -5.40 -16.87 -31.72
CA GLY B 153 -6.13 -17.67 -30.73
C GLY B 153 -5.36 -18.88 -30.30
N GLY B 154 -5.74 -19.41 -29.17
CA GLY B 154 -5.25 -20.70 -28.71
C GLY B 154 -4.13 -20.58 -27.69
N ILE B 155 -3.28 -21.58 -27.70
CA ILE B 155 -2.37 -21.81 -26.57
C ILE B 155 -1.00 -22.07 -27.14
N PRO B 156 0.01 -21.29 -26.71
CA PRO B 156 1.35 -21.48 -27.31
C PRO B 156 1.94 -22.90 -27.26
N PHE B 157 1.73 -23.62 -26.16
CA PHE B 157 2.22 -24.99 -26.09
C PHE B 157 1.60 -25.87 -27.21
N ASN B 158 0.29 -25.71 -27.38
CA ASN B 158 -0.41 -26.52 -28.35
C ASN B 158 0.03 -26.22 -29.76
N LYS B 159 0.37 -25.00 -30.05
CA LYS B 159 0.91 -24.68 -31.32
C LYS B 159 2.28 -25.29 -31.62
N ALA B 160 3.08 -25.41 -30.58
CA ALA B 160 4.40 -26.02 -30.71
C ALA B 160 4.29 -27.54 -30.86
N TYR B 161 3.40 -28.17 -30.12
CA TYR B 161 3.41 -29.62 -30.02
C TYR B 161 2.15 -30.35 -30.56
N GLY B 162 1.11 -29.61 -30.94
CA GLY B 162 -0.10 -30.25 -31.48
C GLY B 162 -1.01 -30.93 -30.48
N MET B 163 -0.82 -30.72 -29.17
CA MET B 163 -1.63 -31.28 -28.14
C MET B 163 -1.40 -30.53 -26.80
N ASN B 164 -2.24 -30.76 -25.80
CA ASN B 164 -2.04 -30.10 -24.52
C ASN B 164 -0.81 -30.68 -23.81
N ILE B 165 -0.33 -29.88 -22.87
CA ILE B 165 0.87 -30.23 -22.12
C ILE B 165 0.82 -31.63 -21.45
N TRP B 166 -0.31 -32.01 -20.85
CA TRP B 166 -0.44 -33.25 -20.08
C TRP B 166 -0.37 -34.43 -21.08
N ASP B 167 -1.10 -34.31 -22.20
CA ASP B 167 -0.98 -35.33 -23.24
C ASP B 167 0.41 -35.38 -23.79
N TYR B 168 1.08 -34.23 -23.94
CA TYR B 168 2.41 -34.24 -24.45
C TYR B 168 3.33 -35.05 -23.46
N PHE B 169 3.21 -34.78 -22.16
CA PHE B 169 4.02 -35.52 -21.17
C PHE B 169 3.75 -37.03 -21.27
N GLY B 170 2.53 -37.45 -21.57
CA GLY B 170 2.26 -38.86 -21.85
C GLY B 170 2.90 -39.43 -23.11
N THR B 171 3.43 -38.62 -24.01
CA THR B 171 4.22 -39.05 -25.14
C THR B 171 5.73 -38.94 -25.10
N ASP B 172 6.25 -38.20 -24.11
CA ASP B 172 7.68 -37.87 -24.06
C ASP B 172 8.08 -38.23 -22.61
N HIS B 173 8.51 -39.49 -22.40
CA HIS B 173 8.90 -40.00 -21.11
C HIS B 173 10.04 -39.19 -20.41
N ARG B 174 10.98 -38.72 -21.18
CA ARG B 174 12.02 -37.92 -20.64
C ARG B 174 11.45 -36.69 -19.90
N ILE B 175 10.60 -35.88 -20.57
CA ILE B 175 10.18 -34.64 -19.99
C ILE B 175 9.14 -34.97 -18.95
N ASN B 176 8.43 -36.08 -19.05
CA ASN B 176 7.48 -36.47 -18.01
C ASN B 176 8.24 -36.66 -16.71
N LYS B 177 9.31 -37.41 -16.80
CA LYS B 177 10.14 -37.64 -15.61
C LYS B 177 10.80 -36.36 -15.04
N VAL B 178 11.29 -35.50 -15.93
CA VAL B 178 11.88 -34.18 -15.54
C VAL B 178 10.80 -33.37 -14.81
N PHE B 179 9.59 -33.29 -15.36
CA PHE B 179 8.52 -32.52 -14.73
C PHE B 179 8.11 -33.06 -13.44
N ASN B 180 7.86 -34.38 -13.38
CA ASN B 180 7.36 -34.92 -12.13
C ASN B 180 8.39 -34.73 -10.97
N LYS B 181 9.65 -34.89 -11.33
CA LYS B 181 10.74 -34.76 -10.35
C LYS B 181 10.87 -33.29 -9.93
N GLY B 182 10.72 -32.37 -10.86
CA GLY B 182 10.87 -30.93 -10.54
C GLY B 182 9.76 -30.49 -9.64
N MET B 183 8.53 -30.97 -9.91
CA MET B 183 7.39 -30.78 -9.01
C MET B 183 7.61 -31.43 -7.62
N SER B 184 8.10 -32.64 -7.65
CA SER B 184 8.24 -33.44 -6.38
C SER B 184 9.21 -32.74 -5.41
N SER B 185 10.34 -32.36 -5.93
CA SER B 185 11.36 -31.70 -5.11
C SER B 185 10.91 -30.34 -4.61
N ASN B 186 10.33 -29.50 -5.48
CA ASN B 186 9.78 -28.25 -5.06
C ASN B 186 8.71 -28.37 -4.02
N SER B 187 7.82 -29.32 -4.19
CA SER B 187 6.72 -29.49 -3.28
C SER B 187 7.21 -30.11 -1.96
N THR B 188 8.25 -30.89 -2.00
CA THR B 188 8.82 -31.48 -0.73
C THR B 188 9.30 -30.34 0.18
N ILE B 189 10.00 -29.39 -0.43
CA ILE B 189 10.52 -28.27 0.31
C ILE B 189 9.41 -27.40 0.87
N THR B 190 8.44 -27.05 0.02
CA THR B 190 7.36 -26.26 0.47
C THR B 190 6.53 -26.91 1.53
N MET B 191 6.18 -28.19 1.32
CA MET B 191 5.25 -28.87 2.26
C MET B 191 5.90 -29.23 3.60
N LYS B 192 7.15 -29.47 3.61
CA LYS B 192 7.87 -29.62 4.87
C LYS B 192 7.66 -28.41 5.78
N LYS B 193 7.79 -27.22 5.21
CA LYS B 193 7.58 -26.02 5.93
C LYS B 193 6.10 -25.83 6.30
N ILE B 194 5.17 -26.13 5.39
CA ILE B 194 3.75 -26.08 5.70
C ILE B 194 3.33 -26.95 6.90
N LEU B 195 3.79 -28.19 6.85
CA LEU B 195 3.49 -29.15 7.89
C LEU B 195 4.02 -28.77 9.31
N GLU B 196 5.04 -27.95 9.41
CA GLU B 196 5.45 -27.47 10.74
C GLU B 196 4.43 -26.49 11.32
N MET B 197 3.58 -25.87 10.51
CA MET B 197 2.73 -24.77 10.97
C MET B 197 1.22 -24.97 10.84
N TYR B 198 0.85 -25.74 9.84
CA TYR B 198 -0.54 -25.97 9.52
C TYR B 198 -1.02 -27.26 10.12
N ASN B 199 -2.13 -27.15 10.87
CA ASN B 199 -2.71 -28.23 11.64
C ASN B 199 -3.87 -28.93 10.95
N GLY B 200 -4.18 -28.51 9.72
CA GLY B 200 -5.38 -28.90 9.08
C GLY B 200 -5.57 -30.37 8.76
N PHE B 201 -4.49 -31.15 8.64
CA PHE B 201 -4.60 -32.58 8.36
C PHE B 201 -4.81 -33.43 9.63
N GLU B 202 -4.71 -32.81 10.80
CA GLU B 202 -4.79 -33.55 12.06
C GLU B 202 -6.10 -34.27 12.26
N GLY B 203 -6.02 -35.57 12.50
CA GLY B 203 -7.15 -36.37 12.99
C GLY B 203 -8.22 -36.59 11.95
N LEU B 204 -7.78 -36.64 10.70
CA LEU B 204 -8.58 -37.12 9.62
C LEU B 204 -8.21 -38.56 9.38
N THR B 205 -9.13 -39.31 8.83
CA THR B 205 -8.84 -40.68 8.45
C THR B 205 -8.25 -40.85 7.05
N THR B 206 -8.82 -40.16 6.09
CA THR B 206 -8.44 -40.29 4.72
C THR B 206 -8.27 -38.91 4.05
N ILE B 207 -7.22 -38.77 3.28
CA ILE B 207 -6.93 -37.53 2.54
C ILE B 207 -6.67 -37.98 1.14
N VAL B 208 -7.12 -37.20 0.17
CA VAL B 208 -6.86 -37.50 -1.19
C VAL B 208 -6.08 -36.31 -1.75
N ASP B 209 -4.95 -36.58 -2.40
CA ASP B 209 -4.20 -35.50 -3.04
C ASP B 209 -4.54 -35.61 -4.54
N VAL B 210 -5.40 -34.69 -5.04
CA VAL B 210 -5.80 -34.75 -6.44
C VAL B 210 -4.77 -34.00 -7.25
N GLY B 211 -4.19 -34.66 -8.26
CA GLY B 211 -3.13 -34.13 -9.05
C GLY B 211 -1.86 -34.14 -8.20
N GLY B 212 -1.75 -35.16 -7.36
CA GLY B 212 -0.62 -35.28 -6.37
C GLY B 212 0.71 -35.65 -7.04
N GLY B 213 0.74 -35.81 -8.36
CA GLY B 213 1.97 -36.17 -9.07
C GLY B 213 2.52 -37.54 -8.72
N THR B 214 3.83 -37.61 -8.45
CA THR B 214 4.43 -38.90 -8.05
C THR B 214 4.30 -39.19 -6.56
N GLY B 215 3.61 -38.34 -5.81
CA GLY B 215 3.12 -38.64 -4.50
C GLY B 215 3.97 -38.18 -3.32
N ALA B 216 4.94 -37.27 -3.56
CA ALA B 216 5.68 -36.60 -2.47
C ALA B 216 4.80 -36.09 -1.35
N VAL B 217 3.76 -35.30 -1.64
CA VAL B 217 2.99 -34.71 -0.60
C VAL B 217 2.20 -35.74 0.21
N ALA B 218 1.58 -36.70 -0.48
CA ALA B 218 0.80 -37.70 0.24
C ALA B 218 1.75 -38.43 1.23
N SER B 219 2.94 -38.75 0.77
CA SER B 219 3.88 -39.50 1.62
C SER B 219 4.36 -38.68 2.82
N MET B 220 4.58 -37.38 2.67
CA MET B 220 4.86 -36.53 3.82
C MET B 220 3.73 -36.39 4.79
N ILE B 221 2.50 -36.39 4.32
CA ILE B 221 1.35 -36.26 5.21
C ILE B 221 1.21 -37.55 6.11
N VAL B 222 1.28 -38.71 5.46
CA VAL B 222 1.15 -40.00 6.20
C VAL B 222 2.33 -40.20 7.13
N ALA B 223 3.52 -39.71 6.73
CA ALA B 223 4.72 -39.79 7.60
C ALA B 223 4.56 -38.97 8.86
N LYS B 224 3.88 -37.83 8.79
CA LYS B 224 3.57 -37.06 9.99
C LYS B 224 2.37 -37.58 10.76
N TYR B 225 1.39 -38.13 10.06
CA TYR B 225 0.15 -38.48 10.70
C TYR B 225 -0.12 -39.92 10.35
N PRO B 226 0.58 -40.82 11.03
CA PRO B 226 0.50 -42.23 10.62
C PRO B 226 -0.89 -42.86 10.77
N SER B 227 -1.86 -42.25 11.43
CA SER B 227 -3.22 -42.87 11.38
C SER B 227 -4.02 -42.43 10.17
N ILE B 228 -3.37 -41.74 9.23
CA ILE B 228 -4.02 -41.23 8.03
C ILE B 228 -3.71 -42.15 6.92
N ASN B 229 -4.74 -42.57 6.20
CA ASN B 229 -4.49 -43.26 4.99
C ASN B 229 -4.69 -42.26 3.81
N ALA B 230 -3.82 -42.31 2.80
CA ALA B 230 -3.83 -41.29 1.76
C ALA B 230 -4.03 -41.95 0.44
N ILE B 231 -4.78 -41.26 -0.42
CA ILE B 231 -4.76 -41.64 -1.80
C ILE B 231 -4.13 -40.53 -2.66
N ASN B 232 -3.13 -40.89 -3.44
CA ASN B 232 -2.47 -40.06 -4.41
C ASN B 232 -3.04 -40.23 -5.79
N PHE B 233 -3.68 -39.18 -6.31
CA PHE B 233 -4.51 -39.31 -7.52
C PHE B 233 -3.97 -38.43 -8.58
N ASP B 234 -3.60 -39.00 -9.74
CA ASP B 234 -3.12 -38.24 -10.89
C ASP B 234 -3.38 -39.02 -12.22
N LEU B 235 -2.84 -38.54 -13.32
CA LEU B 235 -3.02 -39.25 -14.61
C LEU B 235 -2.23 -40.57 -14.64
N PRO B 236 -2.75 -41.55 -15.41
CA PRO B 236 -1.98 -42.84 -15.43
C PRO B 236 -0.50 -42.73 -15.81
N HIS B 237 -0.14 -41.91 -16.79
CA HIS B 237 1.26 -41.79 -17.19
C HIS B 237 2.17 -41.19 -16.07
N VAL B 238 1.55 -40.58 -15.06
CA VAL B 238 2.26 -40.05 -13.90
C VAL B 238 2.30 -41.12 -12.78
N ILE B 239 1.12 -41.66 -12.49
CA ILE B 239 0.97 -42.66 -11.45
C ILE B 239 1.87 -43.86 -11.69
N GLN B 240 2.15 -44.20 -12.95
CA GLN B 240 2.94 -45.41 -13.20
C GLN B 240 4.41 -45.28 -12.82
N ASP B 241 4.85 -44.06 -12.54
CA ASP B 241 6.18 -43.75 -12.06
C ASP B 241 6.22 -43.37 -10.59
N ALA B 242 5.09 -43.44 -9.90
CA ALA B 242 5.04 -43.03 -8.50
C ALA B 242 5.64 -44.13 -7.64
N PRO B 243 6.63 -43.82 -6.79
CA PRO B 243 7.23 -44.89 -5.97
C PRO B 243 6.29 -45.31 -4.89
N ALA B 244 6.24 -46.60 -4.58
CA ALA B 244 5.48 -46.99 -3.44
C ALA B 244 5.91 -46.34 -2.13
N PHE B 245 4.93 -46.14 -1.28
CA PHE B 245 5.20 -45.65 0.03
C PHE B 245 4.03 -46.11 0.93
N SER B 246 4.35 -46.62 2.11
CA SER B 246 3.37 -47.23 2.99
C SER B 246 2.42 -46.21 3.52
N GLY B 247 1.13 -46.55 3.54
CA GLY B 247 0.03 -45.63 3.83
C GLY B 247 -0.47 -44.83 2.61
N VAL B 248 0.18 -44.97 1.44
CA VAL B 248 -0.20 -44.22 0.23
C VAL B 248 -0.68 -45.20 -0.83
N GLU B 249 -1.94 -45.00 -1.20
CA GLU B 249 -2.49 -45.67 -2.38
C GLU B 249 -2.47 -44.76 -3.59
N HIS B 250 -1.73 -45.15 -4.61
CA HIS B 250 -1.65 -44.44 -5.88
C HIS B 250 -2.79 -44.89 -6.78
N LEU B 251 -3.45 -43.93 -7.43
CA LEU B 251 -4.58 -44.23 -8.29
C LEU B 251 -4.58 -43.29 -9.49
N GLY B 252 -4.57 -43.89 -10.69
CA GLY B 252 -4.65 -43.23 -12.00
C GLY B 252 -6.11 -42.88 -12.31
N GLY B 253 -6.35 -41.70 -12.94
CA GLY B 253 -7.70 -41.34 -13.30
C GLY B 253 -7.68 -39.97 -13.92
N ASP B 254 -8.87 -39.41 -14.08
CA ASP B 254 -9.02 -38.05 -14.64
C ASP B 254 -9.95 -37.32 -13.72
N MET B 255 -9.43 -36.28 -13.05
CA MET B 255 -10.17 -35.64 -12.03
C MET B 255 -11.41 -34.89 -12.54
N PHE B 256 -11.44 -34.64 -13.84
CA PHE B 256 -12.65 -34.02 -14.47
C PHE B 256 -13.82 -34.97 -14.57
N ASP B 257 -13.50 -36.26 -14.55
CA ASP B 257 -14.53 -37.34 -14.45
C ASP B 257 -15.01 -37.58 -13.05
N GLY B 258 -14.20 -37.30 -12.05
CA GLY B 258 -14.56 -37.49 -10.67
C GLY B 258 -13.27 -37.66 -9.89
N VAL B 259 -13.36 -37.58 -8.57
CA VAL B 259 -12.19 -37.84 -7.73
C VAL B 259 -12.52 -38.81 -6.63
N PRO B 260 -11.51 -39.50 -6.11
CA PRO B 260 -11.72 -40.44 -4.97
C PRO B 260 -12.31 -39.85 -3.71
N LYS B 261 -13.06 -40.64 -2.92
CA LYS B 261 -13.62 -40.12 -1.68
C LYS B 261 -12.56 -39.94 -0.58
N GLY B 262 -12.75 -38.96 0.29
CA GLY B 262 -11.92 -38.90 1.49
C GLY B 262 -12.54 -37.86 2.35
N ASP B 263 -11.98 -37.69 3.56
CA ASP B 263 -12.46 -36.72 4.54
C ASP B 263 -12.12 -35.30 4.17
N ALA B 264 -11.01 -35.19 3.46
CA ALA B 264 -10.50 -33.95 2.90
C ALA B 264 -9.78 -34.22 1.60
N ILE B 265 -9.81 -33.24 0.71
CA ILE B 265 -9.04 -33.33 -0.54
C ILE B 265 -8.01 -32.18 -0.54
N PHE B 266 -6.83 -32.46 -1.05
CA PHE B 266 -5.74 -31.55 -1.13
C PHE B 266 -5.44 -31.32 -2.63
N ILE B 267 -5.47 -30.06 -3.09
CA ILE B 267 -5.01 -29.71 -4.44
C ILE B 267 -3.93 -28.60 -4.44
N LYS B 268 -2.72 -28.98 -4.83
CA LYS B 268 -1.64 -28.03 -4.89
C LYS B 268 -1.23 -27.77 -6.33
N TRP B 269 -1.18 -26.49 -6.74
CA TRP B 269 -0.82 -26.13 -8.09
C TRP B 269 -1.67 -26.85 -9.19
N ILE B 270 -2.94 -27.01 -8.83
CA ILE B 270 -3.94 -27.61 -9.73
C ILE B 270 -4.79 -26.47 -10.24
N CYS B 271 -5.49 -25.74 -9.39
CA CYS B 271 -6.32 -24.61 -9.83
C CYS B 271 -5.60 -23.65 -10.79
N HIS B 272 -4.31 -23.36 -10.55
CA HIS B 272 -3.63 -22.41 -11.43
C HIS B 272 -3.39 -22.89 -12.86
N ASP B 273 -3.60 -24.18 -13.12
CA ASP B 273 -3.44 -24.72 -14.43
C ASP B 273 -4.69 -24.60 -15.31
N TRP B 274 -5.84 -24.23 -14.75
CA TRP B 274 -7.10 -24.30 -15.38
C TRP B 274 -7.88 -23.01 -15.33
N SER B 275 -8.81 -22.86 -16.28
CA SER B 275 -9.69 -21.71 -16.29
C SER B 275 -10.69 -21.76 -15.10
N ASP B 276 -11.34 -20.62 -14.86
CA ASP B 276 -12.39 -20.58 -13.85
C ASP B 276 -13.39 -21.72 -14.09
N GLU B 277 -13.81 -21.90 -15.33
CA GLU B 277 -14.87 -22.86 -15.56
C GLU B 277 -14.43 -24.27 -15.24
N HIS B 278 -13.25 -24.63 -15.69
CA HIS B 278 -12.69 -25.88 -15.34
C HIS B 278 -12.39 -26.02 -13.85
N CYS B 279 -11.98 -24.97 -13.18
CA CYS B 279 -11.83 -25.07 -11.68
C CYS B 279 -13.18 -25.36 -11.05
N LEU B 280 -14.23 -24.73 -11.54
CA LEU B 280 -15.58 -25.04 -10.98
C LEU B 280 -15.94 -26.50 -11.11
N LYS B 281 -15.62 -27.08 -12.25
CA LYS B 281 -15.89 -28.50 -12.49
C LYS B 281 -15.16 -29.41 -11.57
N LEU B 282 -13.86 -29.20 -11.46
CA LEU B 282 -13.05 -29.95 -10.47
C LEU B 282 -13.52 -29.74 -9.08
N LEU B 283 -13.81 -28.50 -8.72
CA LEU B 283 -14.20 -28.20 -7.34
C LEU B 283 -15.57 -28.81 -6.98
N LYS B 284 -16.46 -28.92 -7.97
CA LYS B 284 -17.73 -29.59 -7.75
C LYS B 284 -17.56 -31.05 -7.62
N ASN B 285 -16.60 -31.60 -8.33
CA ASN B 285 -16.24 -33.01 -8.19
C ASN B 285 -15.67 -33.29 -6.84
N CYS B 286 -14.81 -32.40 -6.35
CA CYS B 286 -14.36 -32.52 -4.98
C CYS B 286 -15.47 -32.46 -3.92
N TYR B 287 -16.30 -31.46 -4.01
CA TYR B 287 -17.45 -31.32 -3.15
C TYR B 287 -18.22 -32.67 -3.05
N ALA B 288 -18.45 -33.32 -4.19
CA ALA B 288 -19.32 -34.48 -4.24
C ALA B 288 -18.59 -35.64 -3.58
N ALA B 289 -17.26 -35.62 -3.61
CA ALA B 289 -16.45 -36.67 -3.00
C ALA B 289 -16.19 -36.55 -1.50
N LEU B 290 -16.63 -35.48 -0.87
CA LEU B 290 -16.37 -35.30 0.55
C LEU B 290 -17.63 -35.70 1.32
N PRO B 291 -17.51 -35.98 2.63
CA PRO B 291 -18.68 -36.11 3.45
C PRO B 291 -19.37 -34.78 3.62
N ASP B 292 -20.42 -34.78 4.41
CA ASP B 292 -21.21 -33.56 4.52
C ASP B 292 -20.48 -32.38 5.10
N HIS B 293 -19.47 -32.60 5.92
CA HIS B 293 -18.75 -31.45 6.48
C HIS B 293 -17.25 -31.33 6.07
N GLY B 294 -16.84 -32.00 5.02
CA GLY B 294 -15.41 -32.03 4.71
C GLY B 294 -14.88 -30.71 4.16
N LYS B 295 -13.62 -30.76 3.75
CA LYS B 295 -13.01 -29.53 3.21
C LYS B 295 -12.06 -29.87 2.07
N VAL B 296 -11.85 -28.92 1.17
CA VAL B 296 -10.75 -28.96 0.15
C VAL B 296 -9.65 -28.02 0.69
N ILE B 297 -8.42 -28.47 0.64
CA ILE B 297 -7.24 -27.74 1.12
C ILE B 297 -6.50 -27.35 -0.19
N VAL B 298 -6.46 -26.07 -0.47
CA VAL B 298 -5.94 -25.55 -1.75
C VAL B 298 -4.62 -24.81 -1.51
N ALA B 299 -3.58 -25.25 -2.19
CA ALA B 299 -2.25 -24.66 -2.03
C ALA B 299 -1.81 -24.02 -3.34
N GLU B 300 -1.77 -22.69 -3.36
CA GLU B 300 -1.52 -21.91 -4.56
C GLU B 300 -0.84 -20.60 -4.14
N TYR B 301 -0.10 -20.02 -5.08
CA TYR B 301 0.23 -18.62 -4.96
C TYR B 301 -1.06 -17.70 -4.97
N ILE B 302 -0.91 -16.51 -4.41
CA ILE B 302 -1.92 -15.49 -4.46
C ILE B 302 -1.35 -14.32 -5.15
N LEU B 303 -2.03 -13.87 -6.18
CA LEU B 303 -1.55 -12.73 -6.93
C LEU B 303 -1.45 -11.53 -6.05
N PRO B 304 -0.31 -10.86 -6.05
CA PRO B 304 -0.29 -9.59 -5.32
C PRO B 304 -1.07 -8.45 -5.99
N PRO B 305 -1.33 -7.37 -5.21
CA PRO B 305 -2.18 -6.25 -5.70
C PRO B 305 -1.65 -5.46 -6.86
N SER B 306 -0.34 -5.40 -7.04
CA SER B 306 0.26 -4.64 -8.12
C SER B 306 1.49 -5.40 -8.66
N PRO B 307 1.99 -5.02 -9.83
CA PRO B 307 3.28 -5.61 -10.35
C PRO B 307 4.49 -4.86 -9.80
N ASP B 308 4.68 -5.01 -8.52
CA ASP B 308 5.77 -4.43 -7.78
C ASP B 308 7.07 -5.20 -8.02
N PRO B 309 8.22 -4.56 -7.66
CA PRO B 309 9.46 -5.20 -8.19
C PRO B 309 10.07 -6.27 -7.27
N SER B 310 9.38 -6.67 -6.22
CA SER B 310 9.93 -7.66 -5.23
C SER B 310 10.05 -9.02 -5.86
N ILE B 311 11.02 -9.76 -5.40
CA ILE B 311 11.25 -11.09 -5.89
C ILE B 311 10.03 -11.94 -5.68
N ALA B 312 9.43 -11.88 -4.48
CA ALA B 312 8.20 -12.63 -4.25
C ALA B 312 7.11 -12.41 -5.29
N THR B 313 6.83 -11.15 -5.58
CA THR B 313 5.88 -10.81 -6.59
C THR B 313 6.28 -11.31 -7.99
N LYS B 314 7.54 -11.11 -8.35
CA LYS B 314 8.08 -11.62 -9.59
C LYS B 314 7.90 -13.12 -9.77
N VAL B 315 8.10 -13.90 -8.74
CA VAL B 315 7.86 -15.31 -8.84
C VAL B 315 6.39 -15.61 -9.19
N VAL B 316 5.47 -14.92 -8.57
CA VAL B 316 4.07 -15.24 -8.88
C VAL B 316 3.76 -14.75 -10.33
N ILE B 317 4.25 -13.57 -10.70
CA ILE B 317 4.01 -13.06 -12.06
C ILE B 317 4.72 -13.91 -13.10
N HIS B 318 5.97 -14.33 -12.86
CA HIS B 318 6.59 -15.34 -13.72
C HIS B 318 5.67 -16.55 -13.97
N THR B 319 5.09 -17.04 -12.90
CA THR B 319 4.30 -18.25 -12.91
C THR B 319 3.01 -17.99 -13.69
N ASP B 320 2.39 -16.83 -13.48
CA ASP B 320 1.28 -16.42 -14.32
C ASP B 320 1.64 -16.48 -15.81
N ALA B 321 2.81 -15.97 -16.19
CA ALA B 321 3.24 -16.03 -17.58
C ALA B 321 3.50 -17.45 -18.09
N LEU B 322 4.08 -18.31 -17.25
CA LEU B 322 4.18 -19.73 -17.59
C LEU B 322 2.83 -20.35 -17.85
N MET B 323 1.87 -20.04 -16.99
CA MET B 323 0.48 -20.59 -17.21
C MET B 323 -0.09 -20.12 -18.59
N LEU B 324 0.19 -18.89 -18.98
CA LEU B 324 -0.21 -18.37 -20.30
C LEU B 324 0.41 -19.13 -21.48
N ALA B 325 1.71 -19.44 -21.39
CA ALA B 325 2.36 -20.18 -22.43
C ALA B 325 1.91 -21.67 -22.48
N TYR B 326 1.63 -22.30 -21.33
CA TYR B 326 1.43 -23.77 -21.30
C TYR B 326 -0.01 -24.24 -21.21
N ASN B 327 -0.93 -23.48 -20.65
CA ASN B 327 -2.18 -24.11 -20.14
C ASN B 327 -3.40 -23.45 -20.70
N PRO B 328 -4.54 -24.22 -20.77
CA PRO B 328 -5.79 -23.67 -21.37
C PRO B 328 -6.63 -22.74 -20.43
N GLY B 329 -6.13 -21.54 -20.15
CA GLY B 329 -6.87 -20.65 -19.28
C GLY B 329 -6.32 -20.67 -17.86
N GLY B 330 -5.30 -21.49 -17.60
CA GLY B 330 -4.60 -21.35 -16.33
C GLY B 330 -4.03 -19.94 -16.13
N LYS B 331 -3.85 -19.59 -14.87
CA LYS B 331 -3.51 -18.21 -14.48
C LYS B 331 -3.39 -18.19 -12.95
N GLU B 332 -2.73 -17.16 -12.45
CA GLU B 332 -2.74 -16.86 -11.02
C GLU B 332 -3.92 -16.02 -10.62
N ARG B 333 -4.33 -16.16 -9.38
CA ARG B 333 -5.56 -15.59 -8.85
C ARG B 333 -5.36 -14.88 -7.53
N THR B 334 -6.20 -13.87 -7.30
CA THR B 334 -6.26 -13.16 -6.02
C THR B 334 -7.02 -14.01 -4.98
N GLU B 335 -6.89 -13.61 -3.73
CA GLU B 335 -7.61 -14.30 -2.65
C GLU B 335 -9.12 -14.24 -2.89
N LYS B 336 -9.62 -13.08 -3.24
CA LYS B 336 -11.07 -12.95 -3.50
C LYS B 336 -11.49 -13.84 -4.67
N GLU B 337 -10.67 -14.01 -5.70
CA GLU B 337 -10.95 -14.96 -6.79
C GLU B 337 -11.07 -16.39 -6.32
N PHE B 338 -10.19 -16.83 -5.39
CA PHE B 338 -10.26 -18.15 -4.83
C PHE B 338 -11.53 -18.26 -4.00
N GLN B 339 -11.86 -17.22 -3.23
CA GLN B 339 -13.04 -17.30 -2.37
C GLN B 339 -14.29 -17.47 -3.22
N ALA B 340 -14.38 -16.71 -4.31
CA ALA B 340 -15.52 -16.79 -5.23
C ALA B 340 -15.62 -18.19 -5.86
N LEU B 341 -14.48 -18.83 -6.22
CA LEU B 341 -14.50 -20.20 -6.72
C LEU B 341 -15.08 -21.17 -5.69
N ALA B 342 -14.63 -21.01 -4.46
CA ALA B 342 -15.06 -21.87 -3.38
C ALA B 342 -16.61 -21.71 -3.26
N MET B 343 -17.05 -20.47 -3.25
CA MET B 343 -18.50 -20.23 -3.05
C MET B 343 -19.34 -20.78 -4.21
N ALA B 344 -18.82 -20.58 -5.41
CA ALA B 344 -19.54 -21.00 -6.59
C ALA B 344 -19.59 -22.51 -6.73
N SER B 345 -18.70 -23.21 -6.03
CA SER B 345 -18.72 -24.70 -6.03
C SER B 345 -19.39 -25.37 -4.84
N GLY B 346 -20.04 -24.59 -4.01
CA GLY B 346 -20.88 -25.08 -2.94
C GLY B 346 -20.23 -25.03 -1.55
N PHE B 347 -18.98 -24.58 -1.47
CA PHE B 347 -18.30 -24.38 -0.16
C PHE B 347 -18.74 -23.10 0.49
N ARG B 348 -19.27 -23.20 1.71
CA ARG B 348 -19.75 -22.05 2.43
C ARG B 348 -18.73 -21.35 3.33
N GLY B 349 -17.61 -22.00 3.63
CA GLY B 349 -16.57 -21.34 4.37
C GLY B 349 -15.27 -21.28 3.56
N PHE B 350 -14.47 -20.29 3.90
CA PHE B 350 -13.17 -20.03 3.21
C PHE B 350 -12.26 -19.45 4.30
N LYS B 351 -11.03 -19.94 4.36
CA LYS B 351 -10.04 -19.26 5.17
C LYS B 351 -8.65 -19.47 4.63
N VAL B 352 -7.77 -18.52 4.88
CA VAL B 352 -6.36 -18.60 4.47
C VAL B 352 -5.71 -19.04 5.74
N ALA B 353 -5.18 -20.23 5.78
CA ALA B 353 -4.65 -20.82 6.98
C ALA B 353 -3.15 -20.70 7.18
N SER B 354 -2.36 -20.67 6.12
CA SER B 354 -0.89 -20.85 6.26
C SER B 354 -0.22 -20.38 5.02
N CYS B 355 1.07 -20.03 5.12
CA CYS B 355 1.86 -19.66 3.91
C CYS B 355 3.29 -20.14 4.05
N ALA B 356 3.91 -20.59 2.95
CA ALA B 356 5.34 -20.90 2.94
C ALA B 356 5.80 -20.71 1.57
N PHE B 357 6.95 -20.06 1.42
CA PHE B 357 7.61 -19.91 0.11
C PHE B 357 6.63 -19.47 -0.96
N ASN B 358 5.85 -18.46 -0.59
CA ASN B 358 4.82 -17.88 -1.47
C ASN B 358 3.59 -18.76 -1.61
N THR B 359 3.61 -20.03 -1.19
CA THR B 359 2.43 -20.89 -1.32
C THR B 359 1.50 -20.72 -0.16
N TYR B 360 0.34 -20.16 -0.42
CA TYR B 360 -0.77 -20.08 0.55
C TYR B 360 -1.58 -21.37 0.63
N VAL B 361 -1.99 -21.72 1.85
CA VAL B 361 -2.84 -22.86 2.08
C VAL B 361 -4.19 -22.34 2.48
N MET B 362 -5.18 -22.58 1.62
CA MET B 362 -6.56 -22.10 1.87
C MET B 362 -7.45 -23.33 2.13
N GLU B 363 -8.47 -23.16 2.94
CA GLU B 363 -9.47 -24.20 3.20
C GLU B 363 -10.79 -23.70 2.70
N PHE B 364 -11.37 -24.54 1.84
CA PHE B 364 -12.72 -24.40 1.29
C PHE B 364 -13.59 -25.38 2.12
N LEU B 365 -14.49 -24.84 2.93
CA LEU B 365 -15.26 -25.62 3.96
C LEU B 365 -16.69 -25.87 3.50
N LYS B 366 -17.09 -27.14 3.46
CA LYS B 366 -18.52 -27.47 3.18
C LYS B 366 -18.99 -27.55 4.61
N THR B 367 -19.54 -26.46 5.11
CA THR B 367 -19.92 -26.41 6.54
C THR B 367 -21.08 -27.38 6.91
N HIS C 15 -13.76 -13.52 14.62
CA HIS C 15 -14.52 -12.26 14.87
C HIS C 15 -13.74 -10.98 14.50
N SER C 16 -13.68 -10.68 13.21
CA SER C 16 -13.45 -9.30 12.76
C SER C 16 -14.72 -8.53 13.18
N SER C 17 -15.87 -9.21 13.31
CA SER C 17 -17.06 -8.51 13.82
C SER C 17 -16.89 -7.93 15.28
N ASP C 18 -16.36 -8.72 16.22
CA ASP C 18 -16.03 -8.18 17.51
C ASP C 18 -14.97 -7.14 17.41
N GLU C 19 -13.93 -7.36 16.58
CA GLU C 19 -12.89 -6.40 16.47
C GLU C 19 -13.46 -5.08 16.00
N GLU C 20 -14.33 -5.08 14.98
CA GLU C 20 -14.75 -3.76 14.52
C GLU C 20 -15.63 -3.07 15.57
N ALA C 21 -16.48 -3.81 16.30
CA ALA C 21 -17.33 -3.21 17.36
C ALA C 21 -16.50 -2.65 18.52
N ASN C 22 -15.44 -3.35 18.91
CA ASN C 22 -14.54 -2.83 19.91
C ASN C 22 -13.86 -1.51 19.39
N LEU C 23 -13.42 -1.51 18.15
CA LEU C 23 -12.66 -0.32 17.63
C LEU C 23 -13.62 0.85 17.49
N PHE C 24 -14.86 0.60 17.08
CA PHE C 24 -15.84 1.65 17.01
C PHE C 24 -16.09 2.26 18.38
N ALA C 25 -16.17 1.38 19.41
CA ALA C 25 -16.37 1.88 20.72
C ALA C 25 -15.21 2.80 21.12
N MET C 26 -13.98 2.43 20.81
CA MET C 26 -12.86 3.25 21.19
C MET C 26 -12.89 4.57 20.40
N GLN C 27 -13.28 4.52 19.14
CA GLN C 27 -13.42 5.76 18.34
C GLN C 27 -14.38 6.71 18.98
N LEU C 28 -15.56 6.17 19.38
CA LEU C 28 -16.54 6.96 20.06
C LEU C 28 -16.01 7.60 21.33
N ALA C 29 -15.39 6.79 22.16
CA ALA C 29 -14.88 7.21 23.43
C ALA C 29 -14.01 8.51 23.36
N SER C 30 -13.12 8.58 22.33
CA SER C 30 -12.21 9.70 22.18
C SER C 30 -12.66 10.61 20.99
N ALA C 31 -13.92 10.64 20.66
CA ALA C 31 -14.38 11.41 19.53
C ALA C 31 -14.17 12.91 19.74
N ALA C 32 -14.03 13.41 20.95
CA ALA C 32 -13.83 14.88 21.12
C ALA C 32 -12.48 15.36 20.55
N VAL C 33 -11.53 14.47 20.29
CA VAL C 33 -10.24 14.90 19.74
C VAL C 33 -10.44 15.62 18.44
N LEU C 34 -11.41 15.21 17.65
CA LEU C 34 -11.57 15.85 16.33
C LEU C 34 -11.97 17.34 16.35
N PRO C 35 -13.08 17.71 17.02
CA PRO C 35 -13.33 19.14 17.08
C PRO C 35 -12.32 19.93 17.81
N MET C 36 -11.77 19.39 18.89
CA MET C 36 -10.83 20.15 19.66
C MET C 36 -9.47 20.34 18.93
N ALA C 37 -9.07 19.36 18.17
CA ALA C 37 -7.89 19.48 17.30
C ALA C 37 -8.14 20.51 16.16
N LEU C 38 -9.29 20.49 15.60
CA LEU C 38 -9.68 21.40 14.57
C LEU C 38 -9.71 22.84 15.17
N LYS C 39 -10.30 23.01 16.36
CA LYS C 39 -10.25 24.29 17.07
C LYS C 39 -8.82 24.84 17.13
N ALA C 40 -7.87 24.02 17.61
CA ALA C 40 -6.52 24.50 17.75
C ALA C 40 -5.97 24.91 16.36
N ALA C 41 -6.21 24.14 15.31
CA ALA C 41 -5.66 24.50 13.96
C ALA C 41 -6.27 25.86 13.53
N ILE C 42 -7.55 26.04 13.82
CA ILE C 42 -8.18 27.32 13.47
C ILE C 42 -7.54 28.43 14.34
N GLU C 43 -7.44 28.27 15.62
CA GLU C 43 -6.87 29.31 16.52
C GLU C 43 -5.46 29.69 16.10
N LEU C 44 -4.71 28.73 15.63
CA LEU C 44 -3.32 28.93 15.13
C LEU C 44 -3.22 29.59 13.75
N ASP C 45 -4.33 29.75 13.07
CA ASP C 45 -4.41 30.27 11.71
C ASP C 45 -3.85 29.31 10.66
N VAL C 46 -3.82 28.01 11.00
CA VAL C 46 -3.18 26.97 10.13
C VAL C 46 -3.87 26.87 8.79
N LEU C 47 -5.21 26.88 8.78
CA LEU C 47 -5.90 26.64 7.55
C LEU C 47 -5.77 27.88 6.66
N GLU C 48 -5.78 29.06 7.28
CA GLU C 48 -5.50 30.30 6.52
C GLU C 48 -4.07 30.31 5.93
N ILE C 49 -3.12 29.86 6.70
CA ILE C 49 -1.71 29.70 6.26
C ILE C 49 -1.68 28.86 5.04
N MET C 50 -2.31 27.64 5.13
CA MET C 50 -2.39 26.72 4.00
C MET C 50 -3.02 27.43 2.82
N ALA C 51 -4.12 28.12 3.07
CA ALA C 51 -4.91 28.65 1.94
C ALA C 51 -4.11 29.69 1.17
N LYS C 52 -3.27 30.46 1.89
CA LYS C 52 -2.47 31.50 1.19
C LYS C 52 -1.13 31.04 0.67
N SER C 53 -0.66 29.86 1.06
CA SER C 53 0.71 29.47 0.83
C SER C 53 0.89 28.50 -0.33
N VAL C 54 -0.14 27.79 -0.76
CA VAL C 54 0.04 26.90 -1.94
C VAL C 54 -1.24 26.98 -2.74
N PRO C 55 -1.19 26.55 -4.01
CA PRO C 55 -2.37 26.64 -4.86
C PRO C 55 -3.51 25.73 -4.36
N PRO C 56 -4.73 25.98 -4.79
CA PRO C 56 -5.87 25.17 -4.36
C PRO C 56 -5.63 23.70 -4.44
N SER C 57 -4.85 23.19 -5.40
CA SER C 57 -4.58 21.70 -5.46
C SER C 57 -3.23 21.27 -4.94
N GLY C 58 -2.53 22.14 -4.25
CA GLY C 58 -1.19 21.86 -3.77
C GLY C 58 -1.12 21.38 -2.32
N TYR C 59 0.07 21.14 -1.89
CA TYR C 59 0.33 20.63 -0.51
C TYR C 59 1.49 21.37 0.10
N ILE C 60 1.53 21.36 1.43
CA ILE C 60 2.50 22.08 2.21
C ILE C 60 2.95 21.27 3.39
N SER C 61 4.24 21.34 3.73
CA SER C 61 4.73 20.55 4.89
C SER C 61 4.34 21.18 6.21
N PRO C 62 4.25 20.38 7.30
CA PRO C 62 4.11 20.99 8.63
C PRO C 62 5.21 22.05 8.95
N ALA C 63 6.47 21.76 8.57
CA ALA C 63 7.53 22.66 8.92
C ALA C 63 7.26 24.01 8.22
N GLU C 64 6.81 24.01 6.99
CA GLU C 64 6.58 25.26 6.28
C GLU C 64 5.42 26.03 6.80
N ILE C 65 4.41 25.30 7.30
CA ILE C 65 3.33 25.97 8.03
C ILE C 65 3.85 26.62 9.33
N ALA C 66 4.59 25.86 10.13
CA ALA C 66 5.07 26.32 11.41
C ALA C 66 6.01 27.53 11.29
N ALA C 67 6.75 27.56 10.20
CA ALA C 67 7.59 28.74 9.89
C ALA C 67 6.83 30.07 9.77
N GLN C 68 5.52 30.03 9.55
CA GLN C 68 4.69 31.20 9.53
C GLN C 68 4.02 31.49 10.85
N LEU C 69 4.27 30.69 11.88
CA LEU C 69 3.77 30.93 13.23
C LEU C 69 4.82 31.62 14.02
N PRO C 70 4.40 32.43 14.99
CA PRO C 70 5.45 33.09 15.76
C PRO C 70 5.98 32.24 16.93
N THR C 71 6.70 31.21 16.59
CA THR C 71 7.14 30.24 17.57
C THR C 71 8.62 29.92 17.29
N THR C 72 9.33 29.61 18.33
CA THR C 72 10.65 29.02 18.22
C THR C 72 10.62 27.58 18.78
N ASN C 73 9.44 27.02 19.05
CA ASN C 73 9.36 25.66 19.62
C ASN C 73 9.86 24.68 18.57
N PRO C 74 10.94 23.95 18.87
CA PRO C 74 11.48 23.02 17.88
C PRO C 74 10.56 21.83 17.55
N GLU C 75 9.60 21.55 18.42
CA GLU C 75 8.52 20.60 18.22
C GLU C 75 7.29 21.09 17.52
N ALA C 76 7.20 22.37 17.13
CA ALA C 76 6.02 22.85 16.43
C ALA C 76 5.69 22.08 15.17
N PRO C 77 6.69 21.79 14.32
CA PRO C 77 6.32 21.08 13.11
C PRO C 77 5.69 19.70 13.37
N VAL C 78 6.30 18.92 14.27
CA VAL C 78 5.78 17.56 14.46
C VAL C 78 4.43 17.65 15.16
N MET C 79 4.27 18.57 16.08
CA MET C 79 2.97 18.71 16.72
C MET C 79 1.85 19.07 15.75
N LEU C 80 2.13 20.00 14.81
CA LEU C 80 1.22 20.25 13.71
C LEU C 80 1.01 19.06 12.80
N ASP C 81 2.06 18.30 12.51
CA ASP C 81 1.90 17.11 11.73
C ASP C 81 0.87 16.17 12.36
N ARG C 82 0.99 16.00 13.67
CA ARG C 82 0.07 15.10 14.37
C ARG C 82 -1.37 15.61 14.41
N VAL C 83 -1.56 16.90 14.61
CA VAL C 83 -2.92 17.46 14.46
C VAL C 83 -3.47 17.32 13.02
N LEU C 84 -2.62 17.66 12.03
CA LEU C 84 -3.03 17.58 10.62
C LEU C 84 -3.31 16.14 10.16
N ARG C 85 -2.61 15.17 10.74
CA ARG C 85 -2.85 13.79 10.41
C ARG C 85 -4.25 13.37 10.85
N LEU C 86 -4.60 13.80 12.05
CA LEU C 86 -6.00 13.59 12.57
C LEU C 86 -7.01 14.17 11.60
N LEU C 87 -6.82 15.43 11.24
CA LEU C 87 -7.69 16.05 10.29
C LEU C 87 -7.77 15.32 8.95
N ALA C 88 -6.60 14.87 8.48
CA ALA C 88 -6.50 14.15 7.22
C ALA C 88 -7.25 12.82 7.22
N SER C 89 -7.23 12.12 8.34
CA SER C 89 -7.94 10.89 8.45
C SER C 89 -9.44 11.05 8.32
N TYR C 90 -9.93 12.25 8.60
CA TYR C 90 -11.33 12.59 8.44
C TYR C 90 -11.64 13.41 7.17
N SER C 91 -10.66 13.58 6.29
CA SER C 91 -10.81 14.35 5.09
C SER C 91 -11.13 15.79 5.32
N VAL C 92 -10.73 16.35 6.43
CA VAL C 92 -10.82 17.76 6.68
C VAL C 92 -9.71 18.54 5.88
N VAL C 93 -8.56 17.93 5.82
CA VAL C 93 -7.45 18.36 4.92
C VAL C 93 -7.10 17.20 4.02
N THR C 94 -6.45 17.47 2.86
CA THR C 94 -5.93 16.47 2.00
C THR C 94 -4.50 16.15 2.38
N TYR C 95 -4.03 14.98 1.98
CA TYR C 95 -2.57 14.69 2.17
C TYR C 95 -1.94 14.02 0.98
N THR C 96 -0.61 14.08 0.97
CA THR C 96 0.23 13.29 0.07
C THR C 96 1.43 12.86 0.89
N LEU C 97 2.03 11.74 0.52
CA LEU C 97 3.16 11.14 1.29
C LEU C 97 4.44 11.47 0.53
N ARG C 98 5.48 11.70 1.30
CA ARG C 98 6.84 11.94 0.76
C ARG C 98 7.85 11.13 1.60
N GLU C 99 8.54 10.22 0.90
CA GLU C 99 9.53 9.40 1.56
C GLU C 99 10.76 10.20 2.02
N LEU C 100 11.31 9.84 3.16
CA LEU C 100 12.47 10.48 3.72
C LEU C 100 13.66 9.60 3.46
N PRO C 101 14.86 10.17 3.58
CA PRO C 101 16.01 9.32 3.28
C PRO C 101 16.11 8.11 4.19
N SER C 102 15.64 8.22 5.44
CA SER C 102 15.56 7.07 6.40
C SER C 102 14.62 5.91 6.01
N GLY C 103 13.72 6.13 5.07
CA GLY C 103 12.68 5.24 4.66
C GLY C 103 11.41 5.49 5.51
N LYS C 104 11.46 6.37 6.50
CA LYS C 104 10.20 6.94 7.06
C LYS C 104 9.49 7.71 6.03
N VAL C 105 8.20 7.93 6.26
CA VAL C 105 7.44 8.74 5.34
C VAL C 105 6.90 9.94 6.13
N GLU C 106 6.84 11.06 5.49
CA GLU C 106 6.22 12.24 6.07
C GLU C 106 5.03 12.69 5.21
N ARG C 107 4.20 13.56 5.78
CA ARG C 107 3.02 13.96 5.07
C ARG C 107 3.08 15.41 4.74
N LEU C 108 2.57 15.78 3.56
CA LEU C 108 2.33 17.15 3.23
C LEU C 108 0.80 17.31 3.14
N TYR C 109 0.27 18.47 3.43
CA TYR C 109 -1.15 18.64 3.55
C TYR C 109 -1.70 19.77 2.67
N GLY C 110 -2.95 19.60 2.26
CA GLY C 110 -3.62 20.60 1.45
C GLY C 110 -5.05 20.80 1.87
N LEU C 111 -5.74 21.67 1.14
CA LEU C 111 -7.12 22.05 1.52
C LEU C 111 -8.13 21.07 0.92
N ALA C 112 -9.04 20.53 1.73
CA ALA C 112 -10.14 19.78 1.24
C ALA C 112 -11.34 20.73 1.04
N PRO C 113 -12.39 20.29 0.35
CA PRO C 113 -13.48 21.24 0.11
C PRO C 113 -14.06 21.93 1.32
N VAL C 114 -14.16 21.20 2.44
CA VAL C 114 -14.66 21.79 3.66
C VAL C 114 -13.85 22.99 4.13
N CYS C 115 -12.54 23.03 3.85
CA CYS C 115 -11.74 24.20 4.19
C CYS C 115 -12.22 25.52 3.59
N LYS C 116 -12.92 25.45 2.51
CA LYS C 116 -13.50 26.67 1.89
C LYS C 116 -14.49 27.34 2.85
N PHE C 117 -15.14 26.56 3.69
CA PHE C 117 -16.07 27.08 4.73
C PHE C 117 -15.43 27.25 6.11
N LEU C 118 -14.15 26.98 6.25
CA LEU C 118 -13.39 27.19 7.50
C LEU C 118 -12.28 28.22 7.33
N THR C 119 -12.27 28.89 6.17
CA THR C 119 -11.38 30.03 5.95
C THR C 119 -12.20 31.13 5.35
N LYS C 120 -11.71 32.35 5.43
CA LYS C 120 -12.48 33.51 4.98
C LYS C 120 -12.74 33.41 3.48
N ASN C 121 -14.00 33.59 3.05
CA ASN C 121 -14.39 33.65 1.65
C ASN C 121 -14.24 35.06 1.08
N GLU C 122 -14.88 35.29 -0.07
CA GLU C 122 -14.74 36.56 -0.80
C GLU C 122 -15.15 37.71 0.03
N ASP C 123 -16.20 37.50 0.86
CA ASP C 123 -16.80 38.46 1.77
C ASP C 123 -16.19 38.54 3.15
N GLY C 124 -15.10 37.83 3.42
CA GLY C 124 -14.50 37.80 4.72
C GLY C 124 -15.07 36.98 5.83
N VAL C 125 -15.94 36.02 5.49
CA VAL C 125 -16.55 35.16 6.50
C VAL C 125 -16.29 33.69 6.25
N SER C 126 -16.48 32.92 7.31
CA SER C 126 -16.50 31.45 7.21
C SER C 126 -17.27 30.95 8.44
N LEU C 127 -17.33 29.63 8.53
CA LEU C 127 -17.85 28.94 9.68
C LEU C 127 -16.86 28.82 10.85
N ALA C 128 -15.60 29.28 10.68
CA ALA C 128 -14.67 29.18 11.75
C ALA C 128 -15.15 29.81 13.05
N PRO C 129 -15.73 31.03 13.01
CA PRO C 129 -16.19 31.59 14.29
C PRO C 129 -17.34 30.76 14.94
N PHE C 130 -18.11 30.05 14.13
CA PHE C 130 -19.21 29.20 14.64
C PHE C 130 -18.60 28.01 15.32
N LEU C 131 -17.50 27.48 14.75
CA LEU C 131 -16.79 26.40 15.43
C LEU C 131 -16.17 26.86 16.72
N LEU C 132 -15.59 28.06 16.75
CA LEU C 132 -14.99 28.58 17.98
C LEU C 132 -16.05 28.75 19.09
N LEU C 133 -17.24 29.13 18.68
CA LEU C 133 -18.43 29.19 19.57
C LEU C 133 -18.77 27.84 20.17
N ALA C 134 -19.05 26.91 19.29
CA ALA C 134 -19.47 25.57 19.71
C ALA C 134 -18.47 24.87 20.56
N THR C 135 -17.17 25.13 20.39
CA THR C 135 -16.14 24.49 21.16
C THR C 135 -15.60 25.31 22.33
N ASP C 136 -16.22 26.44 22.63
CA ASP C 136 -15.74 27.27 23.70
C ASP C 136 -16.02 26.57 25.03
N LYS C 137 -15.18 26.77 25.98
CA LYS C 137 -15.31 26.10 27.31
C LYS C 137 -16.71 26.43 27.90
N VAL C 138 -17.16 27.68 27.73
CA VAL C 138 -18.51 28.04 28.19
C VAL C 138 -19.65 27.21 27.68
N LEU C 139 -19.63 26.85 26.41
CA LEU C 139 -20.64 26.04 25.80
C LEU C 139 -20.44 24.57 25.96
N LEU C 140 -19.23 24.17 26.37
CA LEU C 140 -18.97 22.75 26.64
C LEU C 140 -19.47 22.38 28.06
N GLU C 141 -19.43 23.30 29.01
CA GLU C 141 -19.69 22.95 30.40
C GLU C 141 -21.13 22.43 30.64
N PRO C 142 -22.14 22.98 29.95
CA PRO C 142 -23.50 22.45 30.22
C PRO C 142 -23.62 20.94 30.00
N TRP C 143 -22.80 20.41 29.10
CA TRP C 143 -22.84 18.93 28.79
C TRP C 143 -22.57 18.07 30.01
N PHE C 144 -21.96 18.62 31.02
CA PHE C 144 -21.67 17.85 32.21
C PHE C 144 -22.90 17.78 33.12
N TYR C 145 -23.96 18.43 32.72
CA TYR C 145 -25.22 18.49 33.50
C TYR C 145 -26.38 17.93 32.76
N LEU C 146 -26.14 17.26 31.66
CA LEU C 146 -27.21 16.63 30.90
C LEU C 146 -27.87 15.49 31.71
N LYS C 147 -27.08 14.59 32.32
CA LYS C 147 -27.66 13.47 33.14
C LYS C 147 -28.58 14.07 34.21
N ASP C 148 -28.10 15.13 34.86
CA ASP C 148 -28.89 15.81 35.89
C ASP C 148 -30.17 16.38 35.39
N ALA C 149 -30.17 17.04 34.24
CA ALA C 149 -31.40 17.60 33.69
C ALA C 149 -32.42 16.54 33.33
N ILE C 150 -31.93 15.43 32.83
CA ILE C 150 -32.81 14.33 32.46
C ILE C 150 -33.47 13.71 33.76
N LEU C 151 -32.67 13.42 34.78
CA LEU C 151 -33.23 12.87 36.04
C LEU C 151 -34.04 13.90 36.80
N GLU C 152 -33.61 15.16 36.86
CA GLU C 152 -34.22 16.14 37.79
C GLU C 152 -35.12 17.16 37.17
N GLY C 153 -35.16 17.23 35.85
CA GLY C 153 -35.76 18.36 35.18
C GLY C 153 -34.86 19.57 35.01
N GLY C 154 -35.27 20.45 34.09
CA GLY C 154 -34.58 21.71 33.88
C GLY C 154 -33.64 21.59 32.70
N ILE C 155 -32.67 22.50 32.63
CA ILE C 155 -31.91 22.78 31.42
C ILE C 155 -30.45 22.69 31.83
N PRO C 156 -29.68 21.87 31.13
CA PRO C 156 -28.25 21.76 31.46
C PRO C 156 -27.53 23.12 31.58
N PHE C 157 -27.74 24.07 30.65
CA PHE C 157 -27.08 25.37 30.74
C PHE C 157 -27.36 26.11 32.09
N ASN C 158 -28.62 26.09 32.49
CA ASN C 158 -29.07 26.83 33.69
C ASN C 158 -28.52 26.12 34.92
N LYS C 159 -28.34 24.80 34.84
CA LYS C 159 -27.72 24.14 35.92
C LYS C 159 -26.30 24.53 36.09
N ALA C 160 -25.60 24.77 35.01
CA ALA C 160 -24.21 25.20 35.09
C ALA C 160 -24.04 26.68 35.51
N TYR C 161 -24.95 27.52 35.10
CA TYR C 161 -24.70 28.96 35.18
C TYR C 161 -25.71 29.74 36.02
N GLY C 162 -26.82 29.08 36.36
CA GLY C 162 -27.86 29.67 37.16
C GLY C 162 -28.73 30.71 36.56
N MET C 163 -28.84 30.72 35.25
CA MET C 163 -29.69 31.69 34.51
C MET C 163 -29.80 31.21 33.09
N ASN C 164 -30.75 31.73 32.34
CA ASN C 164 -30.91 31.27 30.94
C ASN C 164 -29.76 31.81 30.14
N ILE C 165 -29.57 31.17 29.01
CA ILE C 165 -28.40 31.51 28.16
C ILE C 165 -28.32 32.97 27.75
N TRP C 166 -29.47 33.56 27.39
CA TRP C 166 -29.45 34.96 26.93
C TRP C 166 -29.10 35.96 28.04
N ASP C 167 -29.57 35.71 29.24
CA ASP C 167 -29.19 36.51 30.43
C ASP C 167 -27.76 36.32 30.76
N TYR C 168 -27.25 35.09 30.56
CA TYR C 168 -25.83 34.88 30.74
C TYR C 168 -24.95 35.65 29.75
N PHE C 169 -25.37 35.70 28.48
CA PHE C 169 -24.61 36.41 27.49
C PHE C 169 -24.67 37.95 27.77
N GLY C 170 -25.73 38.45 28.45
CA GLY C 170 -25.74 39.87 28.82
C GLY C 170 -24.81 40.17 29.99
N THR C 171 -24.23 39.15 30.59
CA THR C 171 -23.32 39.31 31.68
C THR C 171 -21.89 38.98 31.34
N ASP C 172 -21.64 38.24 30.25
CA ASP C 172 -20.28 37.83 29.88
C ASP C 172 -19.99 38.34 28.51
N HIS C 173 -19.30 39.48 28.48
CA HIS C 173 -19.07 40.21 27.27
C HIS C 173 -18.28 39.39 26.22
N ARG C 174 -17.36 38.55 26.67
CA ARG C 174 -16.48 37.78 25.82
C ARG C 174 -17.32 36.79 25.02
N ILE C 175 -18.15 36.02 25.69
CA ILE C 175 -18.97 34.99 25.05
C ILE C 175 -20.11 35.63 24.30
N ASN C 176 -20.60 36.76 24.72
CA ASN C 176 -21.56 37.53 23.88
C ASN C 176 -20.98 37.77 22.44
N LYS C 177 -19.74 38.23 22.38
CA LYS C 177 -19.09 38.56 21.09
C LYS C 177 -18.85 37.34 20.27
N VAL C 178 -18.35 36.30 20.94
CA VAL C 178 -18.12 34.97 20.32
C VAL C 178 -19.40 34.44 19.73
N PHE C 179 -20.47 34.48 20.53
CA PHE C 179 -21.75 34.00 20.02
C PHE C 179 -22.25 34.83 18.84
N ASN C 180 -22.31 36.14 19.00
CA ASN C 180 -22.80 36.99 17.93
C ASN C 180 -22.02 36.90 16.63
N LYS C 181 -20.74 36.77 16.74
CA LYS C 181 -19.87 36.59 15.57
C LYS C 181 -20.06 35.21 14.91
N GLY C 182 -20.16 34.18 15.71
CA GLY C 182 -20.52 32.85 15.19
C GLY C 182 -21.81 32.84 14.37
N MET C 183 -22.82 33.52 14.94
CA MET C 183 -24.07 33.57 14.26
C MET C 183 -23.96 34.46 13.00
N SER C 184 -23.35 35.65 13.11
CA SER C 184 -23.24 36.59 12.02
C SER C 184 -22.54 35.98 10.80
N SER C 185 -21.43 35.31 11.04
CA SER C 185 -20.65 34.71 9.94
C SER C 185 -21.35 33.50 9.30
N ASN C 186 -21.94 32.61 10.09
CA ASN C 186 -22.78 31.54 9.59
C ASN C 186 -23.97 32.04 8.75
N SER C 187 -24.66 33.05 9.27
CA SER C 187 -25.82 33.64 8.59
C SER C 187 -25.49 34.39 7.34
N THR C 188 -24.31 35.04 7.31
CA THR C 188 -23.86 35.67 6.12
C THR C 188 -23.73 34.62 4.96
N ILE C 189 -23.11 33.50 5.23
CA ILE C 189 -22.98 32.46 4.22
C ILE C 189 -24.30 31.93 3.74
N THR C 190 -25.15 31.58 4.72
CA THR C 190 -26.45 31.07 4.37
C THR C 190 -27.30 32.08 3.62
N MET C 191 -27.33 33.33 4.06
CA MET C 191 -28.27 34.27 3.48
C MET C 191 -27.79 34.71 2.14
N LYS C 192 -26.48 34.75 1.91
CA LYS C 192 -26.01 35.07 0.56
C LYS C 192 -26.64 34.08 -0.43
N LYS C 193 -26.64 32.81 -0.11
CA LYS C 193 -27.20 31.77 -0.98
C LYS C 193 -28.74 31.85 -1.09
N ILE C 194 -29.40 32.06 0.01
CA ILE C 194 -30.85 32.26 -0.05
C ILE C 194 -31.22 33.49 -0.96
N LEU C 195 -30.51 34.61 -0.81
CA LEU C 195 -30.86 35.83 -1.52
C LEU C 195 -30.65 35.71 -3.07
N GLU C 196 -29.82 34.78 -3.49
CA GLU C 196 -29.71 34.40 -4.90
C GLU C 196 -30.96 33.75 -5.44
N MET C 197 -31.71 33.03 -4.59
CA MET C 197 -32.82 32.18 -5.04
C MET C 197 -34.19 32.64 -4.61
N TYR C 198 -34.25 33.34 -3.49
CA TYR C 198 -35.53 33.64 -2.86
C TYR C 198 -35.87 35.06 -3.21
N ASN C 199 -37.07 35.26 -3.70
CA ASN C 199 -37.56 36.55 -4.09
C ASN C 199 -38.57 37.18 -3.10
N GLY C 200 -38.78 36.55 -1.95
CA GLY C 200 -39.84 37.04 -1.08
C GLY C 200 -39.62 38.41 -0.39
N PHE C 201 -38.44 39.01 -0.46
CA PHE C 201 -38.19 40.34 0.09
C PHE C 201 -38.50 41.39 -0.91
N GLU C 202 -38.57 41.01 -2.17
CA GLU C 202 -38.88 41.94 -3.24
C GLU C 202 -40.21 42.67 -3.07
N GLY C 203 -40.22 43.98 -3.27
CA GLY C 203 -41.50 44.72 -3.15
C GLY C 203 -41.88 45.14 -1.74
N LEU C 204 -41.17 44.64 -0.72
CA LEU C 204 -41.46 45.06 0.63
C LEU C 204 -40.98 46.49 0.84
N THR C 205 -41.71 47.28 1.64
CA THR C 205 -41.28 48.62 2.10
C THR C 205 -40.43 48.56 3.36
N THR C 206 -40.83 47.68 4.28
CA THR C 206 -40.17 47.56 5.58
C THR C 206 -40.08 46.03 5.89
N ILE C 207 -38.86 45.61 6.32
CA ILE C 207 -38.63 44.26 6.91
C ILE C 207 -38.13 44.47 8.34
N VAL C 208 -38.51 43.54 9.24
CA VAL C 208 -37.98 43.51 10.59
C VAL C 208 -37.34 42.13 10.79
N ASP C 209 -36.06 42.13 11.18
CA ASP C 209 -35.40 40.92 11.54
C ASP C 209 -35.47 40.76 13.05
N VAL C 210 -36.40 39.92 13.53
CA VAL C 210 -36.59 39.72 14.96
C VAL C 210 -35.59 38.70 15.43
N GLY C 211 -34.83 39.07 16.43
CA GLY C 211 -33.71 38.27 16.87
C GLY C 211 -32.57 38.29 15.81
N GLY C 212 -32.43 39.42 15.09
CA GLY C 212 -31.43 39.53 14.05
C GLY C 212 -30.01 39.68 14.46
N GLY C 213 -29.72 39.55 15.74
CA GLY C 213 -28.36 39.50 16.23
C GLY C 213 -27.67 40.77 15.96
N THR C 214 -26.42 40.69 15.48
CA THR C 214 -25.72 41.93 15.16
C THR C 214 -26.02 42.51 13.78
N GLY C 215 -26.99 41.97 13.07
CA GLY C 215 -27.57 42.67 11.92
C GLY C 215 -27.04 42.28 10.56
N ALA C 216 -26.27 41.18 10.47
CA ALA C 216 -25.72 40.73 9.16
C ALA C 216 -26.81 40.51 8.14
N VAL C 217 -27.89 39.83 8.50
CA VAL C 217 -28.92 39.53 7.51
C VAL C 217 -29.65 40.80 7.05
N ALA C 218 -30.02 41.68 8.02
CA ALA C 218 -30.66 42.99 7.62
C ALA C 218 -29.77 43.74 6.67
N SER C 219 -28.51 43.75 6.96
CA SER C 219 -27.58 44.52 6.11
C SER C 219 -27.54 43.95 4.69
N MET C 220 -27.59 42.64 4.59
CA MET C 220 -27.64 41.99 3.28
C MET C 220 -28.87 42.19 2.49
N ILE C 221 -30.03 42.19 3.17
CA ILE C 221 -31.25 42.54 2.54
C ILE C 221 -31.20 43.95 1.93
N VAL C 222 -30.76 44.89 2.70
CA VAL C 222 -30.76 46.33 2.25
C VAL C 222 -29.74 46.49 1.17
N ALA C 223 -28.61 45.78 1.28
CA ALA C 223 -27.64 45.76 0.15
C ALA C 223 -28.27 45.30 -1.14
N LYS C 224 -29.10 44.29 -1.10
CA LYS C 224 -29.76 43.83 -2.31
C LYS C 224 -30.90 44.71 -2.81
N TYR C 225 -31.65 45.26 -1.88
CA TYR C 225 -32.84 46.08 -2.10
C TYR C 225 -32.68 47.43 -1.40
N PRO C 226 -31.96 48.37 -2.06
CA PRO C 226 -31.52 49.52 -1.26
C PRO C 226 -32.63 50.43 -0.85
N SER C 227 -33.81 50.29 -1.42
CA SER C 227 -34.88 51.12 -0.97
C SER C 227 -35.68 50.50 0.17
N ILE C 228 -35.40 49.26 0.57
CA ILE C 228 -36.08 48.70 1.74
C ILE C 228 -35.57 49.37 3.06
N ASN C 229 -36.49 49.55 3.97
CA ASN C 229 -36.26 50.13 5.30
C ASN C 229 -36.09 48.85 6.17
N ALA C 230 -34.92 48.56 6.77
CA ALA C 230 -34.80 47.33 7.61
C ALA C 230 -34.63 47.68 9.07
N ILE C 231 -35.29 46.91 9.94
CA ILE C 231 -35.18 47.02 11.36
C ILE C 231 -34.56 45.72 11.90
N ASN C 232 -33.45 45.85 12.61
CA ASN C 232 -32.75 44.73 13.22
C ASN C 232 -33.04 44.80 14.70
N PHE C 233 -33.76 43.82 15.24
CA PHE C 233 -34.34 43.86 16.55
C PHE C 233 -33.75 42.73 17.36
N ASP C 234 -33.21 43.04 18.51
CA ASP C 234 -32.69 42.00 19.39
C ASP C 234 -32.54 42.54 20.81
N LEU C 235 -32.05 41.72 21.71
CA LEU C 235 -31.75 42.17 23.06
C LEU C 235 -30.66 43.25 23.12
N PRO C 236 -30.74 44.11 24.18
CA PRO C 236 -29.87 45.29 24.12
C PRO C 236 -28.38 45.02 24.22
N HIS C 237 -27.96 43.96 24.92
CA HIS C 237 -26.57 43.59 24.86
C HIS C 237 -26.05 43.12 23.52
N VAL C 238 -26.93 42.73 22.58
CA VAL C 238 -26.58 42.29 21.24
C VAL C 238 -26.52 43.52 20.39
N ILE C 239 -27.57 44.33 20.53
CA ILE C 239 -27.69 45.54 19.68
C ILE C 239 -26.51 46.50 19.91
N GLN C 240 -26.03 46.61 21.13
CA GLN C 240 -24.91 47.54 21.43
C GLN C 240 -23.70 47.20 20.59
N ASP C 241 -23.50 45.93 20.26
CA ASP C 241 -22.39 45.52 19.35
C ASP C 241 -22.64 45.48 17.85
N ALA C 242 -23.81 45.83 17.39
CA ALA C 242 -24.17 45.74 15.99
C ALA C 242 -23.50 46.87 15.23
N PRO C 243 -22.75 46.52 14.21
CA PRO C 243 -22.20 47.58 13.37
C PRO C 243 -23.25 48.40 12.71
N ALA C 244 -22.95 49.69 12.48
CA ALA C 244 -23.90 50.51 11.69
C ALA C 244 -23.85 50.11 10.25
N PHE C 245 -24.99 50.14 9.58
CA PHE C 245 -25.10 49.82 8.20
C PHE C 245 -26.18 50.78 7.65
N SER C 246 -25.86 51.51 6.61
CA SER C 246 -26.85 52.40 6.02
C SER C 246 -28.21 51.68 5.73
N GLY C 247 -29.33 52.24 6.16
CA GLY C 247 -30.63 51.67 5.85
C GLY C 247 -31.05 50.58 6.87
N VAL C 248 -30.18 50.24 7.86
CA VAL C 248 -30.58 49.37 8.96
C VAL C 248 -30.74 50.17 10.27
N GLU C 249 -31.91 50.11 10.88
CA GLU C 249 -32.12 50.70 12.19
C GLU C 249 -31.99 49.55 13.20
N HIS C 250 -31.09 49.67 14.15
CA HIS C 250 -30.88 48.70 15.19
C HIS C 250 -31.76 49.10 16.33
N LEU C 251 -32.50 48.15 16.90
CA LEU C 251 -33.42 48.45 17.98
C LEU C 251 -33.38 47.33 19.06
N GLY C 252 -33.19 47.68 20.32
CA GLY C 252 -33.27 46.75 21.42
C GLY C 252 -34.71 46.53 21.99
N GLY C 253 -34.91 45.38 22.57
CA GLY C 253 -36.18 45.00 23.23
C GLY C 253 -36.27 43.50 23.43
N ASP C 254 -37.42 43.10 23.95
CA ASP C 254 -37.75 41.74 24.26
C ASP C 254 -38.92 41.39 23.37
N MET C 255 -38.72 40.41 22.47
CA MET C 255 -39.70 40.09 21.48
C MET C 255 -40.94 39.48 22.07
N PHE C 256 -40.82 38.90 23.28
CA PHE C 256 -42.00 38.39 24.00
C PHE C 256 -42.92 39.52 24.48
N ASP C 257 -42.40 40.71 24.66
CA ASP C 257 -43.30 41.85 24.99
C ASP C 257 -43.95 42.48 23.75
N GLY C 258 -43.36 42.30 22.59
CA GLY C 258 -43.88 42.84 21.30
C GLY C 258 -42.73 42.96 20.36
N VAL C 259 -43.01 43.09 19.08
CA VAL C 259 -42.01 43.25 18.12
C VAL C 259 -42.34 44.51 17.25
N PRO C 260 -41.31 45.09 16.61
CA PRO C 260 -41.53 46.18 15.63
C PRO C 260 -42.44 45.80 14.48
N LYS C 261 -43.21 46.80 14.05
CA LYS C 261 -44.03 46.65 12.82
C LYS C 261 -43.25 46.70 11.53
N GLY C 262 -43.72 45.94 10.52
CA GLY C 262 -43.21 46.04 9.19
C GLY C 262 -44.11 45.21 8.27
N ASP C 263 -43.79 45.21 7.00
CA ASP C 263 -44.60 44.49 6.03
C ASP C 263 -44.36 42.99 6.11
N ALA C 264 -43.13 42.62 6.49
CA ALA C 264 -42.77 41.22 6.74
C ALA C 264 -41.84 41.17 7.96
N ILE C 265 -41.87 40.07 8.68
CA ILE C 265 -40.99 39.81 9.84
C ILE C 265 -40.17 38.58 9.49
N PHE C 266 -38.86 38.66 9.61
CA PHE C 266 -37.95 37.55 9.32
C PHE C 266 -37.47 37.00 10.69
N ILE C 267 -37.52 35.70 10.89
CA ILE C 267 -36.99 35.02 12.10
C ILE C 267 -36.16 33.87 11.68
N LYS C 268 -34.84 34.01 11.83
CA LYS C 268 -33.92 32.88 11.53
C LYS C 268 -33.36 32.34 12.80
N TRP C 269 -33.52 31.02 12.99
CA TRP C 269 -32.98 30.37 14.22
C TRP C 269 -33.50 30.94 15.50
N ILE C 270 -34.78 31.36 15.46
CA ILE C 270 -35.50 31.86 16.61
C ILE C 270 -36.42 30.82 17.16
N CYS C 271 -37.32 30.32 16.31
CA CYS C 271 -38.26 29.29 16.76
C CYS C 271 -37.50 28.11 17.40
N HIS C 272 -36.35 27.72 16.82
CA HIS C 272 -35.71 26.50 17.34
C HIS C 272 -35.17 26.69 18.74
N ASP C 273 -35.08 27.93 19.23
CA ASP C 273 -34.60 28.14 20.57
C ASP C 273 -35.68 27.95 21.65
N TRP C 274 -36.93 27.87 21.25
CA TRP C 274 -38.07 27.98 22.18
C TRP C 274 -39.04 26.83 22.12
N SER C 275 -39.79 26.62 23.21
CA SER C 275 -40.91 25.65 23.24
C SER C 275 -41.99 26.05 22.30
N ASP C 276 -42.86 25.09 22.01
CA ASP C 276 -44.00 25.37 21.16
C ASP C 276 -44.81 26.52 21.76
N GLU C 277 -45.05 26.49 23.05
CA GLU C 277 -45.84 27.57 23.71
C GLU C 277 -45.22 28.93 23.54
N HIS C 278 -43.92 29.03 23.75
CA HIS C 278 -43.21 30.27 23.52
C HIS C 278 -43.20 30.72 22.07
N CYS C 279 -43.06 29.75 21.18
CA CYS C 279 -43.18 30.07 19.73
C CYS C 279 -44.52 30.66 19.38
N LEU C 280 -45.59 30.11 19.98
CA LEU C 280 -46.90 30.72 19.72
C LEU C 280 -46.99 32.15 20.19
N LYS C 281 -46.47 32.43 21.39
CA LYS C 281 -46.50 33.74 21.92
C LYS C 281 -45.77 34.71 20.98
N LEU C 282 -44.55 34.31 20.58
CA LEU C 282 -43.78 35.10 19.62
C LEU C 282 -44.56 35.32 18.29
N LEU C 283 -45.13 34.24 17.78
CA LEU C 283 -45.75 34.28 16.48
C LEU C 283 -46.99 35.13 16.47
N LYS C 284 -47.74 35.05 17.56
CA LYS C 284 -48.89 35.95 17.75
C LYS C 284 -48.50 37.40 17.85
N ASN C 285 -47.39 37.70 18.49
CA ASN C 285 -46.83 39.08 18.49
C ASN C 285 -46.47 39.52 17.06
N CYS C 286 -45.95 38.59 16.28
CA CYS C 286 -45.54 38.92 14.92
C CYS C 286 -46.81 39.17 14.09
N TYR C 287 -47.82 38.29 14.22
CA TYR C 287 -49.09 38.43 13.52
C TYR C 287 -49.67 39.82 13.77
N ALA C 288 -49.68 40.24 15.03
CA ALA C 288 -50.19 41.56 15.41
C ALA C 288 -49.43 42.73 14.88
N ALA C 289 -48.17 42.55 14.58
CA ALA C 289 -47.26 43.60 14.06
C ALA C 289 -47.22 43.77 12.54
N LEU C 290 -47.97 42.93 11.81
CA LEU C 290 -47.99 42.87 10.39
C LEU C 290 -49.28 43.43 9.86
N PRO C 291 -49.25 43.96 8.63
CA PRO C 291 -50.50 44.34 7.97
C PRO C 291 -51.33 43.18 7.68
N ASP C 292 -52.55 43.41 7.21
CA ASP C 292 -53.44 42.31 6.98
C ASP C 292 -52.94 41.22 6.06
N HIS C 293 -52.21 41.60 5.00
CA HIS C 293 -51.63 40.58 4.08
C HIS C 293 -50.15 40.37 4.22
N GLY C 294 -49.62 40.69 5.42
CA GLY C 294 -48.20 40.47 5.69
C GLY C 294 -47.87 38.98 5.93
N LYS C 295 -46.59 38.74 6.22
CA LYS C 295 -46.04 37.40 6.43
C LYS C 295 -44.91 37.39 7.41
N VAL C 296 -44.69 36.23 8.02
CA VAL C 296 -43.45 35.93 8.75
C VAL C 296 -42.63 34.97 7.90
N ILE C 297 -41.38 35.33 7.67
CA ILE C 297 -40.43 34.52 6.89
C ILE C 297 -39.59 33.80 7.92
N VAL C 298 -39.74 32.47 7.94
CA VAL C 298 -39.16 31.61 9.03
C VAL C 298 -38.02 30.87 8.39
N ALA C 299 -36.81 31.01 8.91
CA ALA C 299 -35.65 30.33 8.33
C ALA C 299 -35.10 29.35 9.37
N GLU C 300 -35.24 28.05 9.13
CA GLU C 300 -34.96 27.03 10.14
C GLU C 300 -34.57 25.78 9.44
N TYR C 301 -33.85 24.91 10.14
CA TYR C 301 -33.77 23.51 9.65
C TYR C 301 -35.11 22.78 9.73
N ILE C 302 -35.21 21.66 9.00
CA ILE C 302 -36.36 20.80 9.08
C ILE C 302 -35.87 19.42 9.49
N LEU C 303 -36.40 18.91 10.60
CA LEU C 303 -36.05 17.61 11.07
C LEU C 303 -36.41 16.53 10.04
N PRO C 304 -35.45 15.76 9.60
CA PRO C 304 -35.75 14.62 8.73
C PRO C 304 -36.54 13.51 9.46
N PRO C 305 -37.22 12.62 8.67
CA PRO C 305 -38.10 11.63 9.23
C PRO C 305 -37.48 10.46 9.94
N SER C 306 -36.17 10.28 9.89
CA SER C 306 -35.51 9.20 10.57
C SER C 306 -34.07 9.61 10.94
N PRO C 307 -33.44 8.91 11.88
CA PRO C 307 -32.03 9.17 12.27
C PRO C 307 -31.12 8.55 11.20
N ASP C 308 -31.16 9.11 9.99
CA ASP C 308 -30.33 8.65 8.91
C ASP C 308 -28.92 9.15 9.11
N PRO C 309 -27.92 8.54 8.43
CA PRO C 309 -26.47 8.85 8.69
C PRO C 309 -25.94 10.01 7.83
N SER C 310 -26.79 10.66 7.06
CA SER C 310 -26.29 11.72 6.23
C SER C 310 -25.67 12.87 7.06
N ILE C 311 -24.65 13.53 6.50
CA ILE C 311 -24.12 14.76 7.09
C ILE C 311 -25.25 15.78 7.31
N ALA C 312 -26.12 15.95 6.33
CA ALA C 312 -27.19 16.94 6.44
C ALA C 312 -28.09 16.67 7.64
N THR C 313 -28.47 15.42 7.82
CA THR C 313 -29.34 15.02 8.97
C THR C 313 -28.59 15.12 10.23
N LYS C 314 -27.34 14.70 10.26
CA LYS C 314 -26.58 14.86 11.47
C LYS C 314 -26.45 16.34 11.90
N VAL C 315 -26.32 17.26 10.99
CA VAL C 315 -26.27 18.67 11.39
C VAL C 315 -27.56 19.05 12.12
N VAL C 316 -28.66 18.63 11.55
CA VAL C 316 -29.95 18.95 12.19
C VAL C 316 -30.04 18.32 13.57
N ILE C 317 -29.71 17.03 13.72
CA ILE C 317 -29.84 16.34 14.95
C ILE C 317 -28.83 16.84 15.96
N HIS C 318 -27.61 17.16 15.52
CA HIS C 318 -26.66 17.79 16.48
C HIS C 318 -27.23 19.09 16.97
N THR C 319 -27.95 19.85 16.13
CA THR C 319 -28.49 21.16 16.54
C THR C 319 -29.68 20.95 17.47
N ASP C 320 -30.46 19.88 17.23
CA ASP C 320 -31.52 19.45 18.22
C ASP C 320 -30.91 19.16 19.61
N ALA C 321 -29.80 18.48 19.61
CA ALA C 321 -29.03 18.25 20.84
C ALA C 321 -28.46 19.49 21.54
N LEU C 322 -27.93 20.43 20.77
CA LEU C 322 -27.46 21.72 21.28
C LEU C 322 -28.67 22.42 21.95
N MET C 323 -29.80 22.38 21.29
CA MET C 323 -30.96 23.10 21.84
C MET C 323 -31.38 22.43 23.16
N LEU C 324 -31.28 21.08 23.24
CA LEU C 324 -31.47 20.38 24.47
C LEU C 324 -30.60 20.88 25.61
N ALA C 325 -29.32 21.07 25.31
CA ALA C 325 -28.39 21.47 26.32
C ALA C 325 -28.54 22.93 26.74
N TYR C 326 -28.96 23.79 25.83
CA TYR C 326 -28.80 25.24 26.06
C TYR C 326 -30.08 25.97 26.32
N ASN C 327 -31.19 25.47 25.80
CA ASN C 327 -32.34 26.41 25.59
C ASN C 327 -33.52 25.86 26.37
N PRO C 328 -34.38 26.81 26.78
CA PRO C 328 -35.55 26.34 27.51
C PRO C 328 -36.51 25.97 26.43
N GLY C 329 -36.74 24.66 26.30
CA GLY C 329 -37.70 24.09 25.36
C GLY C 329 -37.38 24.09 23.89
N GLY C 330 -36.20 24.55 23.48
CA GLY C 330 -35.83 24.66 22.08
C GLY C 330 -35.65 23.27 21.50
N LYS C 331 -35.96 23.10 20.23
CA LYS C 331 -35.86 21.82 19.54
C LYS C 331 -36.01 22.06 18.06
N GLU C 332 -35.65 21.04 17.30
CA GLU C 332 -35.83 21.09 15.86
C GLU C 332 -37.19 20.47 15.56
N ARG C 333 -37.75 20.87 14.44
CA ARG C 333 -39.13 20.54 14.07
C ARG C 333 -39.22 20.06 12.64
N THR C 334 -40.28 19.29 12.38
CA THR C 334 -40.63 18.89 11.00
C THR C 334 -41.42 19.95 10.28
N GLU C 335 -41.58 19.82 8.96
CA GLU C 335 -42.40 20.78 8.20
C GLU C 335 -43.85 20.82 8.74
N LYS C 336 -44.36 19.69 9.08
CA LYS C 336 -45.74 19.65 9.61
C LYS C 336 -45.83 20.33 10.99
N GLU C 337 -44.82 20.18 11.82
CA GLU C 337 -44.74 20.94 13.07
C GLU C 337 -44.71 22.44 12.89
N PHE C 338 -44.00 22.92 11.88
CA PHE C 338 -44.01 24.37 11.55
C PHE C 338 -45.37 24.80 11.04
N GLN C 339 -45.99 24.00 10.19
CA GLN C 339 -47.36 24.28 9.77
C GLN C 339 -48.26 24.44 10.97
N ALA C 340 -48.13 23.54 11.94
CA ALA C 340 -49.03 23.57 13.14
C ALA C 340 -48.76 24.82 13.96
N LEU C 341 -47.51 25.24 14.04
CA LEU C 341 -47.19 26.52 14.63
C LEU C 341 -47.82 27.70 13.93
N ALA C 342 -47.77 27.73 12.61
CA ALA C 342 -48.36 28.81 11.81
C ALA C 342 -49.86 28.79 12.04
N MET C 343 -50.46 27.60 12.00
CA MET C 343 -51.95 27.54 12.10
C MET C 343 -52.41 28.05 13.46
N ALA C 344 -51.74 27.63 14.49
CA ALA C 344 -52.14 27.95 15.83
C ALA C 344 -51.83 29.39 16.21
N SER C 345 -51.09 30.13 15.41
CA SER C 345 -50.87 31.55 15.65
C SER C 345 -51.63 32.41 14.71
N GLY C 346 -52.54 31.81 13.93
CA GLY C 346 -53.52 32.53 13.17
C GLY C 346 -53.24 32.70 11.71
N PHE C 347 -52.09 32.16 11.24
CA PHE C 347 -51.77 32.33 9.84
C PHE C 347 -52.57 31.38 9.01
N ARG C 348 -52.90 31.79 7.81
CA ARG C 348 -53.74 31.01 6.98
C ARG C 348 -53.10 30.39 5.81
N GLY C 349 -51.85 30.73 5.49
CA GLY C 349 -51.22 30.06 4.41
C GLY C 349 -49.81 29.70 4.79
N PHE C 350 -49.24 28.72 4.13
CA PHE C 350 -47.89 28.23 4.44
C PHE C 350 -47.17 27.96 3.11
N LYS C 351 -45.95 28.45 2.96
CA LYS C 351 -45.18 28.32 1.70
C LYS C 351 -43.74 27.90 2.04
N VAL C 352 -43.25 26.84 1.46
CA VAL C 352 -41.82 26.49 1.58
C VAL C 352 -41.18 27.04 0.36
N ALA C 353 -40.45 28.14 0.48
CA ALA C 353 -40.03 28.92 -0.63
C ALA C 353 -38.64 28.64 -1.08
N SER C 354 -37.74 28.19 -0.23
CA SER C 354 -36.33 28.14 -0.61
C SER C 354 -35.53 27.30 0.47
N CYS C 355 -34.31 26.87 0.14
CA CYS C 355 -33.43 26.13 1.08
C CYS C 355 -31.98 26.43 0.74
N ALA C 356 -31.16 26.60 1.77
CA ALA C 356 -29.70 26.80 1.58
C ALA C 356 -29.02 26.25 2.78
N PHE C 357 -28.05 25.32 2.57
CA PHE C 357 -27.30 24.81 3.70
C PHE C 357 -28.13 24.33 4.92
N ASN C 358 -29.12 23.47 4.59
CA ASN C 358 -30.13 22.93 5.51
C ASN C 358 -31.17 23.88 5.97
N THR C 359 -31.01 25.17 5.70
CA THR C 359 -31.94 26.13 6.22
C THR C 359 -33.05 26.29 5.18
N TYR C 360 -34.28 25.93 5.54
CA TYR C 360 -35.46 26.13 4.74
C TYR C 360 -36.04 27.51 5.04
N VAL C 361 -36.54 28.17 4.00
CA VAL C 361 -37.22 29.47 4.17
C VAL C 361 -38.72 29.19 3.94
N MET C 362 -39.51 29.30 5.02
CA MET C 362 -40.92 29.11 5.05
C MET C 362 -41.60 30.47 5.19
N GLU C 363 -42.70 30.69 4.49
CA GLU C 363 -43.49 31.87 4.78
C GLU C 363 -44.78 31.44 5.48
N PHE C 364 -45.12 32.16 6.52
CA PHE C 364 -46.39 31.97 7.28
C PHE C 364 -47.17 33.18 6.78
N LEU C 365 -48.20 32.94 6.01
CA LEU C 365 -48.97 34.02 5.34
C LEU C 365 -50.26 34.27 6.13
N LYS C 366 -50.51 35.54 6.44
CA LYS C 366 -51.71 35.91 7.15
C LYS C 366 -52.91 35.66 6.31
N THR C 367 -52.81 35.85 5.01
CA THR C 367 -53.93 35.33 4.16
C THR C 367 -53.55 34.39 3.04
N ALA C 368 -54.41 33.47 2.68
CA ALA C 368 -54.13 32.52 1.59
C ALA C 368 -55.18 32.81 0.55
N PRO D 13 20.90 -18.90 11.14
CA PRO D 13 19.57 -19.51 11.26
C PRO D 13 18.34 -18.52 11.21
N THR D 14 17.84 -18.17 10.00
CA THR D 14 16.53 -17.43 9.83
C THR D 14 15.54 -18.18 8.87
N HIS D 15 14.25 -18.20 9.24
CA HIS D 15 13.16 -18.63 8.35
C HIS D 15 12.94 -17.61 7.18
N SER D 16 12.99 -16.32 7.48
CA SER D 16 12.90 -15.24 6.47
C SER D 16 14.09 -15.14 5.45
N SER D 17 15.32 -15.36 5.93
CA SER D 17 16.46 -15.42 5.03
C SER D 17 16.28 -16.69 4.18
N ASP D 18 15.72 -17.75 4.79
CA ASP D 18 15.34 -18.94 3.99
C ASP D 18 14.32 -18.61 2.92
N GLU D 19 13.28 -17.86 3.27
CA GLU D 19 12.25 -17.55 2.29
C GLU D 19 12.82 -16.81 1.10
N GLU D 20 13.69 -15.82 1.36
CA GLU D 20 14.25 -15.01 0.26
C GLU D 20 15.12 -15.87 -0.66
N ALA D 21 15.91 -16.80 -0.09
CA ALA D 21 16.82 -17.58 -0.87
C ALA D 21 16.01 -18.57 -1.75
N ASN D 22 14.97 -19.18 -1.17
CA ASN D 22 14.05 -20.05 -1.93
C ASN D 22 13.37 -19.28 -3.06
N LEU D 23 12.86 -18.10 -2.79
CA LEU D 23 12.16 -17.34 -3.87
C LEU D 23 13.12 -16.92 -4.95
N PHE D 24 14.33 -16.48 -4.57
CA PHE D 24 15.33 -16.17 -5.58
C PHE D 24 15.65 -17.34 -6.49
N ALA D 25 15.82 -18.56 -5.92
CA ALA D 25 16.02 -19.72 -6.75
C ALA D 25 14.86 -19.93 -7.77
N MET D 26 13.67 -19.74 -7.28
CA MET D 26 12.44 -19.84 -8.16
C MET D 26 12.42 -18.78 -9.25
N GLN D 27 12.86 -17.57 -8.94
CA GLN D 27 12.97 -16.52 -9.94
C GLN D 27 13.99 -16.91 -11.03
N LEU D 28 15.17 -17.38 -10.60
CA LEU D 28 16.18 -17.79 -11.54
C LEU D 28 15.65 -18.94 -12.43
N ALA D 29 14.97 -19.90 -11.84
CA ALA D 29 14.55 -21.07 -12.59
C ALA D 29 13.72 -20.70 -13.86
N SER D 30 12.85 -19.72 -13.73
CA SER D 30 11.97 -19.28 -14.78
C SER D 30 12.38 -17.93 -15.31
N ALA D 31 13.66 -17.54 -15.16
CA ALA D 31 14.10 -16.26 -15.64
C ALA D 31 13.90 -16.01 -17.14
N ALA D 32 13.92 -17.08 -17.96
CA ALA D 32 13.72 -16.94 -19.38
C ALA D 32 12.40 -16.31 -19.76
N VAL D 33 11.41 -16.33 -18.89
CA VAL D 33 10.11 -15.71 -19.25
C VAL D 33 10.25 -14.24 -19.63
N LEU D 34 11.15 -13.50 -18.97
CA LEU D 34 11.29 -12.10 -19.22
C LEU D 34 11.72 -11.82 -20.66
N PRO D 35 12.84 -12.36 -21.12
CA PRO D 35 13.22 -11.98 -22.51
C PRO D 35 12.25 -12.55 -23.56
N MET D 36 11.65 -13.70 -23.25
CA MET D 36 10.76 -14.32 -24.24
C MET D 36 9.44 -13.60 -24.27
N ALA D 37 8.97 -13.07 -23.14
CA ALA D 37 7.76 -12.21 -23.18
C ALA D 37 8.01 -10.88 -23.85
N LEU D 38 9.20 -10.29 -23.64
CA LEU D 38 9.58 -9.12 -24.31
C LEU D 38 9.69 -9.29 -25.83
N LYS D 39 10.23 -10.42 -26.25
CA LYS D 39 10.33 -10.72 -27.67
C LYS D 39 8.92 -10.67 -28.27
N ALA D 40 7.95 -11.30 -27.59
CA ALA D 40 6.60 -11.43 -28.08
C ALA D 40 6.02 -10.06 -28.23
N ALA D 41 6.15 -9.26 -27.19
CA ALA D 41 5.70 -7.89 -27.26
C ALA D 41 6.27 -7.08 -28.39
N ILE D 42 7.57 -7.22 -28.66
CA ILE D 42 8.19 -6.53 -29.77
C ILE D 42 7.67 -7.05 -31.11
N GLU D 43 7.54 -8.34 -31.24
CA GLU D 43 7.08 -8.93 -32.50
C GLU D 43 5.64 -8.53 -32.79
N LEU D 44 4.86 -8.29 -31.73
CA LEU D 44 3.47 -7.81 -31.83
C LEU D 44 3.38 -6.31 -32.07
N ASP D 45 4.52 -5.63 -32.13
CA ASP D 45 4.58 -4.19 -32.26
C ASP D 45 3.93 -3.43 -31.05
N VAL D 46 3.89 -4.06 -29.90
CA VAL D 46 3.25 -3.49 -28.75
C VAL D 46 3.92 -2.19 -28.29
N LEU D 47 5.24 -2.18 -28.27
CA LEU D 47 5.94 -0.99 -27.80
C LEU D 47 5.75 0.22 -28.74
N GLU D 48 5.78 -0.04 -30.02
CA GLU D 48 5.56 1.00 -31.02
C GLU D 48 4.10 1.47 -30.91
N ILE D 49 3.17 0.55 -30.73
CA ILE D 49 1.78 0.97 -30.55
C ILE D 49 1.70 1.91 -29.37
N MET D 50 2.28 1.52 -28.23
CA MET D 50 2.21 2.36 -27.09
C MET D 50 2.87 3.74 -27.32
N ALA D 51 4.03 3.77 -27.96
CA ALA D 51 4.79 5.01 -28.19
C ALA D 51 4.01 5.99 -29.06
N LYS D 52 3.27 5.48 -30.01
CA LYS D 52 2.51 6.39 -30.86
C LYS D 52 1.15 6.70 -30.25
N SER D 53 0.60 5.89 -29.33
CA SER D 53 -0.78 6.04 -28.88
C SER D 53 -1.07 6.59 -27.53
N VAL D 54 -0.03 6.66 -26.70
CA VAL D 54 -0.19 6.82 -25.28
C VAL D 54 -0.62 8.26 -25.14
N PRO D 55 -1.78 8.51 -24.45
CA PRO D 55 -2.43 9.82 -24.40
C PRO D 55 -1.60 10.85 -23.61
N PRO D 56 -2.19 12.04 -23.30
CA PRO D 56 -1.54 12.96 -22.35
C PRO D 56 -1.26 12.37 -20.92
N SER D 57 -2.21 11.64 -20.28
CA SER D 57 -1.93 10.90 -19.00
C SER D 57 -0.57 10.11 -19.00
N GLY D 58 -0.28 9.46 -20.15
CA GLY D 58 0.91 8.68 -20.37
C GLY D 58 0.69 7.14 -20.26
N TYR D 59 -0.55 6.66 -20.08
CA TYR D 59 -0.86 5.24 -19.96
C TYR D 59 -2.02 4.76 -20.84
N ILE D 60 -1.96 3.52 -21.32
CA ILE D 60 -2.91 2.97 -22.24
C ILE D 60 -3.31 1.56 -21.77
N SER D 61 -4.57 1.22 -21.94
CA SER D 61 -5.04 -0.15 -21.54
C SER D 61 -4.66 -1.21 -22.52
N PRO D 62 -4.51 -2.44 -22.04
CA PRO D 62 -4.34 -3.60 -22.96
C PRO D 62 -5.38 -3.72 -24.04
N ALA D 63 -6.64 -3.40 -23.72
CA ALA D 63 -7.66 -3.48 -24.70
C ALA D 63 -7.41 -2.49 -25.80
N GLU D 64 -6.96 -1.29 -25.46
CA GLU D 64 -6.77 -0.27 -26.49
C GLU D 64 -5.58 -0.64 -27.34
N ILE D 65 -4.56 -1.25 -26.74
CA ILE D 65 -3.39 -1.70 -27.52
C ILE D 65 -3.82 -2.83 -28.44
N ALA D 66 -4.62 -3.77 -27.96
CA ALA D 66 -5.08 -4.91 -28.70
C ALA D 66 -5.93 -4.55 -29.89
N ALA D 67 -6.66 -3.45 -29.76
CA ALA D 67 -7.48 -2.95 -30.84
C ALA D 67 -6.70 -2.67 -32.10
N GLN D 68 -5.42 -2.31 -31.96
CA GLN D 68 -4.50 -2.04 -33.05
C GLN D 68 -3.72 -3.25 -33.57
N LEU D 69 -3.90 -4.41 -32.97
CA LEU D 69 -3.25 -5.64 -33.43
C LEU D 69 -4.15 -6.24 -34.47
N PRO D 70 -3.56 -6.94 -35.46
CA PRO D 70 -4.38 -7.64 -36.50
C PRO D 70 -4.97 -8.91 -36.01
N THR D 71 -6.06 -8.80 -35.21
CA THR D 71 -6.66 -9.97 -34.58
C THR D 71 -8.13 -9.69 -34.25
N THR D 72 -8.91 -10.74 -34.27
CA THR D 72 -10.21 -10.72 -33.60
C THR D 72 -10.30 -11.75 -32.51
N ASN D 73 -9.15 -12.20 -31.98
CA ASN D 73 -9.14 -13.07 -30.87
C ASN D 73 -9.70 -12.31 -29.63
N PRO D 74 -10.86 -12.78 -29.07
CA PRO D 74 -11.39 -12.04 -27.93
C PRO D 74 -10.52 -12.10 -26.66
N GLU D 75 -9.61 -13.07 -26.57
CA GLU D 75 -8.68 -13.13 -25.45
C GLU D 75 -7.44 -12.26 -25.61
N ALA D 76 -7.24 -11.58 -26.73
CA ALA D 76 -5.97 -10.83 -26.95
C ALA D 76 -5.75 -9.77 -25.83
N PRO D 77 -6.82 -9.04 -25.38
CA PRO D 77 -6.60 -8.07 -24.32
C PRO D 77 -6.02 -8.66 -23.04
N VAL D 78 -6.62 -9.70 -22.54
CA VAL D 78 -6.15 -10.32 -21.29
C VAL D 78 -4.75 -10.92 -21.47
N MET D 79 -4.49 -11.55 -22.60
CA MET D 79 -3.20 -12.15 -22.80
C MET D 79 -2.16 -11.03 -22.79
N LEU D 80 -2.45 -9.92 -23.47
CA LEU D 80 -1.56 -8.77 -23.45
C LEU D 80 -1.36 -8.24 -22.08
N ASP D 81 -2.44 -8.14 -21.29
CA ASP D 81 -2.32 -7.69 -19.93
C ASP D 81 -1.31 -8.49 -19.13
N ARG D 82 -1.38 -9.79 -19.29
CA ARG D 82 -0.55 -10.70 -18.53
C ARG D 82 0.92 -10.58 -18.96
N VAL D 83 1.17 -10.35 -20.23
CA VAL D 83 2.49 -10.09 -20.72
C VAL D 83 3.04 -8.75 -20.19
N LEU D 84 2.23 -7.70 -20.31
CA LEU D 84 2.61 -6.37 -19.87
C LEU D 84 2.85 -6.28 -18.36
N ARG D 85 2.08 -7.02 -17.57
CA ARG D 85 2.25 -7.13 -16.11
C ARG D 85 3.59 -7.66 -15.75
N LEU D 86 4.05 -8.70 -16.44
CA LEU D 86 5.42 -9.19 -16.29
C LEU D 86 6.45 -8.14 -16.62
N LEU D 87 6.25 -7.46 -17.75
CA LEU D 87 7.21 -6.41 -18.15
C LEU D 87 7.20 -5.30 -17.13
N ALA D 88 6.04 -4.97 -16.63
CA ALA D 88 5.92 -3.91 -15.62
C ALA D 88 6.65 -4.22 -14.29
N SER D 89 6.63 -5.49 -13.90
CA SER D 89 7.29 -5.90 -12.67
C SER D 89 8.78 -5.63 -12.81
N TYR D 90 9.34 -5.69 -14.00
CA TYR D 90 10.78 -5.38 -14.20
C TYR D 90 11.12 -3.99 -14.67
N SER D 91 10.12 -3.14 -14.65
CA SER D 91 10.22 -1.73 -15.14
C SER D 91 10.60 -1.57 -16.61
N VAL D 92 10.20 -2.52 -17.43
CA VAL D 92 10.32 -2.40 -18.89
C VAL D 92 9.27 -1.46 -19.40
N VAL D 93 8.07 -1.57 -18.83
CA VAL D 93 7.03 -0.57 -19.02
C VAL D 93 6.68 0.03 -17.66
N THR D 94 6.04 1.18 -17.68
CA THR D 94 5.46 1.75 -16.45
C THR D 94 4.04 1.28 -16.31
N TYR D 95 3.50 1.41 -15.11
CA TYR D 95 2.05 1.06 -14.94
C TYR D 95 1.36 1.98 -13.99
N THR D 96 0.06 2.07 -14.16
CA THR D 96 -0.79 2.71 -13.17
C THR D 96 -1.97 1.76 -12.90
N LEU D 97 -2.55 1.87 -11.72
CA LEU D 97 -3.70 1.05 -11.41
C LEU D 97 -4.98 1.88 -11.51
N ARG D 98 -6.03 1.24 -11.99
CA ARG D 98 -7.31 1.90 -12.07
C ARG D 98 -8.31 1.00 -11.42
N GLU D 99 -8.99 1.51 -10.39
CA GLU D 99 -9.87 0.67 -9.56
C GLU D 99 -11.18 0.43 -10.31
N LEU D 100 -11.73 -0.78 -10.27
CA LEU D 100 -12.97 -1.03 -10.97
C LEU D 100 -14.10 -1.07 -9.99
N PRO D 101 -15.30 -0.78 -10.47
CA PRO D 101 -16.41 -0.72 -9.51
C PRO D 101 -16.56 -1.93 -8.57
N SER D 102 -16.17 -3.12 -9.04
CA SER D 102 -16.18 -4.35 -8.24
C SER D 102 -15.14 -4.43 -7.13
N GLY D 103 -14.24 -3.45 -6.98
CA GLY D 103 -13.10 -3.61 -6.07
C GLY D 103 -11.83 -4.20 -6.71
N LYS D 104 -11.93 -5.01 -7.78
CA LYS D 104 -10.73 -5.36 -8.59
C LYS D 104 -10.02 -4.09 -9.12
N VAL D 105 -8.80 -4.26 -9.60
CA VAL D 105 -8.05 -3.15 -10.21
C VAL D 105 -7.66 -3.69 -11.56
N GLU D 106 -7.53 -2.81 -12.53
CA GLU D 106 -6.91 -3.17 -13.78
C GLU D 106 -5.65 -2.32 -13.90
N ARG D 107 -4.86 -2.62 -14.90
CA ARG D 107 -3.57 -1.94 -15.04
C ARG D 107 -3.62 -1.20 -16.35
N LEU D 108 -3.07 -0.01 -16.39
CA LEU D 108 -2.78 0.68 -17.64
C LEU D 108 -1.28 0.84 -17.74
N TYR D 109 -0.71 0.86 -18.95
CA TYR D 109 0.74 0.78 -19.10
C TYR D 109 1.31 1.93 -19.89
N GLY D 110 2.55 2.30 -19.60
CA GLY D 110 3.22 3.36 -20.33
C GLY D 110 4.68 3.06 -20.56
N LEU D 111 5.38 4.06 -21.06
CA LEU D 111 6.72 3.83 -21.58
C LEU D 111 7.68 4.12 -20.45
N ALA D 112 8.62 3.22 -20.18
CA ALA D 112 9.75 3.50 -19.28
C ALA D 112 10.95 4.00 -20.13
N PRO D 113 11.99 4.58 -19.51
CA PRO D 113 13.18 5.03 -20.29
C PRO D 113 13.75 3.99 -21.25
N VAL D 114 13.84 2.73 -20.84
CA VAL D 114 14.38 1.71 -21.71
C VAL D 114 13.57 1.59 -23.05
N CYS D 115 12.27 1.94 -23.03
CA CYS D 115 11.44 1.90 -24.26
C CYS D 115 12.00 2.82 -25.36
N LYS D 116 12.69 3.90 -25.00
CA LYS D 116 13.41 4.71 -25.99
C LYS D 116 14.36 3.92 -26.88
N PHE D 117 15.01 2.89 -26.31
CA PHE D 117 15.97 2.13 -27.03
C PHE D 117 15.33 0.85 -27.59
N LEU D 118 14.05 0.64 -27.35
CA LEU D 118 13.38 -0.52 -27.88
C LEU D 118 12.31 -0.16 -28.92
N THR D 119 12.25 1.12 -29.25
CA THR D 119 11.34 1.64 -30.26
C THR D 119 12.19 2.55 -31.12
N LYS D 120 11.73 2.79 -32.34
CA LYS D 120 12.49 3.64 -33.28
C LYS D 120 12.65 5.07 -32.85
N ASN D 121 13.89 5.58 -32.98
CA ASN D 121 14.19 6.95 -32.70
C ASN D 121 13.94 7.74 -34.01
N GLU D 122 14.28 9.03 -33.99
CA GLU D 122 14.16 9.84 -35.18
C GLU D 122 14.97 9.40 -36.36
N ASP D 123 16.03 8.64 -36.16
CA ASP D 123 16.73 8.01 -37.29
C ASP D 123 16.24 6.65 -37.68
N GLY D 124 15.08 6.19 -37.16
CA GLY D 124 14.59 4.92 -37.61
C GLY D 124 15.21 3.70 -36.97
N VAL D 125 15.94 3.88 -35.84
CA VAL D 125 16.57 2.70 -35.29
C VAL D 125 16.34 2.56 -33.79
N SER D 126 16.53 1.33 -33.39
CA SER D 126 16.61 0.93 -31.99
C SER D 126 17.32 -0.36 -31.73
N LEU D 127 17.30 -0.81 -30.46
CA LEU D 127 17.87 -2.07 -30.09
C LEU D 127 16.88 -3.25 -30.23
N ALA D 128 15.64 -2.99 -30.63
CA ALA D 128 14.66 -4.08 -30.81
C ALA D 128 15.14 -5.20 -31.77
N PRO D 129 15.74 -4.87 -32.89
CA PRO D 129 16.33 -5.96 -33.67
C PRO D 129 17.43 -6.77 -33.07
N PHE D 130 18.22 -6.11 -32.22
CA PHE D 130 19.19 -6.83 -31.44
C PHE D 130 18.58 -7.79 -30.48
N LEU D 131 17.50 -7.36 -29.84
CA LEU D 131 16.77 -8.27 -28.95
C LEU D 131 16.20 -9.45 -29.73
N LEU D 132 15.67 -9.20 -30.94
CA LEU D 132 15.16 -10.35 -31.71
C LEU D 132 16.23 -11.29 -32.14
N LEU D 133 17.43 -10.80 -32.37
CA LEU D 133 18.56 -11.64 -32.64
C LEU D 133 18.91 -12.54 -31.44
N ALA D 134 19.10 -11.91 -30.29
CA ALA D 134 19.56 -12.63 -29.09
C ALA D 134 18.56 -13.67 -28.56
N THR D 135 17.23 -13.47 -28.82
CA THR D 135 16.22 -14.38 -28.41
C THR D 135 15.70 -15.30 -29.49
N ASP D 136 16.35 -15.30 -30.66
CA ASP D 136 15.99 -16.17 -31.71
C ASP D 136 16.19 -17.64 -31.38
N LYS D 137 15.26 -18.46 -31.84
CA LYS D 137 15.36 -19.92 -31.63
C LYS D 137 16.72 -20.49 -32.06
N VAL D 138 17.24 -19.99 -33.16
CA VAL D 138 18.54 -20.44 -33.66
C VAL D 138 19.62 -20.25 -32.63
N LEU D 139 19.62 -19.08 -32.02
CA LEU D 139 20.66 -18.71 -31.09
C LEU D 139 20.41 -19.19 -29.70
N LEU D 140 19.23 -19.74 -29.40
CA LEU D 140 19.02 -20.40 -28.13
C LEU D 140 19.50 -21.81 -28.07
N GLU D 141 19.33 -22.51 -29.16
CA GLU D 141 19.72 -23.91 -29.24
C GLU D 141 21.17 -24.28 -28.80
N PRO D 142 22.15 -23.45 -29.06
CA PRO D 142 23.53 -23.84 -28.60
C PRO D 142 23.63 -24.04 -27.11
N TRP D 143 22.73 -23.39 -26.34
CA TRP D 143 22.83 -23.45 -24.87
C TRP D 143 22.56 -24.85 -24.36
N PHE D 144 21.83 -25.64 -25.17
CA PHE D 144 21.56 -27.00 -24.85
C PHE D 144 22.79 -27.93 -25.05
N TYR D 145 23.87 -27.40 -25.60
CA TYR D 145 25.11 -28.14 -25.85
C TYR D 145 26.28 -27.60 -25.07
N LEU D 146 26.00 -26.72 -24.13
CA LEU D 146 27.12 -26.05 -23.43
C LEU D 146 27.88 -27.09 -22.53
N LYS D 147 27.12 -27.87 -21.87
CA LYS D 147 27.69 -28.94 -21.04
C LYS D 147 28.59 -29.87 -21.88
N ASP D 148 28.10 -30.32 -23.03
CA ASP D 148 28.92 -31.10 -23.95
C ASP D 148 30.20 -30.47 -24.44
N ALA D 149 30.16 -29.17 -24.79
CA ALA D 149 31.36 -28.50 -25.21
C ALA D 149 32.39 -28.43 -24.07
N ILE D 150 31.90 -28.22 -22.86
CA ILE D 150 32.82 -28.07 -21.72
C ILE D 150 33.53 -29.41 -21.45
N LEU D 151 32.75 -30.47 -21.38
CA LEU D 151 33.34 -31.79 -21.21
C LEU D 151 34.17 -32.24 -22.38
N GLU D 152 33.60 -32.18 -23.58
CA GLU D 152 34.21 -32.81 -24.76
C GLU D 152 35.14 -31.97 -25.58
N GLY D 153 35.09 -30.66 -25.45
CA GLY D 153 35.85 -29.74 -26.25
C GLY D 153 34.92 -29.25 -27.34
N GLY D 154 35.25 -28.13 -27.92
CA GLY D 154 34.40 -27.62 -29.01
C GLY D 154 33.56 -26.41 -28.63
N ILE D 155 32.64 -26.05 -29.55
CA ILE D 155 31.91 -24.79 -29.45
C ILE D 155 30.43 -25.25 -29.41
N PRO D 156 29.64 -24.79 -28.45
CA PRO D 156 28.24 -25.26 -28.34
C PRO D 156 27.48 -25.08 -29.67
N PHE D 157 27.69 -23.92 -30.29
CA PHE D 157 27.02 -23.67 -31.57
C PHE D 157 27.30 -24.79 -32.61
N ASN D 158 28.56 -25.11 -32.78
CA ASN D 158 28.99 -26.15 -33.71
C ASN D 158 28.45 -27.51 -33.36
N LYS D 159 28.31 -27.81 -32.06
CA LYS D 159 27.65 -29.02 -31.65
C LYS D 159 26.17 -29.08 -32.09
N ALA D 160 25.48 -27.96 -32.10
CA ALA D 160 24.08 -27.98 -32.45
C ALA D 160 23.90 -27.99 -34.02
N TYR D 161 24.80 -27.36 -34.76
CA TYR D 161 24.54 -27.09 -36.18
C TYR D 161 25.56 -27.77 -37.11
N GLY D 162 26.61 -28.38 -36.58
CA GLY D 162 27.61 -29.01 -37.40
C GLY D 162 28.51 -28.18 -38.23
N MET D 163 28.64 -26.90 -37.90
CA MET D 163 29.48 -25.95 -38.58
C MET D 163 29.51 -24.71 -37.72
N ASN D 164 30.39 -23.80 -38.10
CA ASN D 164 30.55 -22.58 -37.31
C ASN D 164 29.45 -21.62 -37.62
N ILE D 165 29.27 -20.65 -36.72
CA ILE D 165 28.18 -19.69 -36.84
C ILE D 165 28.15 -18.96 -38.17
N TRP D 166 29.32 -18.62 -38.70
CA TRP D 166 29.35 -17.81 -39.93
C TRP D 166 28.89 -18.64 -41.13
N ASP D 167 29.42 -19.86 -41.21
CA ASP D 167 28.97 -20.82 -42.21
C ASP D 167 27.48 -21.06 -42.12
N TYR D 168 26.95 -21.22 -40.91
CA TYR D 168 25.56 -21.47 -40.74
C TYR D 168 24.73 -20.27 -41.25
N PHE D 169 25.14 -19.04 -40.97
CA PHE D 169 24.43 -17.87 -41.40
C PHE D 169 24.40 -17.82 -42.96
N GLY D 170 25.44 -18.39 -43.57
CA GLY D 170 25.55 -18.60 -45.05
C GLY D 170 24.45 -19.54 -45.62
N THR D 171 23.74 -20.26 -44.77
CA THR D 171 22.75 -21.25 -45.12
C THR D 171 21.36 -20.93 -44.68
N ASP D 172 21.23 -20.12 -43.63
CA ASP D 172 19.99 -19.75 -43.09
C ASP D 172 19.84 -18.29 -43.28
N HIS D 173 19.21 -17.92 -44.40
CA HIS D 173 19.02 -16.49 -44.66
C HIS D 173 18.19 -15.67 -43.70
N ARG D 174 17.12 -16.22 -43.07
CA ARG D 174 16.32 -15.57 -42.21
C ARG D 174 17.24 -15.06 -41.04
N ILE D 175 18.05 -15.96 -40.50
CA ILE D 175 18.84 -15.56 -39.27
C ILE D 175 20.02 -14.70 -39.71
N ASN D 176 20.51 -14.93 -40.92
CA ASN D 176 21.50 -14.04 -41.50
C ASN D 176 20.99 -12.64 -41.46
N LYS D 177 19.76 -12.42 -41.94
CA LYS D 177 19.26 -11.06 -41.97
C LYS D 177 19.07 -10.51 -40.58
N VAL D 178 18.47 -11.33 -39.74
CA VAL D 178 18.16 -10.95 -38.35
C VAL D 178 19.49 -10.51 -37.65
N PHE D 179 20.50 -11.30 -37.83
CA PHE D 179 21.84 -10.99 -37.27
C PHE D 179 22.40 -9.66 -37.79
N ASN D 180 22.45 -9.53 -39.13
CA ASN D 180 23.02 -8.37 -39.74
C ASN D 180 22.23 -7.10 -39.33
N LYS D 181 20.91 -7.21 -39.23
CA LYS D 181 20.10 -6.09 -38.87
C LYS D 181 20.33 -5.75 -37.37
N GLY D 182 20.37 -6.78 -36.54
CA GLY D 182 20.63 -6.58 -35.12
C GLY D 182 21.96 -5.85 -34.88
N MET D 183 23.02 -6.24 -35.58
CA MET D 183 24.32 -5.53 -35.55
C MET D 183 24.20 -4.11 -36.07
N SER D 184 23.57 -3.96 -37.23
CA SER D 184 23.44 -2.68 -37.86
C SER D 184 22.80 -1.66 -36.96
N SER D 185 21.65 -2.04 -36.38
CA SER D 185 20.90 -1.07 -35.63
C SER D 185 21.62 -0.73 -34.33
N ASN D 186 22.11 -1.78 -33.66
CA ASN D 186 22.92 -1.54 -32.45
C ASN D 186 24.16 -0.68 -32.70
N SER D 187 24.87 -0.97 -33.78
CA SER D 187 26.03 -0.17 -34.11
C SER D 187 25.68 1.24 -34.54
N THR D 188 24.56 1.45 -35.24
CA THR D 188 24.11 2.80 -35.55
C THR D 188 23.97 3.66 -34.30
N ILE D 189 23.32 3.13 -33.30
CA ILE D 189 23.16 3.87 -32.07
C ILE D 189 24.49 4.16 -31.35
N THR D 190 25.33 3.14 -31.24
CA THR D 190 26.61 3.33 -30.60
C THR D 190 27.55 4.30 -31.35
N MET D 191 27.67 4.11 -32.62
CA MET D 191 28.58 4.91 -33.43
C MET D 191 28.11 6.31 -33.64
N LYS D 192 26.82 6.57 -33.59
CA LYS D 192 26.40 7.99 -33.66
C LYS D 192 26.96 8.80 -32.45
N LYS D 193 26.90 8.18 -31.29
CA LYS D 193 27.42 8.78 -30.12
C LYS D 193 28.93 8.84 -30.17
N ILE D 194 29.57 7.76 -30.55
CA ILE D 194 31.05 7.80 -30.73
C ILE D 194 31.44 8.93 -31.65
N LEU D 195 30.78 9.10 -32.78
CA LEU D 195 31.20 10.11 -33.72
C LEU D 195 30.99 11.55 -33.19
N GLU D 196 30.13 11.78 -32.23
CA GLU D 196 30.04 13.09 -31.64
C GLU D 196 31.31 13.48 -30.83
N MET D 197 32.04 12.48 -30.35
CA MET D 197 33.15 12.67 -29.40
C MET D 197 34.52 12.37 -30.02
N TYR D 198 34.57 11.32 -30.80
CA TYR D 198 35.83 10.77 -31.27
C TYR D 198 36.24 11.45 -32.58
N ASN D 199 37.46 12.01 -32.61
CA ASN D 199 38.05 12.72 -33.77
C ASN D 199 39.06 11.95 -34.63
N GLY D 200 39.31 10.70 -34.28
CA GLY D 200 40.39 9.99 -34.91
C GLY D 200 40.19 9.55 -36.36
N PHE D 201 39.02 9.73 -36.93
CA PHE D 201 38.79 9.55 -38.36
C PHE D 201 39.22 10.74 -39.23
N GLU D 202 39.32 11.92 -38.63
CA GLU D 202 39.39 13.17 -39.33
C GLU D 202 40.76 13.19 -40.01
N GLY D 203 40.81 13.60 -41.26
CA GLY D 203 42.09 13.67 -41.96
C GLY D 203 42.64 12.37 -42.57
N LEU D 204 41.86 11.28 -42.55
CA LEU D 204 42.23 10.07 -43.28
C LEU D 204 41.66 10.19 -44.67
N THR D 205 42.24 9.52 -45.66
CA THR D 205 41.66 9.57 -46.97
C THR D 205 40.92 8.25 -47.28
N THR D 206 41.35 7.13 -46.68
CA THR D 206 40.76 5.82 -46.88
C THR D 206 40.60 5.11 -45.51
N ILE D 207 39.44 4.52 -45.26
CA ILE D 207 39.23 3.70 -44.06
C ILE D 207 38.73 2.37 -44.55
N VAL D 208 39.16 1.28 -43.90
CA VAL D 208 38.57 0.01 -44.09
C VAL D 208 37.83 -0.47 -42.80
N ASP D 209 36.55 -0.72 -42.91
CA ASP D 209 35.82 -1.41 -41.88
C ASP D 209 35.92 -2.92 -42.10
N VAL D 210 36.77 -3.58 -41.32
CA VAL D 210 36.93 -5.05 -41.43
C VAL D 210 35.86 -5.75 -40.58
N GLY D 211 35.07 -6.64 -41.18
CA GLY D 211 33.91 -7.22 -40.53
C GLY D 211 32.81 -6.18 -40.30
N GLY D 212 32.67 -5.28 -41.27
CA GLY D 212 31.76 -4.15 -41.15
C GLY D 212 30.32 -4.46 -41.39
N GLY D 213 30.04 -5.72 -41.68
CA GLY D 213 28.67 -6.14 -41.72
C GLY D 213 28.01 -5.59 -43.00
N THR D 214 26.77 -5.14 -42.85
CA THR D 214 26.05 -4.58 -44.01
C THR D 214 26.34 -3.10 -44.24
N GLY D 215 27.33 -2.54 -43.54
CA GLY D 215 27.96 -1.29 -43.92
C GLY D 215 27.44 -0.07 -43.21
N ALA D 216 26.61 -0.22 -42.17
CA ALA D 216 26.11 0.90 -41.43
C ALA D 216 27.20 1.88 -40.95
N VAL D 217 28.25 1.38 -40.31
CA VAL D 217 29.23 2.22 -39.70
C VAL D 217 30.07 2.92 -40.81
N ALA D 218 30.53 2.17 -41.79
CA ALA D 218 31.26 2.80 -42.92
C ALA D 218 30.41 3.95 -43.52
N SER D 219 29.13 3.72 -43.64
CA SER D 219 28.25 4.77 -44.22
C SER D 219 28.13 6.01 -43.30
N MET D 220 28.14 5.79 -41.99
CA MET D 220 28.11 6.92 -41.06
C MET D 220 29.42 7.67 -41.06
N ILE D 221 30.51 6.96 -41.22
CA ILE D 221 31.83 7.64 -41.28
C ILE D 221 31.92 8.55 -42.53
N VAL D 222 31.51 8.04 -43.68
CA VAL D 222 31.54 8.89 -44.89
C VAL D 222 30.49 9.97 -44.87
N ALA D 223 29.34 9.74 -44.18
CA ALA D 223 28.33 10.82 -44.00
C ALA D 223 28.89 11.97 -43.19
N LYS D 224 29.78 11.66 -42.26
CA LYS D 224 30.35 12.70 -41.40
C LYS D 224 31.59 13.36 -42.04
N TYR D 225 32.36 12.59 -42.79
CA TYR D 225 33.58 12.97 -43.47
C TYR D 225 33.49 12.57 -44.94
N PRO D 226 32.84 13.41 -45.73
CA PRO D 226 32.65 12.95 -47.14
C PRO D 226 33.93 12.84 -47.99
N SER D 227 35.02 13.44 -47.58
CA SER D 227 36.24 13.25 -48.33
C SER D 227 36.89 11.90 -47.99
N ILE D 228 36.34 11.14 -47.02
CA ILE D 228 36.84 9.81 -46.78
C ILE D 228 36.26 8.79 -47.71
N ASN D 229 37.11 7.92 -48.30
CA ASN D 229 36.65 6.79 -49.06
C ASN D 229 36.67 5.56 -48.14
N ALA D 230 35.53 4.88 -47.98
CA ALA D 230 35.48 3.73 -47.08
C ALA D 230 35.38 2.43 -47.86
N ILE D 231 36.08 1.38 -47.40
CA ILE D 231 35.84 0.05 -47.88
C ILE D 231 35.17 -0.69 -46.73
N ASN D 232 34.01 -1.25 -47.01
CA ASN D 232 33.29 -2.11 -46.09
C ASN D 232 33.58 -3.54 -46.47
N PHE D 233 34.30 -4.20 -45.57
CA PHE D 233 34.82 -5.54 -45.87
C PHE D 233 34.21 -6.59 -44.94
N ASP D 234 33.63 -7.63 -45.54
CA ASP D 234 32.95 -8.68 -44.79
C ASP D 234 32.93 -9.91 -45.70
N LEU D 235 32.40 -11.00 -45.16
CA LEU D 235 32.18 -12.26 -45.87
C LEU D 235 31.20 -12.10 -47.03
N PRO D 236 31.52 -12.74 -48.17
CA PRO D 236 30.59 -12.58 -49.31
C PRO D 236 29.09 -12.63 -49.03
N HIS D 237 28.61 -13.54 -48.17
CA HIS D 237 27.20 -13.76 -47.95
C HIS D 237 26.63 -12.61 -47.17
N VAL D 238 27.50 -11.77 -46.58
CA VAL D 238 26.98 -10.67 -45.82
C VAL D 238 26.99 -9.47 -46.74
N ILE D 239 28.04 -9.33 -47.52
CA ILE D 239 28.25 -8.20 -48.45
C ILE D 239 27.17 -8.25 -49.57
N GLN D 240 26.73 -9.46 -49.83
CA GLN D 240 25.50 -9.74 -50.64
C GLN D 240 24.35 -8.83 -50.30
N ASP D 241 24.11 -8.61 -49.02
CA ASP D 241 22.96 -7.83 -48.56
C ASP D 241 23.31 -6.41 -48.21
N ALA D 242 24.56 -5.97 -48.43
CA ALA D 242 24.88 -4.60 -48.00
C ALA D 242 24.28 -3.57 -48.96
N PRO D 243 23.36 -2.69 -48.48
CA PRO D 243 22.86 -1.63 -49.38
C PRO D 243 23.94 -0.68 -49.89
N ALA D 244 23.75 -0.18 -51.13
CA ALA D 244 24.71 0.75 -51.74
C ALA D 244 24.71 2.08 -51.01
N PHE D 245 25.84 2.75 -51.00
CA PHE D 245 25.99 4.04 -50.34
C PHE D 245 27.21 4.63 -50.91
N SER D 246 27.12 5.82 -51.51
CA SER D 246 28.24 6.33 -52.29
C SER D 246 29.37 6.77 -51.35
N GLY D 247 30.61 6.55 -51.80
CA GLY D 247 31.81 6.70 -50.95
C GLY D 247 32.12 5.41 -50.18
N VAL D 248 31.23 4.42 -50.24
CA VAL D 248 31.49 3.12 -49.63
C VAL D 248 31.62 2.04 -50.68
N GLU D 249 32.78 1.42 -50.76
CA GLU D 249 32.96 0.19 -51.54
C GLU D 249 32.74 -1.05 -50.65
N HIS D 250 31.82 -1.92 -51.03
CA HIS D 250 31.58 -3.16 -50.38
C HIS D 250 32.42 -4.20 -51.03
N LEU D 251 33.26 -4.85 -50.25
CA LEU D 251 34.17 -5.81 -50.74
C LEU D 251 34.13 -7.06 -49.94
N GLY D 252 33.91 -8.17 -50.62
CA GLY D 252 33.84 -9.47 -50.00
C GLY D 252 35.15 -10.20 -49.91
N GLY D 253 35.37 -10.96 -48.83
CA GLY D 253 36.52 -11.80 -48.68
C GLY D 253 36.66 -12.35 -47.27
N ASP D 254 37.86 -12.74 -46.91
CA ASP D 254 38.13 -13.39 -45.63
C ASP D 254 39.30 -12.67 -45.00
N MET D 255 39.05 -12.05 -43.86
CA MET D 255 40.10 -11.22 -43.16
C MET D 255 41.33 -12.02 -42.69
N PHE D 256 41.16 -13.29 -42.43
CA PHE D 256 42.29 -14.15 -42.10
C PHE D 256 43.22 -14.43 -43.31
N ASP D 257 42.72 -14.27 -44.53
CA ASP D 257 43.63 -14.23 -45.72
C ASP D 257 44.38 -12.93 -45.97
N GLY D 258 43.84 -11.82 -45.50
CA GLY D 258 44.35 -10.52 -45.75
C GLY D 258 43.24 -9.50 -45.70
N VAL D 259 43.60 -8.23 -45.53
CA VAL D 259 42.58 -7.21 -45.50
C VAL D 259 42.96 -6.14 -46.50
N PRO D 260 41.96 -5.43 -47.05
CA PRO D 260 42.27 -4.31 -47.92
C PRO D 260 43.16 -3.20 -47.29
N LYS D 261 43.97 -2.58 -48.12
CA LYS D 261 44.77 -1.45 -47.74
C LYS D 261 43.94 -0.23 -47.44
N GLY D 262 44.39 0.49 -46.43
CA GLY D 262 43.78 1.79 -46.12
C GLY D 262 44.65 2.53 -45.15
N ASP D 263 44.31 3.79 -44.89
CA ASP D 263 45.09 4.59 -43.96
C ASP D 263 44.87 4.18 -42.52
N ALA D 264 43.65 3.73 -42.23
CA ALA D 264 43.27 3.09 -40.93
C ALA D 264 42.35 1.97 -41.16
N ILE D 265 42.32 1.01 -40.23
CA ILE D 265 41.39 -0.06 -40.26
C ILE D 265 40.54 0.07 -39.00
N PHE D 266 39.25 -0.05 -39.16
CA PHE D 266 38.26 -0.10 -38.06
C PHE D 266 37.80 -1.52 -37.83
N ILE D 267 37.91 -2.03 -36.60
CA ILE D 267 37.29 -3.34 -36.27
C ILE D 267 36.38 -3.19 -35.04
N LYS D 268 35.05 -3.32 -35.26
CA LYS D 268 34.09 -3.26 -34.08
C LYS D 268 33.52 -4.62 -33.84
N TRP D 269 33.64 -5.16 -32.58
CA TRP D 269 33.05 -6.44 -32.25
C TRP D 269 33.56 -7.58 -33.12
N ILE D 270 34.80 -7.41 -33.55
CA ILE D 270 35.51 -8.46 -34.30
C ILE D 270 36.40 -9.27 -33.38
N CYS D 271 37.28 -8.59 -32.68
CA CYS D 271 38.18 -9.25 -31.75
C CYS D 271 37.44 -10.13 -30.79
N HIS D 272 36.31 -9.65 -30.24
CA HIS D 272 35.64 -10.47 -29.22
C HIS D 272 35.00 -11.75 -29.77
N ASP D 273 34.91 -11.88 -31.06
CA ASP D 273 34.43 -13.14 -31.68
C ASP D 273 35.44 -14.25 -31.75
N TRP D 274 36.73 -13.95 -31.58
CA TRP D 274 37.80 -14.90 -31.87
C TRP D 274 38.82 -15.10 -30.76
N SER D 275 39.43 -16.29 -30.77
CA SER D 275 40.53 -16.60 -29.80
C SER D 275 41.72 -15.64 -29.94
N ASP D 276 42.54 -15.59 -28.92
CA ASP D 276 43.75 -14.80 -28.97
C ASP D 276 44.62 -15.05 -30.25
N GLU D 277 44.74 -16.34 -30.59
CA GLU D 277 45.60 -16.74 -31.76
C GLU D 277 45.03 -16.19 -33.07
N HIS D 278 43.73 -16.32 -33.20
CA HIS D 278 43.02 -15.75 -34.32
C HIS D 278 43.11 -14.26 -34.33
N CYS D 279 42.95 -13.56 -33.16
CA CYS D 279 43.08 -12.14 -33.21
C CYS D 279 44.49 -11.71 -33.68
N LEU D 280 45.51 -12.36 -33.18
CA LEU D 280 46.89 -12.02 -33.63
C LEU D 280 47.05 -12.14 -35.17
N LYS D 281 46.47 -13.19 -35.71
CA LYS D 281 46.53 -13.42 -37.13
C LYS D 281 45.85 -12.25 -37.87
N LEU D 282 44.62 -11.90 -37.49
CA LEU D 282 43.93 -10.74 -38.04
C LEU D 282 44.70 -9.48 -37.88
N LEU D 283 45.22 -9.22 -36.68
CA LEU D 283 45.84 -7.97 -36.44
C LEU D 283 47.18 -7.78 -37.20
N LYS D 284 47.91 -8.85 -37.39
CA LYS D 284 49.15 -8.81 -38.24
C LYS D 284 48.76 -8.52 -39.69
N ASN D 285 47.65 -9.09 -40.15
CA ASN D 285 47.13 -8.75 -41.48
C ASN D 285 46.76 -7.28 -41.53
N CYS D 286 46.14 -6.77 -40.45
CA CYS D 286 45.88 -5.32 -40.41
C CYS D 286 47.14 -4.51 -40.49
N TYR D 287 48.12 -4.86 -39.67
CA TYR D 287 49.41 -4.17 -39.62
C TYR D 287 50.03 -4.09 -41.06
N ALA D 288 50.03 -5.22 -41.75
CA ALA D 288 50.57 -5.32 -43.16
C ALA D 288 49.86 -4.41 -44.12
N ALA D 289 48.55 -4.19 -43.92
CA ALA D 289 47.75 -3.38 -44.79
C ALA D 289 47.79 -1.88 -44.61
N LEU D 290 48.48 -1.43 -43.55
CA LEU D 290 48.48 -0.06 -43.19
C LEU D 290 49.80 0.61 -43.64
N PRO D 291 49.78 1.94 -43.87
CA PRO D 291 51.03 2.66 -44.09
C PRO D 291 51.85 2.71 -42.83
N ASP D 292 53.09 3.16 -42.90
CA ASP D 292 54.00 3.06 -41.72
C ASP D 292 53.50 3.77 -40.44
N HIS D 293 52.65 4.75 -40.61
CA HIS D 293 52.15 5.65 -39.58
C HIS D 293 50.65 5.31 -39.25
N GLY D 294 50.14 4.24 -39.80
CA GLY D 294 48.72 3.86 -39.64
C GLY D 294 48.28 3.38 -38.30
N LYS D 295 46.99 3.09 -38.20
CA LYS D 295 46.43 2.61 -36.91
C LYS D 295 45.30 1.64 -37.20
N VAL D 296 45.02 0.79 -36.21
CA VAL D 296 43.77 0.06 -36.16
C VAL D 296 42.90 0.70 -35.07
N ILE D 297 41.62 0.94 -35.37
CA ILE D 297 40.69 1.55 -34.46
C ILE D 297 39.86 0.36 -34.04
N VAL D 298 39.98 -0.01 -32.75
CA VAL D 298 39.29 -1.16 -32.22
C VAL D 298 38.12 -0.70 -31.28
N ALA D 299 36.93 -1.22 -31.52
CA ALA D 299 35.73 -0.84 -30.76
C ALA D 299 35.16 -2.08 -30.12
N GLU D 300 35.35 -2.16 -28.81
CA GLU D 300 34.97 -3.36 -28.04
C GLU D 300 34.58 -2.95 -26.63
N TYR D 301 33.79 -3.80 -25.96
CA TYR D 301 33.66 -3.74 -24.50
C TYR D 301 34.98 -4.00 -23.81
N ILE D 302 35.11 -3.47 -22.58
CA ILE D 302 36.25 -3.82 -21.72
C ILE D 302 35.74 -4.54 -20.46
N LEU D 303 36.26 -5.72 -20.24
CA LEU D 303 35.88 -6.51 -19.13
C LEU D 303 36.20 -5.75 -17.83
N PRO D 304 35.22 -5.56 -16.96
CA PRO D 304 35.54 -4.96 -15.63
C PRO D 304 36.31 -5.94 -14.73
N PRO D 305 36.88 -5.47 -13.64
CA PRO D 305 37.83 -6.31 -12.86
C PRO D 305 37.19 -7.30 -11.94
N SER D 306 35.90 -7.26 -11.75
CA SER D 306 35.23 -8.19 -10.89
C SER D 306 33.83 -8.50 -11.39
N PRO D 307 33.21 -9.57 -10.92
CA PRO D 307 31.76 -9.87 -11.23
C PRO D 307 30.79 -8.97 -10.43
N ASP D 308 30.89 -7.67 -10.64
CA ASP D 308 30.03 -6.72 -9.96
C ASP D 308 28.60 -6.75 -10.50
N PRO D 309 27.64 -6.23 -9.73
CA PRO D 309 26.23 -6.38 -10.09
C PRO D 309 25.63 -5.31 -11.04
N SER D 310 26.46 -4.36 -11.47
CA SER D 310 26.02 -3.24 -12.27
C SER D 310 25.42 -3.77 -13.57
N ILE D 311 24.44 -3.06 -14.09
CA ILE D 311 23.88 -3.40 -15.44
C ILE D 311 24.98 -3.32 -16.51
N ALA D 312 25.84 -2.34 -16.41
CA ALA D 312 26.90 -2.21 -17.40
C ALA D 312 27.86 -3.41 -17.41
N THR D 313 28.29 -3.83 -16.21
CA THR D 313 29.10 -5.06 -16.12
C THR D 313 28.38 -6.28 -16.59
N LYS D 314 27.11 -6.40 -16.22
CA LYS D 314 26.36 -7.54 -16.66
C LYS D 314 26.21 -7.58 -18.16
N VAL D 315 26.11 -6.44 -18.83
CA VAL D 315 26.05 -6.48 -20.29
C VAL D 315 27.39 -7.04 -20.88
N VAL D 316 28.51 -6.66 -20.28
CA VAL D 316 29.77 -7.17 -20.77
C VAL D 316 29.87 -8.66 -20.50
N ILE D 317 29.51 -9.08 -19.28
CA ILE D 317 29.57 -10.49 -18.90
C ILE D 317 28.54 -11.39 -19.66
N HIS D 318 27.29 -10.94 -19.80
CA HIS D 318 26.35 -11.60 -20.72
C HIS D 318 27.00 -11.79 -22.08
N THR D 319 27.68 -10.79 -22.61
CA THR D 319 28.25 -10.87 -23.93
C THR D 319 29.42 -11.83 -24.01
N ASP D 320 30.21 -11.90 -22.93
CA ASP D 320 31.18 -12.99 -22.74
C ASP D 320 30.55 -14.33 -22.82
N ALA D 321 29.40 -14.48 -22.17
CA ALA D 321 28.76 -15.80 -22.20
C ALA D 321 28.20 -16.10 -23.61
N LEU D 322 27.66 -15.11 -24.30
CA LEU D 322 27.22 -15.27 -25.70
C LEU D 322 28.39 -15.71 -26.58
N MET D 323 29.55 -15.10 -26.39
CA MET D 323 30.77 -15.49 -27.11
C MET D 323 31.16 -16.94 -26.89
N LEU D 324 31.03 -17.37 -25.64
CA LEU D 324 31.21 -18.75 -25.25
C LEU D 324 30.30 -19.73 -25.94
N ALA D 325 29.04 -19.38 -26.08
CA ALA D 325 28.11 -20.27 -26.69
C ALA D 325 28.32 -20.30 -28.24
N TYR D 326 28.74 -19.20 -28.84
CA TYR D 326 28.55 -19.04 -30.29
C TYR D 326 29.81 -19.20 -31.07
N ASN D 327 30.95 -18.80 -30.48
CA ASN D 327 32.10 -18.31 -31.32
C ASN D 327 33.31 -19.18 -31.11
N PRO D 328 34.25 -19.22 -32.10
CA PRO D 328 35.50 -19.99 -31.92
C PRO D 328 36.57 -19.23 -31.08
N GLY D 329 36.44 -19.40 -29.75
CA GLY D 329 37.30 -18.86 -28.69
C GLY D 329 37.07 -17.38 -28.43
N GLY D 330 36.09 -16.76 -29.07
CA GLY D 330 35.72 -15.43 -28.71
C GLY D 330 35.46 -15.25 -27.20
N LYS D 331 35.67 -14.02 -26.70
CA LYS D 331 35.67 -13.72 -25.28
C LYS D 331 35.80 -12.19 -25.13
N GLU D 332 35.40 -11.65 -23.97
CA GLU D 332 35.71 -10.31 -23.69
C GLU D 332 37.04 -10.21 -22.94
N ARG D 333 37.63 -9.05 -23.07
CA ARG D 333 38.99 -8.80 -22.66
C ARG D 333 39.07 -7.51 -21.83
N THR D 334 40.05 -7.48 -20.94
CA THR D 334 40.41 -6.27 -20.29
C THR D 334 41.28 -5.33 -21.14
N GLU D 335 41.46 -4.10 -20.68
CA GLU D 335 42.30 -3.18 -21.38
C GLU D 335 43.71 -3.73 -21.51
N LYS D 336 44.27 -4.28 -20.45
CA LYS D 336 45.63 -4.80 -20.59
C LYS D 336 45.69 -5.95 -21.58
N GLU D 337 44.63 -6.70 -21.72
CA GLU D 337 44.62 -7.81 -22.70
C GLU D 337 44.58 -7.29 -24.08
N PHE D 338 43.85 -6.22 -24.33
CA PHE D 338 43.90 -5.56 -25.65
C PHE D 338 45.34 -4.99 -25.92
N GLN D 339 45.93 -4.35 -24.90
CA GLN D 339 47.33 -3.93 -25.07
C GLN D 339 48.26 -5.05 -25.46
N ALA D 340 48.09 -6.22 -24.87
CA ALA D 340 48.96 -7.38 -25.16
C ALA D 340 48.69 -7.90 -26.59
N LEU D 341 47.43 -7.92 -27.02
CA LEU D 341 47.15 -8.18 -28.47
C LEU D 341 47.87 -7.18 -29.39
N ALA D 342 47.83 -5.86 -29.07
CA ALA D 342 48.44 -4.86 -29.90
C ALA D 342 49.93 -5.10 -29.98
N MET D 343 50.51 -5.31 -28.82
CA MET D 343 51.95 -5.51 -28.76
C MET D 343 52.41 -6.76 -29.51
N ALA D 344 51.69 -7.84 -29.35
CA ALA D 344 52.08 -9.07 -29.98
C ALA D 344 51.78 -9.08 -31.49
N SER D 345 51.10 -8.09 -32.00
CA SER D 345 50.91 -7.97 -33.44
C SER D 345 51.77 -6.93 -34.14
N GLY D 346 52.63 -6.27 -33.40
CA GLY D 346 53.66 -5.39 -33.86
C GLY D 346 53.38 -3.91 -33.64
N PHE D 347 52.26 -3.55 -33.00
CA PHE D 347 51.98 -2.15 -32.79
C PHE D 347 52.79 -1.60 -31.65
N ARG D 348 53.11 -0.32 -31.72
CA ARG D 348 54.01 0.33 -30.72
C ARG D 348 53.33 1.29 -29.81
N GLY D 349 52.09 1.69 -30.16
CA GLY D 349 51.37 2.66 -29.39
C GLY D 349 49.97 2.22 -29.16
N PHE D 350 49.43 2.63 -28.02
CA PHE D 350 48.06 2.21 -27.62
C PHE D 350 47.36 3.37 -27.01
N LYS D 351 46.12 3.62 -27.43
CA LYS D 351 45.36 4.59 -26.71
C LYS D 351 43.90 4.37 -26.61
N VAL D 352 43.36 4.75 -25.46
CA VAL D 352 41.93 4.65 -25.23
C VAL D 352 41.32 5.97 -25.53
N ALA D 353 40.59 6.08 -26.63
CA ALA D 353 40.21 7.37 -27.18
C ALA D 353 38.80 7.79 -26.81
N SER D 354 37.86 6.86 -26.66
CA SER D 354 36.45 7.26 -26.44
C SER D 354 35.65 6.11 -25.95
N CYS D 355 34.42 6.34 -25.47
CA CYS D 355 33.53 5.27 -24.94
C CYS D 355 32.08 5.66 -25.18
N ALA D 356 31.24 4.74 -25.64
CA ALA D 356 29.79 4.94 -25.73
C ALA D 356 29.07 3.66 -25.50
N PHE D 357 28.05 3.65 -24.63
CA PHE D 357 27.25 2.44 -24.38
C PHE D 357 28.08 1.17 -24.20
N ASN D 358 29.04 1.28 -23.27
CA ASN D 358 30.06 0.23 -22.99
C ASN D 358 31.14 0.05 -24.00
N THR D 359 30.94 0.58 -25.22
CA THR D 359 31.92 0.33 -26.27
C THR D 359 33.06 1.34 -26.09
N TYR D 360 34.28 0.83 -25.85
CA TYR D 360 35.49 1.68 -25.84
C TYR D 360 36.09 1.74 -27.26
N VAL D 361 36.67 2.86 -27.66
CA VAL D 361 37.41 2.96 -28.87
C VAL D 361 38.84 3.03 -28.48
N MET D 362 39.64 2.05 -28.89
CA MET D 362 41.06 2.03 -28.71
C MET D 362 41.76 2.18 -30.04
N GLU D 363 42.93 2.78 -30.06
CA GLU D 363 43.74 2.87 -31.26
C GLU D 363 44.97 2.04 -31.02
N PHE D 364 45.25 1.15 -31.95
CA PHE D 364 46.53 0.44 -31.94
C PHE D 364 47.39 1.16 -32.97
N LEU D 365 48.48 1.77 -32.53
CA LEU D 365 49.25 2.69 -33.37
C LEU D 365 50.53 2.01 -33.87
N LYS D 366 50.79 2.08 -35.18
CA LYS D 366 51.97 1.37 -35.71
C LYS D 366 53.25 2.01 -35.23
N THR D 367 53.19 3.33 -35.11
CA THR D 367 54.28 4.07 -34.58
C THR D 367 53.80 4.96 -33.44
N ALA D 368 54.60 5.07 -32.40
CA ALA D 368 54.28 6.02 -31.31
C ALA D 368 55.39 5.98 -30.30
N SAH E . -0.36 -0.93 31.57
CA SAH E . -1.73 -0.41 31.97
CB SAH E . -1.74 1.05 32.34
CG SAH E . -1.39 1.91 31.11
SD SAH E . -1.49 3.67 31.49
C SAH E . -2.78 -0.74 30.93
O SAH E . -3.98 -0.78 31.26
OXT SAH E . -2.52 -0.90 29.73
C5' SAH E . 0.21 4.11 31.98
C4' SAH E . 0.55 3.62 33.37
O4' SAH E . 1.94 4.00 33.64
C3' SAH E . -0.25 4.10 34.57
O3' SAH E . -0.72 3.05 35.44
C2' SAH E . 0.70 5.06 35.29
O2' SAH E . 0.48 5.27 36.68
C1' SAH E . 2.00 4.38 34.99
N9 SAH E . 3.20 5.21 35.18
C8 SAH E . 3.36 6.53 34.77
N7 SAH E . 4.57 6.99 35.18
C5 SAH E . 5.21 5.92 35.76
C6 SAH E . 6.53 5.74 36.37
N6 SAH E . 7.43 6.77 36.39
N1 SAH E . 6.78 4.55 36.97
C2 SAH E . 5.87 3.55 36.94
N3 SAH E . 4.66 3.62 36.39
C4 SAH E . 4.28 4.80 35.79
C1 N7I F . -5.12 6.57 27.21
O1 N7I F . -9.70 7.31 27.90
C2 N7I F . -2.12 9.44 30.26
O2 N7I F . -1.58 5.29 28.42
C3 N7I F . -3.95 5.74 27.44
O3 N7I F . -1.95 8.11 29.56
C4 N7I F . -2.81 6.15 28.22
C5 N7I F . -2.96 7.52 28.78
C6 N7I F . -4.11 8.24 28.56
C7 N7I F . -5.23 7.81 27.81
C8 N7I F . -6.20 8.83 27.79
C9 N7I F . -7.70 8.72 27.64
C10 N7I F . -8.39 7.41 27.31
N NO3 G . 3.90 -16.20 20.49
O1 NO3 G . 2.66 -16.43 20.35
O2 NO3 G . 4.55 -16.63 21.66
O3 NO3 G . 4.72 -15.58 19.52
N NO3 H . -13.39 -9.94 28.76
O1 NO3 H . -14.21 -10.08 29.61
O2 NO3 H . -12.15 -9.58 29.27
O3 NO3 H . -13.65 -10.14 27.37
N NO3 I . -16.80 -2.43 33.69
O1 NO3 I . -17.95 -2.15 33.56
O2 NO3 I . -16.29 -2.45 34.97
O3 NO3 I . -15.99 -2.73 32.62
N SAH J . 0.39 -31.25 -6.82
CA SAH J . 1.69 -31.54 -7.41
CB SAH J . 1.73 -31.38 -8.93
CG SAH J . 1.26 -30.04 -9.56
SD SAH J . 1.40 -30.00 -11.33
C SAH J . 2.70 -30.60 -6.83
O SAH J . 2.32 -29.48 -6.43
OXT SAH J . 3.94 -30.85 -6.87
C5' SAH J . -0.25 -30.42 -11.94
C4' SAH J . -0.58 -31.91 -11.79
O4' SAH J . -1.98 -32.22 -12.22
C3' SAH J . 0.33 -32.82 -12.61
O3' SAH J . 0.87 -33.88 -11.81
C2' SAH J . -0.61 -33.36 -13.66
O2' SAH J . -0.26 -34.66 -14.14
C1' SAH J . -1.92 -33.44 -12.96
N9 SAH J . -3.08 -33.52 -13.83
C8 SAH J . -3.27 -32.78 -14.97
N7 SAH J . -4.50 -33.08 -15.53
C5 SAH J . -5.10 -33.94 -14.66
C6 SAH J . -6.39 -34.65 -14.57
N6 SAH J . -7.33 -34.41 -15.56
N1 SAH J . -6.63 -35.51 -13.57
C2 SAH J . -5.76 -35.74 -12.55
N3 SAH J . -4.58 -35.10 -12.57
C4 SAH J . -4.20 -34.22 -13.54
C1 N7I K . 4.58 -25.20 -12.92
O1 N7I K . 8.07 -24.38 -16.48
C2 N7I K . 1.62 -26.93 -16.56
O2 N7I K . 1.22 -26.68 -12.10
C3 N7I K . 3.43 -25.61 -12.25
O3 N7I K . 1.54 -27.04 -15.10
C4 N7I K . 2.37 -26.27 -12.91
C5 N7I K . 2.54 -26.46 -14.36
C6 N7I K . 3.74 -26.04 -15.02
C7 N7I K . 4.75 -25.44 -14.30
C8 N7I K . 5.85 -25.03 -14.99
C9 N7I K . 7.14 -24.71 -14.27
C10 N7I K . 8.30 -24.17 -15.08
N NO3 L . 16.62 -33.32 -5.56
O1 NO3 L . 17.84 -33.15 -5.51
O2 NO3 L . 15.72 -32.31 -5.28
O3 NO3 L . 16.10 -34.53 -5.87
N NO3 M . 13.00 -30.40 2.75
O1 NO3 M . 13.84 -31.26 2.76
O2 NO3 M . 13.29 -29.05 3.11
O3 NO3 M . 11.69 -30.77 2.43
N NO3 N . 13.53 -22.86 -21.64
O1 NO3 N . 14.66 -23.15 -22.14
O2 NO3 N . 12.69 -23.78 -20.88
O3 NO3 N . 13.02 -21.55 -21.80
N SAH O . -31.20 35.46 13.58
CA SAH O . -29.72 35.41 13.92
CB SAH O . -29.46 35.01 15.39
CG SAH O . -29.99 33.68 15.87
SD SAH O . -29.58 33.24 17.54
C SAH O . -28.98 34.44 13.02
O SAH O . -29.61 33.42 12.56
OXT SAH O . -27.75 34.61 12.81
C5' SAH O . -31.06 33.73 18.47
C4' SAH O . -31.08 35.27 18.61
O4' SAH O . -32.29 35.57 19.44
C3' SAH O . -29.95 35.94 19.44
O3' SAH O . -29.33 37.01 18.74
C2' SAH O . -30.59 36.37 20.78
O2' SAH O . -30.01 37.50 21.42
C1' SAH O . -32.00 36.66 20.29
N9 SAH O . -32.97 36.69 21.37
C8 SAH O . -33.15 35.80 22.39
N7 SAH O . -34.17 36.11 23.19
C5 SAH O . -34.69 37.26 22.66
C6 SAH O . -35.79 38.18 23.01
N6 SAH O . -36.58 37.86 24.10
N1 SAH O . -35.98 39.26 22.19
C2 SAH O . -35.24 39.51 21.07
N3 SAH O . -34.22 38.71 20.72
C4 SAH O . -33.95 37.63 21.45
C1 N7I P . -27.02 27.70 17.48
O1 N7I P . -23.04 25.76 18.83
C2 N7I P . -28.64 29.26 22.09
O2 N7I P . -30.17 29.75 17.95
C3 N7I P . -28.20 28.45 17.25
O3 N7I P . -29.16 29.30 20.73
C4 N7I P . -28.97 29.02 18.30
C5 N7I P . -28.45 28.81 19.65
C6 N7I P . -27.27 28.06 19.86
C7 N7I P . -26.57 27.53 18.77
C8 N7I P . -25.42 26.81 18.92
C9 N7I P . -24.52 27.04 20.11
C10 N7I P . -23.25 26.23 20.17
N NO3 Q . -15.20 35.46 9.99
O1 NO3 Q . -15.98 34.70 9.58
O2 NO3 Q . -15.71 36.60 10.46
O3 NO3 Q . -13.86 35.14 9.96
N NO3 R . -48.91 24.52 22.47
O1 NO3 R . -49.94 24.99 22.91
O2 NO3 R . -48.80 23.21 22.11
O3 NO3 R . -47.89 25.35 22.15
N NO3 S . -32.58 24.38 35.89
O1 NO3 S . -33.15 24.77 34.84
O2 NO3 S . -32.64 23.08 36.32
O3 NO3 S . -31.75 25.18 36.67
N NO3 T . -39.99 47.32 20.31
O1 NO3 T . -39.62 46.94 21.45
O2 NO3 T . -40.83 46.60 19.54
O3 NO3 T . -39.51 48.41 19.66
N NO3 U . -39.91 33.02 -3.47
O1 NO3 U . -40.09 34.19 -3.15
O2 NO3 U . -40.84 32.02 -3.32
O3 NO3 U . -38.72 32.77 -4.14
N NO3 V . -50.89 44.37 3.44
O1 NO3 V . -52.01 44.13 3.94
O2 NO3 V . -50.44 45.66 3.14
O3 NO3 V . -49.97 43.37 3.13
N NO3 W . -33.50 53.32 3.03
O1 NO3 W . -33.25 52.16 2.62
O2 NO3 W . -32.78 53.93 4.11
O3 NO3 W . -34.55 53.97 2.41
N NO3 X . 8.91 30.68 23.59
O1 NO3 X . 9.65 31.04 22.68
O2 NO3 X . 9.34 30.61 24.90
O3 NO3 X . 7.58 30.34 23.34
N SAH Y . 31.41 -4.57 -37.14
CA SAH Y . 29.92 -4.89 -37.19
CB SAH Y . 29.59 -6.43 -37.15
CG SAH Y . 30.10 -7.25 -35.91
SD SAH Y . 29.69 -8.98 -35.89
C SAH Y . 29.19 -4.30 -36.06
O SAH Y . 27.95 -4.01 -36.18
OXT SAH Y . 29.82 -4.08 -34.95
C5' SAH Y . 31.10 -9.75 -36.62
C4' SAH Y . 31.23 -9.57 -38.15
O4' SAH Y . 32.43 -10.16 -38.66
C3' SAH Y . 30.09 -10.11 -39.01
O3' SAH Y . 29.52 -9.10 -39.96
C2' SAH Y . 30.74 -11.32 -39.74
O2' SAH Y . 30.21 -11.74 -41.00
C1' SAH Y . 32.16 -10.83 -39.92
N9 SAH Y . 33.11 -11.88 -40.19
C8 SAH Y . 33.21 -13.11 -39.63
N7 SAH Y . 34.28 -13.77 -40.12
C5 SAH Y . 34.87 -12.98 -41.00
C6 SAH Y . 36.04 -13.12 -41.87
N6 SAH Y . 36.75 -14.26 -41.78
N1 SAH Y . 36.39 -12.10 -42.66
C2 SAH Y . 35.68 -10.95 -42.71
N3 SAH Y . 34.56 -10.80 -41.91
C4 SAH Y . 34.15 -11.73 -41.04
C1 N7I Z . 26.93 -10.23 -30.64
O1 N7I Z . 22.96 -12.35 -28.96
C2 N7I Z . 28.63 -14.16 -33.50
O2 N7I Z . 30.07 -10.05 -32.69
C3 N7I Z . 28.09 -9.78 -31.26
O3 N7I Z . 29.17 -12.82 -33.16
C4 N7I Z . 28.87 -10.60 -32.12
C5 N7I Z . 28.43 -11.97 -32.32
C6 N7I Z . 27.23 -12.39 -31.70
C7 N7I Z . 26.49 -11.53 -30.88
C8 N7I Z . 25.33 -11.92 -30.27
C9 N7I Z . 24.56 -13.21 -30.61
C10 N7I Z . 23.25 -13.48 -29.81
N NO3 AA . -16.61 -3.80 -13.12
O1 NO3 AA . -16.73 -4.01 -11.94
O2 NO3 AA . -17.52 -3.18 -13.91
O3 NO3 AA . -15.49 -4.14 -13.78
N NO3 BA . 40.03 11.28 -30.40
O1 NO3 BA . 38.95 11.84 -30.10
O2 NO3 BA . 40.91 10.87 -29.43
O3 NO3 BA . 40.47 11.16 -31.68
N NO3 CA . 15.34 -0.77 -36.39
O1 NO3 CA . 15.69 -1.18 -37.45
O2 NO3 CA . 16.31 -0.48 -35.45
O3 NO3 CA . 13.99 -0.56 -36.09
N NO3 DA . 32.80 -28.17 -32.05
O1 NO3 DA . 32.23 -28.41 -31.03
O2 NO3 DA . 33.45 -26.95 -32.14
O3 NO3 DA . 32.83 -29.21 -32.95
#